data_6ACQ
#
_entry.id   6ACQ
#
_cell.length_a   133.434
_cell.length_b   134.479
_cell.length_c   153.804
_cell.angle_alpha   90.00
_cell.angle_beta   90.00
_cell.angle_gamma   90.00
#
_symmetry.space_group_name_H-M   'P 21 21 21'
#
loop_
_entity.id
_entity.type
_entity.pdbx_description
1 polymer '3-hydroxybutyryl-CoA dehydrogenase'
2 water water
#
_entity_poly.entity_id   1
_entity_poly.type   'polypeptide(L)'
_entity_poly.pdbx_seq_one_letter_code
;MGSSHHHHHHSSGLVPRGSHMKKVCVIGAGTMGSGIAQAFAAKGFEVVLRDIKDEFVDRGLDFINKNLSKLVKKGKIEEA
TKVEILTRISGTVDLNMAADCDLVIEAAVERMDIKKQIFADLDNICKPETILASNTSSLSITEVASATKRPDKVIGMHFF
NPAPVMKLVEVIRGIATSQETFDAVKETSIAIGKDPVEVAEAPGFVVNRILIPMINEAVGILAEGIASVEDIDKAMKLGA
NHPMGPLELGDFIGLDICLAIMDVLYSETGDSKYRPHTLLKKYVRAGWLGRKSGKGFYDYSK
;
_entity_poly.pdbx_strand_id   A,B,C,D,E,F
#
# COMPACT_ATOMS: atom_id res chain seq x y z
N MET A 21 -41.82 18.79 -15.11
CA MET A 21 -41.50 18.83 -13.65
C MET A 21 -41.82 20.23 -13.11
N LYS A 22 -42.52 20.31 -11.98
CA LYS A 22 -43.09 21.61 -11.56
C LYS A 22 -43.11 21.94 -10.08
N LYS A 23 -43.24 20.91 -9.25
CA LYS A 23 -43.31 21.12 -7.83
C LYS A 23 -42.21 20.32 -7.20
N VAL A 24 -41.52 20.95 -6.27
CA VAL A 24 -40.34 20.36 -5.71
C VAL A 24 -40.45 20.44 -4.23
N CYS A 25 -39.98 19.41 -3.56
CA CYS A 25 -39.91 19.49 -2.15
C CYS A 25 -38.46 19.42 -1.69
N VAL A 26 -38.12 20.26 -0.73
CA VAL A 26 -36.79 20.27 -0.19
C VAL A 26 -36.88 19.97 1.27
N ILE A 27 -36.17 18.93 1.70
CA ILE A 27 -36.19 18.57 3.10
C ILE A 27 -34.90 19.07 3.73
N GLY A 28 -35.05 19.93 4.73
CA GLY A 28 -33.91 20.53 5.40
C GLY A 28 -33.83 22.01 5.06
N ALA A 29 -33.98 22.84 6.08
CA ALA A 29 -34.02 24.29 5.92
C ALA A 29 -32.72 24.92 6.36
N GLY A 30 -31.70 24.10 6.58
CA GLY A 30 -30.36 24.58 6.86
C GLY A 30 -29.81 25.34 5.67
N THR A 31 -28.49 25.45 5.61
CA THR A 31 -27.88 26.35 4.64
C THR A 31 -28.09 25.87 3.21
N MET A 32 -27.73 24.62 2.95
CA MET A 32 -27.91 24.04 1.62
C MET A 32 -29.37 23.90 1.22
N GLY A 33 -30.19 23.43 2.14
CA GLY A 33 -31.60 23.20 1.87
C GLY A 33 -32.29 24.46 1.39
N SER A 34 -32.11 25.54 2.11
CA SER A 34 -32.76 26.78 1.72
C SER A 34 -32.11 27.39 0.50
N GLY A 35 -30.83 27.11 0.30
CA GLY A 35 -30.17 27.56 -0.94
C GLY A 35 -30.83 26.88 -2.12
N ILE A 36 -30.99 25.57 -1.99
CA ILE A 36 -31.56 24.80 -3.07
C ILE A 36 -33.00 25.21 -3.32
N ALA A 37 -33.71 25.52 -2.25
CA ALA A 37 -35.11 25.97 -2.34
C ALA A 37 -35.19 27.27 -3.12
N GLN A 38 -34.34 28.22 -2.74
CA GLN A 38 -34.27 29.51 -3.39
C GLN A 38 -33.97 29.34 -4.87
N ALA A 39 -32.98 28.51 -5.18
CA ALA A 39 -32.63 28.26 -6.57
C ALA A 39 -33.80 27.85 -7.42
N PHE A 40 -34.69 27.02 -6.88
CA PHE A 40 -35.85 26.51 -7.64
C PHE A 40 -36.90 27.59 -7.75
N ALA A 41 -37.14 28.26 -6.63
CA ALA A 41 -38.20 29.25 -6.56
C ALA A 41 -37.88 30.40 -7.51
N ALA A 42 -36.64 30.88 -7.46
CA ALA A 42 -36.18 31.92 -8.38
C ALA A 42 -36.39 31.59 -9.85
N LYS A 43 -36.43 30.31 -10.20
CA LYS A 43 -36.68 29.95 -11.59
C LYS A 43 -38.10 29.51 -11.90
N GLY A 44 -39.03 29.82 -11.01
CA GLY A 44 -40.46 29.57 -11.28
C GLY A 44 -41.08 28.27 -10.78
N PHE A 45 -40.33 27.48 -10.03
CA PHE A 45 -40.88 26.24 -9.54
C PHE A 45 -41.59 26.49 -8.24
N GLU A 46 -42.70 25.81 -8.03
CA GLU A 46 -43.28 25.73 -6.70
C GLU A 46 -42.38 24.88 -5.83
N VAL A 47 -42.15 25.35 -4.61
CA VAL A 47 -41.26 24.68 -3.70
C VAL A 47 -41.92 24.50 -2.37
N VAL A 48 -41.84 23.28 -1.84
CA VAL A 48 -42.23 23.04 -0.47
C VAL A 48 -40.99 22.81 0.35
N LEU A 49 -40.82 23.59 1.41
CA LEU A 49 -39.63 23.51 2.20
C LEU A 49 -39.99 22.94 3.54
N ARG A 50 -39.42 21.79 3.85
CA ARG A 50 -39.75 21.11 5.07
C ARG A 50 -38.58 20.95 6.03
N ASP A 51 -38.81 21.24 7.30
CA ASP A 51 -37.90 20.82 8.34
C ASP A 51 -38.75 20.34 9.50
N ILE A 52 -38.11 19.89 10.58
CA ILE A 52 -38.82 19.21 11.63
C ILE A 52 -39.49 20.15 12.61
N LYS A 53 -39.29 21.44 12.47
CA LYS A 53 -39.79 22.34 13.47
C LYS A 53 -40.04 23.67 12.83
N ASP A 54 -40.96 24.43 13.37
CA ASP A 54 -41.26 25.75 12.81
C ASP A 54 -40.05 26.63 12.95
N GLU A 55 -39.45 26.53 14.12
CA GLU A 55 -38.20 27.19 14.42
C GLU A 55 -37.28 27.06 13.21
N PHE A 56 -37.03 25.84 12.75
CA PHE A 56 -36.04 25.63 11.68
C PHE A 56 -36.51 26.08 10.33
N VAL A 57 -37.81 26.05 10.09
CA VAL A 57 -38.31 26.37 8.79
C VAL A 57 -38.24 27.88 8.64
N ASP A 58 -38.54 28.59 9.71
CA ASP A 58 -38.55 30.06 9.70
C ASP A 58 -37.14 30.59 9.52
N ARG A 59 -36.22 30.01 10.28
CA ARG A 59 -34.80 30.29 10.16
C ARG A 59 -34.36 30.22 8.69
N GLY A 60 -34.77 29.16 8.01
CA GLY A 60 -34.40 28.96 6.62
C GLY A 60 -35.09 29.94 5.70
N LEU A 61 -36.35 30.26 6.00
CA LEU A 61 -37.07 31.27 5.25
C LEU A 61 -36.49 32.67 5.44
N ASP A 62 -36.07 32.97 6.66
CA ASP A 62 -35.37 34.22 6.94
C ASP A 62 -34.10 34.31 6.14
N PHE A 63 -33.32 33.23 6.20
CA PHE A 63 -32.05 33.16 5.48
C PHE A 63 -32.25 33.46 4.00
N ILE A 64 -33.31 32.94 3.41
CA ILE A 64 -33.59 33.16 1.99
C ILE A 64 -34.05 34.58 1.76
N ASN A 65 -34.75 35.12 2.74
CA ASN A 65 -35.22 36.48 2.62
C ASN A 65 -34.03 37.42 2.56
N LYS A 66 -33.09 37.24 3.47
CA LYS A 66 -31.87 38.04 3.48
C LYS A 66 -31.14 37.93 2.15
N ASN A 67 -30.97 36.71 1.62
CA ASN A 67 -30.27 36.58 0.33
C ASN A 67 -30.97 37.37 -0.78
N LEU A 68 -32.29 37.37 -0.79
CA LEU A 68 -33.01 38.05 -1.87
C LEU A 68 -33.05 39.54 -1.62
N SER A 69 -32.90 39.93 -0.35
CA SER A 69 -32.72 41.33 0.01
C SER A 69 -31.38 41.86 -0.50
N LYS A 70 -30.31 41.11 -0.28
CA LYS A 70 -29.00 41.47 -0.82
C LYS A 70 -29.04 41.70 -2.30
N LEU A 71 -29.82 40.89 -3.00
CA LEU A 71 -29.85 40.96 -4.44
C LEU A 71 -30.61 42.17 -4.96
N VAL A 72 -31.58 42.66 -4.19
CA VAL A 72 -32.31 43.84 -4.63
C VAL A 72 -31.50 45.07 -4.28
N LYS A 73 -30.81 44.99 -3.14
CA LYS A 73 -29.94 46.08 -2.70
C LYS A 73 -28.83 46.33 -3.73
N LYS A 74 -28.27 45.27 -4.31
CA LYS A 74 -27.33 45.39 -5.43
C LYS A 74 -28.01 45.40 -6.80
N GLY A 75 -29.29 45.77 -6.86
CA GLY A 75 -30.01 45.81 -8.14
C GLY A 75 -29.91 44.64 -9.12
N LYS A 76 -29.55 43.44 -8.64
CA LYS A 76 -29.56 42.25 -9.49
C LYS A 76 -30.99 41.83 -9.81
N ILE A 77 -31.91 42.03 -8.88
CA ILE A 77 -33.33 41.70 -9.09
C ILE A 77 -34.21 42.80 -8.56
N GLU A 78 -35.38 42.94 -9.17
CA GLU A 78 -36.39 43.86 -8.65
C GLU A 78 -36.99 43.34 -7.35
N GLU A 79 -37.41 44.28 -6.50
CA GLU A 79 -37.99 43.94 -5.20
C GLU A 79 -39.36 43.27 -5.30
N ALA A 80 -39.93 43.23 -6.50
CA ALA A 80 -41.18 42.55 -6.70
C ALA A 80 -40.95 41.16 -7.31
N THR A 81 -39.78 40.97 -7.89
CA THR A 81 -39.33 39.64 -8.23
C THR A 81 -39.02 38.92 -6.93
N LYS A 82 -38.34 39.59 -6.01
CA LYS A 82 -38.15 39.00 -4.69
C LYS A 82 -39.46 38.46 -4.14
N VAL A 83 -40.47 39.31 -4.16
CA VAL A 83 -41.79 38.94 -3.64
C VAL A 83 -42.37 37.71 -4.35
N GLU A 84 -42.33 37.71 -5.68
CA GLU A 84 -42.76 36.56 -6.46
C GLU A 84 -42.12 35.27 -6.00
N ILE A 85 -40.81 35.32 -5.82
CA ILE A 85 -40.06 34.16 -5.43
C ILE A 85 -40.48 33.59 -4.09
N LEU A 86 -40.63 34.45 -3.08
CA LEU A 86 -41.00 33.98 -1.74
C LEU A 86 -42.40 33.37 -1.70
N THR A 87 -43.24 33.90 -2.58
CA THR A 87 -44.60 33.44 -2.81
C THR A 87 -44.62 32.01 -3.33
N ARG A 88 -43.57 31.63 -4.03
CA ARG A 88 -43.47 30.30 -4.57
C ARG A 88 -42.90 29.29 -3.57
N ILE A 89 -42.80 29.66 -2.30
CA ILE A 89 -42.19 28.78 -1.31
C ILE A 89 -43.09 28.65 -0.09
N SER A 90 -43.51 27.42 0.20
CA SER A 90 -44.31 27.14 1.41
C SER A 90 -43.51 26.32 2.40
N GLY A 91 -43.61 26.71 3.67
CA GLY A 91 -42.89 26.04 4.75
C GLY A 91 -43.78 24.99 5.37
N THR A 92 -43.18 23.98 5.99
CA THR A 92 -43.97 22.92 6.56
C THR A 92 -43.08 22.05 7.44
N VAL A 93 -43.68 21.40 8.43
CA VAL A 93 -42.95 20.40 9.21
C VAL A 93 -43.31 18.99 8.81
N ASP A 94 -44.20 18.86 7.84
CA ASP A 94 -44.86 17.59 7.55
C ASP A 94 -44.35 16.98 6.26
N LEU A 95 -43.61 15.88 6.38
CA LEU A 95 -43.19 15.15 5.22
C LEU A 95 -44.33 14.76 4.30
N ASN A 96 -45.50 14.51 4.88
CA ASN A 96 -46.66 14.16 4.05
C ASN A 96 -46.91 15.18 2.95
N MET A 97 -46.50 16.42 3.15
CA MET A 97 -46.70 17.44 2.13
C MET A 97 -45.81 17.31 0.90
N ALA A 98 -44.93 16.32 0.87
CA ALA A 98 -44.18 16.01 -0.35
C ALA A 98 -45.00 15.18 -1.34
N ALA A 99 -46.22 14.82 -0.95
CA ALA A 99 -47.01 13.80 -1.61
C ALA A 99 -47.16 14.00 -3.10
N ASP A 100 -47.48 15.20 -3.55
CA ASP A 100 -47.69 15.42 -4.99
C ASP A 100 -46.53 16.13 -5.67
N CYS A 101 -45.36 16.09 -5.05
CA CYS A 101 -44.21 16.75 -5.63
C CYS A 101 -43.61 15.87 -6.70
N ASP A 102 -43.05 16.47 -7.72
CA ASP A 102 -42.47 15.72 -8.82
C ASP A 102 -41.06 15.33 -8.52
N LEU A 103 -40.44 16.11 -7.62
CA LEU A 103 -39.05 15.90 -7.22
C LEU A 103 -38.91 16.27 -5.77
N VAL A 104 -38.26 15.41 -5.01
CA VAL A 104 -37.94 15.70 -3.64
C VAL A 104 -36.42 15.69 -3.47
N ILE A 105 -35.90 16.72 -2.81
CA ILE A 105 -34.47 16.82 -2.54
C ILE A 105 -34.19 16.84 -1.05
N GLU A 106 -33.59 15.78 -0.57
CA GLU A 106 -33.23 15.67 0.83
C GLU A 106 -31.87 16.32 1.10
N ALA A 107 -31.82 17.23 2.03
CA ALA A 107 -30.58 17.92 2.28
C ALA A 107 -30.37 18.13 3.75
N ALA A 108 -30.46 17.07 4.55
CA ALA A 108 -30.13 17.25 5.95
C ALA A 108 -29.12 16.23 6.42
N VAL A 109 -29.64 15.05 6.66
CA VAL A 109 -29.10 14.15 7.66
C VAL A 109 -27.86 13.54 7.06
N GLU A 110 -26.67 13.74 7.63
CA GLU A 110 -25.53 13.01 7.04
C GLU A 110 -25.32 11.69 7.79
N ARG A 111 -26.46 11.13 8.22
CA ARG A 111 -26.57 9.84 8.87
C ARG A 111 -27.34 8.85 7.99
N MET A 112 -26.72 7.72 7.69
CA MET A 112 -27.35 6.79 6.77
C MET A 112 -28.70 6.25 7.26
N ASP A 113 -28.80 5.89 8.53
CA ASP A 113 -30.04 5.27 9.03
C ASP A 113 -31.24 6.23 8.99
N ILE A 114 -30.98 7.51 9.18
CA ILE A 114 -32.03 8.54 9.15
C ILE A 114 -32.40 8.86 7.72
N LYS A 115 -31.40 8.85 6.83
CA LYS A 115 -31.66 9.04 5.42
C LYS A 115 -32.54 7.92 4.87
N LYS A 116 -32.24 6.69 5.26
CA LYS A 116 -33.03 5.55 4.83
C LYS A 116 -34.43 5.66 5.35
N GLN A 117 -34.56 6.11 6.59
CA GLN A 117 -35.87 6.26 7.21
C GLN A 117 -36.69 7.25 6.41
N ILE A 118 -36.05 8.35 6.01
CA ILE A 118 -36.74 9.41 5.29
C ILE A 118 -37.13 8.98 3.90
N PHE A 119 -36.20 8.38 3.19
CA PHE A 119 -36.50 7.87 1.87
C PHE A 119 -37.57 6.79 1.90
N ALA A 120 -37.58 5.98 2.93
CA ALA A 120 -38.61 4.96 3.05
C ALA A 120 -40.02 5.58 3.22
N ASP A 121 -40.21 6.64 4.00
CA ASP A 121 -41.58 7.19 4.06
C ASP A 121 -41.94 7.90 2.80
N LEU A 122 -40.97 8.57 2.21
CA LEU A 122 -41.26 9.35 1.04
C LEU A 122 -41.75 8.39 -0.02
N ASP A 123 -41.17 7.21 -0.03
CA ASP A 123 -41.53 6.19 -1.00
C ASP A 123 -43.00 5.79 -0.82
N ASN A 124 -43.47 5.71 0.42
CA ASN A 124 -44.89 5.48 0.71
C ASN A 124 -45.77 6.69 0.51
N ILE A 125 -45.23 7.86 0.80
CA ILE A 125 -45.96 9.11 0.76
C ILE A 125 -46.25 9.67 -0.63
N CYS A 126 -45.32 9.49 -1.56
CA CYS A 126 -45.33 10.25 -2.79
C CYS A 126 -45.94 9.51 -3.96
N LYS A 127 -46.62 10.21 -4.87
CA LYS A 127 -47.10 9.59 -6.10
C LYS A 127 -45.98 8.76 -6.72
N PRO A 128 -46.33 7.77 -7.52
CA PRO A 128 -45.27 6.90 -8.02
C PRO A 128 -44.22 7.58 -8.88
N GLU A 129 -44.56 8.66 -9.56
CA GLU A 129 -43.61 9.27 -10.50
C GLU A 129 -42.57 10.20 -9.83
N THR A 130 -42.82 10.60 -8.59
CA THR A 130 -41.90 11.43 -7.83
C THR A 130 -40.50 10.83 -7.87
N ILE A 131 -39.52 11.67 -8.20
CA ILE A 131 -38.12 11.30 -8.13
C ILE A 131 -37.59 11.75 -6.78
N LEU A 132 -36.76 10.92 -6.17
CA LEU A 132 -36.27 11.20 -4.80
C LEU A 132 -34.75 11.39 -4.82
N ALA A 133 -34.28 12.54 -4.38
CA ALA A 133 -32.90 12.91 -4.54
C ALA A 133 -32.23 13.26 -3.24
N SER A 134 -30.95 12.91 -3.13
CA SER A 134 -30.13 13.35 -2.01
C SER A 134 -29.06 14.34 -2.47
N ASN A 135 -28.78 15.30 -1.61
CA ASN A 135 -27.68 16.25 -1.78
C ASN A 135 -26.37 15.82 -1.07
N THR A 136 -26.37 14.62 -0.49
CA THR A 136 -25.23 14.11 0.27
C THR A 136 -23.94 14.08 -0.54
N SER A 137 -22.80 14.15 0.12
CA SER A 137 -21.51 13.93 -0.58
C SER A 137 -20.87 12.61 -0.25
N SER A 138 -21.30 11.99 0.84
CA SER A 138 -20.53 10.90 1.42
C SER A 138 -21.26 9.58 1.55
N LEU A 139 -22.58 9.63 1.53
CA LEU A 139 -23.38 8.42 1.70
C LEU A 139 -23.79 7.87 0.35
N SER A 140 -23.81 6.55 0.26
CA SER A 140 -24.18 5.84 -0.97
C SER A 140 -25.64 6.06 -1.36
N ILE A 141 -25.83 6.53 -2.58
CA ILE A 141 -27.16 6.74 -3.14
C ILE A 141 -27.84 5.38 -3.40
N THR A 142 -27.06 4.46 -3.91
CA THR A 142 -27.46 3.09 -4.09
C THR A 142 -27.97 2.48 -2.80
N GLU A 143 -27.24 2.67 -1.70
CA GLU A 143 -27.68 2.12 -0.42
C GLU A 143 -28.97 2.79 0.04
N VAL A 144 -29.10 4.06 -0.23
CA VAL A 144 -30.30 4.77 0.15
C VAL A 144 -31.50 4.32 -0.70
N ALA A 145 -31.26 4.01 -1.96
CA ALA A 145 -32.31 3.69 -2.88
C ALA A 145 -32.95 2.35 -2.49
N SER A 146 -32.09 1.44 -2.01
CA SER A 146 -32.47 0.15 -1.44
C SER A 146 -33.49 0.15 -0.30
N ALA A 147 -33.58 1.25 0.43
CA ALA A 147 -34.61 1.37 1.42
C ALA A 147 -35.97 1.73 0.82
N THR A 148 -36.06 1.79 -0.52
CA THR A 148 -37.31 2.16 -1.18
C THR A 148 -37.70 1.09 -2.16
N LYS A 149 -38.92 1.17 -2.62
CA LYS A 149 -39.40 0.25 -3.64
C LYS A 149 -39.37 0.92 -5.00
N ARG A 150 -38.64 2.05 -5.12
CA ARG A 150 -38.46 2.72 -6.41
C ARG A 150 -37.01 3.16 -6.67
N PRO A 151 -36.07 2.21 -6.60
CA PRO A 151 -34.66 2.58 -6.75
C PRO A 151 -34.28 3.14 -8.12
N ASP A 152 -35.09 2.88 -9.12
CA ASP A 152 -34.92 3.47 -10.44
C ASP A 152 -35.19 4.98 -10.38
N LYS A 153 -35.86 5.42 -9.33
CA LYS A 153 -36.31 6.79 -9.20
C LYS A 153 -35.58 7.54 -8.10
N VAL A 154 -34.45 7.00 -7.68
CA VAL A 154 -33.65 7.58 -6.64
C VAL A 154 -32.29 8.00 -7.20
N ILE A 155 -31.89 9.20 -6.86
CA ILE A 155 -30.74 9.77 -7.51
C ILE A 155 -30.04 10.74 -6.59
N GLY A 156 -28.77 10.98 -6.85
CA GLY A 156 -28.05 12.03 -6.14
C GLY A 156 -28.13 13.34 -6.92
N MET A 157 -28.42 14.41 -6.22
CA MET A 157 -28.32 15.74 -6.78
C MET A 157 -27.40 16.57 -5.91
N HIS A 158 -26.16 16.74 -6.35
CA HIS A 158 -25.16 17.34 -5.48
C HIS A 158 -24.88 18.77 -5.85
N PHE A 159 -25.26 19.66 -4.94
CA PHE A 159 -25.15 21.11 -5.16
C PHE A 159 -23.89 21.67 -4.53
N PHE A 160 -23.52 22.89 -4.92
CA PHE A 160 -22.34 23.55 -4.36
C PHE A 160 -22.71 24.85 -3.69
N ASN A 161 -22.13 25.06 -2.51
CA ASN A 161 -22.34 26.26 -1.71
C ASN A 161 -21.73 27.50 -2.38
N PRO A 162 -22.46 28.61 -2.51
CA PRO A 162 -23.90 28.76 -2.19
C PRO A 162 -24.78 28.34 -3.35
N ALA A 163 -25.83 27.60 -3.01
CA ALA A 163 -26.61 26.87 -4.01
C ALA A 163 -27.28 27.75 -5.06
N PRO A 164 -27.77 28.92 -4.66
CA PRO A 164 -28.37 29.83 -5.65
C PRO A 164 -27.39 30.36 -6.71
N VAL A 165 -26.11 30.34 -6.41
CA VAL A 165 -25.15 30.96 -7.28
C VAL A 165 -24.33 29.95 -8.03
N MET A 166 -23.85 28.91 -7.36
CA MET A 166 -22.96 27.96 -8.01
C MET A 166 -23.76 27.18 -9.01
N LYS A 167 -23.19 27.02 -10.18
CA LYS A 167 -23.89 26.51 -11.31
C LYS A 167 -23.82 25.02 -11.46
N LEU A 168 -22.80 24.43 -10.89
CA LEU A 168 -22.60 23.03 -11.04
C LEU A 168 -23.49 22.23 -10.12
N VAL A 169 -23.95 21.12 -10.66
CA VAL A 169 -24.65 20.09 -9.92
C VAL A 169 -24.07 18.78 -10.38
N GLU A 170 -23.60 17.96 -9.44
CA GLU A 170 -23.13 16.64 -9.80
C GLU A 170 -24.35 15.75 -9.70
N VAL A 171 -24.68 15.11 -10.80
CA VAL A 171 -25.86 14.28 -10.79
C VAL A 171 -25.40 12.85 -10.66
N ILE A 172 -25.66 12.28 -9.49
CA ILE A 172 -25.08 11.01 -9.10
C ILE A 172 -26.06 9.86 -9.31
N ARG A 173 -25.72 8.97 -10.21
CA ARG A 173 -26.52 7.78 -10.46
C ARG A 173 -26.17 6.62 -9.57
N GLY A 174 -27.16 6.11 -8.84
CA GLY A 174 -26.99 4.85 -8.14
C GLY A 174 -26.92 3.81 -9.23
N ILE A 175 -26.47 2.60 -8.92
CA ILE A 175 -26.39 1.57 -9.93
C ILE A 175 -27.76 1.25 -10.52
N ALA A 176 -28.83 1.54 -9.80
CA ALA A 176 -30.18 1.24 -10.29
C ALA A 176 -30.93 2.45 -10.83
N THR A 177 -30.33 3.64 -10.78
CA THR A 177 -30.97 4.82 -11.31
C THR A 177 -31.17 4.64 -12.80
N SER A 178 -32.37 4.95 -13.27
CA SER A 178 -32.72 4.71 -14.65
C SER A 178 -32.38 5.93 -15.50
N GLN A 179 -32.22 5.68 -16.79
CA GLN A 179 -31.90 6.73 -17.74
C GLN A 179 -32.94 7.82 -17.70
N GLU A 180 -34.17 7.40 -17.55
CA GLU A 180 -35.28 8.31 -17.54
C GLU A 180 -35.21 9.25 -16.36
N THR A 181 -34.90 8.70 -15.21
CA THR A 181 -34.76 9.49 -14.01
C THR A 181 -33.58 10.42 -14.13
N PHE A 182 -32.47 9.89 -14.65
CA PHE A 182 -31.32 10.74 -14.90
C PHE A 182 -31.68 11.90 -15.81
N ASP A 183 -32.27 11.58 -16.95
CA ASP A 183 -32.67 12.61 -17.92
C ASP A 183 -33.61 13.67 -17.38
N ALA A 184 -34.53 13.29 -16.50
CA ALA A 184 -35.44 14.27 -15.95
C ALA A 184 -34.71 15.22 -15.02
N VAL A 185 -33.79 14.70 -14.23
CA VAL A 185 -33.06 15.52 -13.29
C VAL A 185 -32.03 16.38 -14.01
N LYS A 186 -31.55 15.89 -15.13
CA LYS A 186 -30.67 16.70 -15.95
C LYS A 186 -31.40 17.86 -16.58
N GLU A 187 -32.56 17.60 -17.16
CA GLU A 187 -33.28 18.66 -17.85
C GLU A 187 -33.77 19.72 -16.84
N THR A 188 -34.04 19.30 -15.61
CA THR A 188 -34.52 20.27 -14.63
C THR A 188 -33.37 20.96 -13.91
N SER A 189 -32.21 20.34 -13.88
CA SER A 189 -31.00 21.05 -13.46
C SER A 189 -30.77 22.24 -14.39
N ILE A 190 -30.90 21.96 -15.67
CA ILE A 190 -30.70 22.97 -16.68
C ILE A 190 -31.76 24.05 -16.62
N ALA A 191 -32.98 23.68 -16.26
CA ALA A 191 -34.06 24.66 -16.20
C ALA A 191 -33.93 25.60 -15.00
N ILE A 192 -33.20 25.20 -13.98
CA ILE A 192 -32.90 26.15 -12.90
C ILE A 192 -31.56 26.84 -13.12
N GLY A 193 -31.05 26.73 -14.33
CA GLY A 193 -29.91 27.53 -14.76
C GLY A 193 -28.59 26.98 -14.29
N LYS A 194 -28.59 25.67 -14.05
CA LYS A 194 -27.42 24.99 -13.55
C LYS A 194 -26.85 24.17 -14.65
N ASP A 195 -25.71 23.56 -14.37
CA ASP A 195 -24.96 22.84 -15.35
C ASP A 195 -24.61 21.45 -14.81
N PRO A 196 -25.34 20.43 -15.24
CA PRO A 196 -25.18 19.11 -14.68
C PRO A 196 -24.11 18.30 -15.34
N VAL A 197 -23.46 17.47 -14.54
CA VAL A 197 -22.54 16.48 -15.04
C VAL A 197 -23.02 15.13 -14.56
N GLU A 198 -22.83 14.11 -15.39
CA GLU A 198 -23.25 12.76 -15.06
C GLU A 198 -22.15 12.02 -14.37
N VAL A 199 -22.44 11.52 -13.17
CA VAL A 199 -21.46 10.83 -12.36
C VAL A 199 -22.04 9.51 -11.91
N ALA A 200 -21.35 8.42 -12.19
CA ALA A 200 -21.75 7.15 -11.62
C ALA A 200 -21.28 7.12 -10.17
N GLU A 201 -22.15 6.76 -9.25
CA GLU A 201 -21.78 6.69 -7.86
C GLU A 201 -20.42 6.07 -7.63
N ALA A 202 -19.56 6.81 -6.95
CA ALA A 202 -18.26 6.36 -6.50
C ALA A 202 -17.78 7.36 -5.46
N PRO A 203 -16.81 6.97 -4.62
CA PRO A 203 -16.43 7.84 -3.49
C PRO A 203 -15.92 9.24 -3.91
N GLY A 204 -16.45 10.27 -3.27
CA GLY A 204 -16.13 11.66 -3.61
C GLY A 204 -16.54 12.12 -5.00
N PHE A 205 -17.31 11.34 -5.75
CA PHE A 205 -17.80 11.79 -7.04
C PHE A 205 -16.66 12.32 -7.92
N VAL A 206 -16.76 13.55 -8.44
CA VAL A 206 -15.63 14.13 -9.13
C VAL A 206 -14.92 15.19 -8.31
N VAL A 207 -15.63 16.25 -7.95
CA VAL A 207 -14.98 17.36 -7.32
C VAL A 207 -14.22 16.98 -6.06
N ASN A 208 -14.91 16.47 -5.04
CA ASN A 208 -14.24 16.15 -3.77
C ASN A 208 -13.15 15.12 -3.95
N ARG A 209 -13.38 14.19 -4.88
CA ARG A 209 -12.43 13.13 -5.11
C ARG A 209 -11.07 13.66 -5.56
N ILE A 210 -11.07 14.75 -6.31
CA ILE A 210 -9.83 15.35 -6.79
C ILE A 210 -9.32 16.46 -5.88
N LEU A 211 -10.25 17.28 -5.42
CA LEU A 211 -9.91 18.47 -4.69
C LEU A 211 -9.43 18.22 -3.28
N ILE A 212 -10.05 17.32 -2.56
CA ILE A 212 -9.74 17.23 -1.14
C ILE A 212 -8.37 16.57 -0.88
N PRO A 213 -8.01 15.55 -1.65
CA PRO A 213 -6.65 15.03 -1.60
C PRO A 213 -5.58 16.05 -1.96
N MET A 214 -5.94 17.04 -2.77
CA MET A 214 -5.04 18.15 -3.06
C MET A 214 -4.69 18.85 -1.76
N ILE A 215 -5.71 19.08 -0.95
CA ILE A 215 -5.53 19.79 0.28
C ILE A 215 -4.76 18.93 1.25
N ASN A 216 -5.09 17.65 1.26
CA ASN A 216 -4.47 16.70 2.18
C ASN A 216 -3.01 16.57 1.80
N GLU A 217 -2.70 16.69 0.52
CA GLU A 217 -1.31 16.66 0.10
C GLU A 217 -0.54 17.90 0.57
N ALA A 218 -1.18 19.06 0.44
CA ALA A 218 -0.60 20.29 0.96
C ALA A 218 -0.26 20.16 2.44
N VAL A 219 -1.14 19.56 3.22
CA VAL A 219 -0.80 19.46 4.63
C VAL A 219 0.38 18.53 4.87
N GLY A 220 0.55 17.51 4.03
CA GLY A 220 1.74 16.64 4.15
C GLY A 220 3.05 17.36 3.84
N ILE A 221 2.98 18.31 2.91
CA ILE A 221 4.14 19.10 2.57
C ILE A 221 4.51 20.02 3.71
N LEU A 222 3.51 20.68 4.26
CA LEU A 222 3.68 21.47 5.45
C LEU A 222 4.24 20.66 6.63
N ALA A 223 3.77 19.43 6.79
CA ALA A 223 4.12 18.63 7.97
C ALA A 223 5.58 18.26 7.96
N GLU A 224 6.14 18.12 6.77
CA GLU A 224 7.51 17.71 6.62
C GLU A 224 8.48 18.87 6.58
N GLY A 225 7.97 20.07 6.83
CA GLY A 225 8.81 21.24 6.83
C GLY A 225 9.32 21.62 5.44
N ILE A 226 8.67 21.14 4.40
CA ILE A 226 9.13 21.41 3.05
C ILE A 226 8.91 22.87 2.69
N ALA A 227 7.77 23.40 3.08
CA ALA A 227 7.48 24.80 2.83
C ALA A 227 6.56 25.29 3.93
N SER A 228 6.32 26.59 3.93
CA SER A 228 5.47 27.20 4.92
C SER A 228 4.08 27.29 4.34
N VAL A 229 3.11 27.62 5.18
CA VAL A 229 1.73 27.60 4.69
C VAL A 229 1.58 28.66 3.60
N GLU A 230 2.13 29.84 3.86
CA GLU A 230 2.09 30.96 2.92
C GLU A 230 2.75 30.64 1.57
N ASP A 231 3.89 29.97 1.60
CA ASP A 231 4.58 29.61 0.35
C ASP A 231 3.89 28.52 -0.46
N ILE A 232 3.36 27.53 0.25
CA ILE A 232 2.58 26.48 -0.38
C ILE A 232 1.40 27.09 -1.11
N ASP A 233 0.64 27.93 -0.41
CA ASP A 233 -0.49 28.58 -1.07
C ASP A 233 -0.08 29.51 -2.20
N LYS A 234 1.02 30.24 -2.00
CA LYS A 234 1.49 31.13 -3.04
C LYS A 234 1.89 30.32 -4.24
N ALA A 235 2.63 29.24 -4.00
CA ALA A 235 3.09 28.40 -5.10
C ALA A 235 1.95 27.89 -5.95
N MET A 236 0.82 27.57 -5.34
CA MET A 236 -0.31 27.05 -6.09
C MET A 236 -1.12 28.13 -6.78
N LYS A 237 -1.25 29.29 -6.17
CA LYS A 237 -1.91 30.38 -6.86
C LYS A 237 -1.15 30.82 -8.09
N LEU A 238 0.17 30.99 -7.94
CA LEU A 238 0.99 31.43 -9.06
C LEU A 238 1.37 30.29 -10.00
N GLY A 239 1.62 29.11 -9.46
CA GLY A 239 2.19 28.05 -10.27
C GLY A 239 1.13 27.35 -11.06
N ALA A 240 -0.04 27.22 -10.48
CA ALA A 240 -1.12 26.53 -11.15
C ALA A 240 -2.30 27.46 -11.43
N ASN A 241 -2.16 28.74 -11.11
CA ASN A 241 -3.20 29.73 -11.40
C ASN A 241 -4.50 29.37 -10.69
N HIS A 242 -4.40 28.85 -9.48
CA HIS A 242 -5.57 28.66 -8.68
C HIS A 242 -5.90 29.93 -7.92
N PRO A 243 -7.19 30.20 -7.79
CA PRO A 243 -7.72 31.35 -7.10
C PRO A 243 -7.44 31.33 -5.60
N MET A 244 -7.34 30.14 -5.02
CA MET A 244 -7.00 30.01 -3.64
C MET A 244 -5.96 28.94 -3.49
N GLY A 245 -5.16 29.06 -2.44
CA GLY A 245 -4.21 28.02 -2.13
C GLY A 245 -4.90 26.90 -1.39
N PRO A 246 -4.31 25.72 -1.40
CA PRO A 246 -4.97 24.57 -0.83
C PRO A 246 -5.17 24.70 0.66
N LEU A 247 -4.22 25.27 1.36
CA LEU A 247 -4.42 25.42 2.79
C LEU A 247 -5.50 26.46 3.17
N GLU A 248 -5.51 27.64 2.55
CA GLU A 248 -6.61 28.53 2.85
C GLU A 248 -7.95 27.96 2.35
N LEU A 249 -7.91 27.15 1.30
CA LEU A 249 -9.13 26.55 0.79
C LEU A 249 -9.66 25.56 1.81
N GLY A 250 -8.76 24.79 2.42
CA GLY A 250 -9.12 23.90 3.50
C GLY A 250 -9.74 24.67 4.64
N ASP A 251 -9.14 25.79 5.02
CA ASP A 251 -9.71 26.63 6.07
C ASP A 251 -11.12 27.12 5.76
N PHE A 252 -11.38 27.32 4.48
CA PHE A 252 -12.58 27.92 4.01
C PHE A 252 -13.71 26.90 3.93
N ILE A 253 -13.38 25.73 3.42
CA ILE A 253 -14.25 24.58 3.47
C ILE A 253 -14.51 24.12 4.90
N GLY A 254 -13.47 24.12 5.71
CA GLY A 254 -13.56 23.62 7.08
C GLY A 254 -12.73 22.36 7.13
N LEU A 255 -11.80 22.31 8.07
CA LEU A 255 -10.90 21.16 8.13
C LEU A 255 -11.60 19.88 8.61
N ASP A 256 -12.64 20.05 9.42
CA ASP A 256 -13.47 18.94 9.86
C ASP A 256 -14.15 18.25 8.68
N ILE A 257 -14.61 19.04 7.73
CA ILE A 257 -15.20 18.49 6.52
C ILE A 257 -14.19 17.87 5.58
N CYS A 258 -13.03 18.50 5.44
CA CYS A 258 -11.96 17.96 4.59
C CYS A 258 -11.51 16.62 5.13
N LEU A 259 -11.35 16.57 6.45
CA LEU A 259 -10.94 15.34 7.08
C LEU A 259 -12.00 14.26 6.94
N ALA A 260 -13.27 14.64 7.02
CA ALA A 260 -14.33 13.63 6.90
C ALA A 260 -14.39 13.10 5.49
N ILE A 261 -14.23 13.97 4.50
CA ILE A 261 -14.21 13.45 3.14
C ILE A 261 -13.05 12.48 2.95
N MET A 262 -11.87 12.78 3.50
CA MET A 262 -10.74 11.87 3.29
C MET A 262 -11.00 10.58 4.03
N ASP A 263 -11.68 10.67 5.18
CA ASP A 263 -12.07 9.47 5.92
C ASP A 263 -12.95 8.59 5.08
N VAL A 264 -13.91 9.20 4.42
CA VAL A 264 -14.76 8.46 3.52
C VAL A 264 -14.00 7.82 2.37
N LEU A 265 -13.09 8.55 1.75
CA LEU A 265 -12.39 8.00 0.57
C LEU A 265 -11.56 6.79 0.93
N TYR A 266 -10.97 6.85 2.12
CA TYR A 266 -10.12 5.77 2.59
C TYR A 266 -10.98 4.61 2.99
N SER A 267 -12.05 4.93 3.70
CA SER A 267 -13.00 3.96 4.17
C SER A 267 -13.61 3.18 3.02
N GLU A 268 -14.06 3.90 2.00
CA GLU A 268 -14.75 3.27 0.88
C GLU A 268 -13.84 2.48 -0.01
N THR A 269 -12.66 3.00 -0.34
CA THR A 269 -11.83 2.36 -1.32
C THR A 269 -10.90 1.35 -0.69
N GLY A 270 -10.71 1.46 0.61
CA GLY A 270 -9.72 0.66 1.30
C GLY A 270 -8.29 0.86 0.82
N ASP A 271 -8.01 1.99 0.16
CA ASP A 271 -6.68 2.27 -0.41
C ASP A 271 -5.96 3.31 0.46
N SER A 272 -4.76 2.99 0.87
CA SER A 272 -3.95 3.87 1.73
C SER A 272 -3.62 5.22 1.11
N LYS A 273 -3.62 5.21 -0.19
CA LYS A 273 -3.45 6.39 -0.96
C LYS A 273 -4.22 7.58 -0.41
N TYR A 274 -5.41 7.31 0.10
CA TYR A 274 -6.31 8.37 0.56
C TYR A 274 -6.29 8.55 2.05
N ARG A 275 -5.26 8.03 2.71
CA ARG A 275 -5.19 8.23 4.14
C ARG A 275 -5.02 9.70 4.46
N PRO A 276 -5.80 10.22 5.39
CA PRO A 276 -5.68 11.60 5.81
C PRO A 276 -4.44 11.85 6.61
N HIS A 277 -3.83 13.01 6.41
CA HIS A 277 -2.64 13.30 7.13
C HIS A 277 -2.91 13.42 8.63
N THR A 278 -1.95 12.90 9.34
CA THR A 278 -1.89 12.88 10.78
C THR A 278 -2.02 14.30 11.37
N LEU A 279 -1.45 15.26 10.67
CA LEU A 279 -1.43 16.66 11.09
C LEU A 279 -2.78 17.34 10.90
N LEU A 280 -3.45 17.04 9.81
CA LEU A 280 -4.82 17.48 9.61
C LEU A 280 -5.70 16.99 10.77
N LYS A 281 -5.47 15.75 11.19
CA LYS A 281 -6.19 15.19 12.31
C LYS A 281 -5.94 15.98 13.58
N LYS A 282 -4.70 16.38 13.78
CA LYS A 282 -4.37 17.09 14.99
C LYS A 282 -5.05 18.46 15.04
N TYR A 283 -5.10 19.13 13.89
CA TYR A 283 -5.82 20.40 13.79
C TYR A 283 -7.31 20.27 14.11
N VAL A 284 -7.96 19.27 13.55
CA VAL A 284 -9.40 19.13 13.77
C VAL A 284 -9.66 18.77 15.22
N ARG A 285 -8.79 17.96 15.79
CA ARG A 285 -8.87 17.64 17.22
C ARG A 285 -8.73 18.84 18.15
N ALA A 286 -7.97 19.83 17.70
CA ALA A 286 -7.78 21.06 18.44
C ALA A 286 -8.99 21.98 18.35
N GLY A 287 -9.84 21.72 17.37
CA GLY A 287 -10.91 22.65 17.08
C GLY A 287 -10.47 23.83 16.25
N TRP A 288 -9.29 23.76 15.66
CA TRP A 288 -8.84 24.79 14.73
C TRP A 288 -9.32 24.38 13.36
N LEU A 289 -10.56 24.72 13.05
CA LEU A 289 -11.21 24.19 11.87
C LEU A 289 -11.11 25.08 10.65
N GLY A 290 -10.55 26.27 10.82
CA GLY A 290 -10.41 27.21 9.71
C GLY A 290 -11.18 28.48 9.96
N ARG A 291 -11.73 29.05 8.90
CA ARG A 291 -12.41 30.34 9.00
C ARG A 291 -13.51 30.30 10.04
N LYS A 292 -14.35 29.27 9.99
CA LYS A 292 -15.50 29.19 10.88
C LYS A 292 -15.14 29.17 12.36
N SER A 293 -13.94 28.77 12.73
CA SER A 293 -13.59 28.86 14.15
C SER A 293 -12.55 29.93 14.49
N GLY A 294 -12.21 30.78 13.54
CA GLY A 294 -11.20 31.82 13.79
C GLY A 294 -9.76 31.37 13.62
N LYS A 295 -9.57 30.08 13.37
CA LYS A 295 -8.25 29.53 13.26
C LYS A 295 -8.22 28.17 12.58
N GLY A 296 -7.25 28.02 11.67
CA GLY A 296 -6.97 26.77 11.00
C GLY A 296 -5.50 26.79 10.67
N PHE A 297 -5.15 26.64 9.41
CA PHE A 297 -3.76 26.88 9.01
C PHE A 297 -3.37 28.34 9.13
N TYR A 298 -4.36 29.22 8.98
CA TYR A 298 -4.19 30.64 9.27
C TYR A 298 -4.96 31.01 10.52
N ASP A 299 -4.56 32.12 11.10
CA ASP A 299 -5.26 32.80 12.16
C ASP A 299 -6.19 33.81 11.54
N TYR A 300 -7.45 33.83 11.93
CA TYR A 300 -8.38 34.81 11.37
C TYR A 300 -8.77 35.90 12.36
N SER A 301 -8.28 35.80 13.59
CA SER A 301 -8.47 36.86 14.59
C SER A 301 -9.09 38.13 13.99
N SER B 12 -8.55 -21.66 -52.01
CA SER B 12 -8.83 -20.56 -51.02
C SER B 12 -10.26 -20.54 -50.55
N GLY B 13 -11.14 -21.19 -51.31
CA GLY B 13 -12.55 -21.32 -50.95
C GLY B 13 -12.69 -22.36 -49.85
N LEU B 14 -11.56 -22.89 -49.39
CA LEU B 14 -11.53 -23.76 -48.23
C LEU B 14 -11.49 -22.98 -46.94
N VAL B 15 -11.40 -21.66 -47.03
CA VAL B 15 -11.42 -20.87 -45.85
C VAL B 15 -12.85 -20.45 -45.63
N PRO B 16 -13.30 -20.59 -44.39
CA PRO B 16 -14.67 -20.30 -44.02
C PRO B 16 -15.03 -18.90 -44.43
N ARG B 17 -16.26 -18.75 -44.88
CA ARG B 17 -16.72 -17.51 -45.48
C ARG B 17 -16.78 -16.37 -44.47
N GLY B 18 -16.85 -16.72 -43.19
CA GLY B 18 -17.00 -15.73 -42.14
C GLY B 18 -15.79 -14.83 -42.02
N SER B 19 -14.63 -15.34 -42.41
CA SER B 19 -13.39 -14.60 -42.35
C SER B 19 -12.97 -14.04 -43.70
N HIS B 20 -13.07 -12.73 -43.88
CA HIS B 20 -12.59 -12.05 -45.08
C HIS B 20 -11.10 -12.25 -45.33
N MET B 21 -10.35 -12.44 -44.26
CA MET B 21 -8.93 -12.61 -44.37
C MET B 21 -8.68 -14.04 -44.77
N LYS B 22 -7.70 -14.25 -45.64
CA LYS B 22 -7.49 -15.56 -46.23
C LYS B 22 -6.08 -16.13 -46.22
N LYS B 23 -5.12 -15.29 -45.85
CA LYS B 23 -3.74 -15.73 -45.81
C LYS B 23 -3.08 -15.21 -44.55
N VAL B 24 -2.31 -16.05 -43.90
CA VAL B 24 -1.77 -15.73 -42.59
C VAL B 24 -0.30 -15.99 -42.54
N CYS B 25 0.44 -15.04 -42.00
CA CYS B 25 1.84 -15.28 -41.70
C CYS B 25 2.00 -15.38 -40.20
N VAL B 26 2.68 -16.42 -39.76
CA VAL B 26 3.02 -16.57 -38.38
C VAL B 26 4.52 -16.41 -38.28
N ILE B 27 4.96 -15.53 -37.40
CA ILE B 27 6.37 -15.29 -37.20
C ILE B 27 6.81 -15.95 -35.93
N GLY B 28 7.80 -16.82 -36.04
CA GLY B 28 8.31 -17.54 -34.87
C GLY B 28 7.78 -18.95 -34.92
N ALA B 29 8.69 -19.91 -34.87
CA ALA B 29 8.32 -21.29 -35.07
C ALA B 29 8.61 -22.11 -33.83
N GLY B 30 8.39 -21.49 -32.67
CA GLY B 30 8.49 -22.22 -31.43
C GLY B 30 7.21 -22.99 -31.22
N THR B 31 7.02 -23.41 -29.97
CA THR B 31 5.80 -24.09 -29.57
C THR B 31 4.54 -23.33 -29.98
N MET B 32 4.39 -22.12 -29.46
CA MET B 32 3.17 -21.36 -29.73
C MET B 32 3.00 -21.04 -31.21
N GLY B 33 4.10 -20.71 -31.86
CA GLY B 33 4.04 -20.30 -33.26
C GLY B 33 3.69 -21.44 -34.20
N SER B 34 4.27 -22.60 -33.94
CA SER B 34 3.94 -23.80 -34.71
C SER B 34 2.48 -24.13 -34.54
N GLY B 35 2.07 -24.16 -33.27
CA GLY B 35 0.70 -24.44 -32.88
C GLY B 35 -0.31 -23.55 -33.58
N ILE B 36 0.04 -22.29 -33.77
CA ILE B 36 -0.92 -21.34 -34.30
C ILE B 36 -1.06 -21.49 -35.80
N ALA B 37 0.04 -21.88 -36.42
CA ALA B 37 0.05 -22.09 -37.85
C ALA B 37 -0.74 -23.33 -38.14
N GLN B 38 -0.57 -24.31 -37.26
CA GLN B 38 -1.28 -25.57 -37.39
C GLN B 38 -2.77 -25.33 -37.30
N ALA B 39 -3.17 -24.49 -36.35
CA ALA B 39 -4.59 -24.20 -36.13
C ALA B 39 -5.24 -23.52 -37.32
N PHE B 40 -4.48 -22.66 -38.00
CA PHE B 40 -4.98 -21.97 -39.17
C PHE B 40 -5.02 -22.89 -40.37
N ALA B 41 -3.94 -23.65 -40.54
CA ALA B 41 -3.81 -24.53 -41.68
C ALA B 41 -4.88 -25.61 -41.63
N ALA B 42 -5.13 -26.10 -40.42
CA ALA B 42 -6.15 -27.13 -40.20
C ALA B 42 -7.54 -26.67 -40.62
N LYS B 43 -7.80 -25.37 -40.55
CA LYS B 43 -9.13 -24.86 -40.89
C LYS B 43 -9.17 -24.31 -42.30
N GLY B 44 -8.10 -24.48 -43.05
CA GLY B 44 -8.13 -24.15 -44.48
C GLY B 44 -7.26 -23.00 -44.97
N PHE B 45 -6.55 -22.32 -44.08
CA PHE B 45 -5.82 -21.14 -44.47
C PHE B 45 -4.51 -21.53 -45.11
N GLU B 46 -4.11 -20.75 -46.09
CA GLU B 46 -2.73 -20.77 -46.52
C GLU B 46 -1.95 -20.09 -45.40
N VAL B 47 -0.89 -20.74 -44.95
CA VAL B 47 -0.11 -20.22 -43.85
C VAL B 47 1.35 -20.10 -44.21
N VAL B 48 1.90 -18.90 -43.99
CA VAL B 48 3.35 -18.70 -44.07
C VAL B 48 3.98 -18.70 -42.69
N LEU B 49 4.94 -19.59 -42.49
CA LEU B 49 5.58 -19.73 -41.22
C LEU B 49 7.04 -19.33 -41.31
N ARG B 50 7.38 -18.27 -40.61
CA ARG B 50 8.68 -17.67 -40.70
C ARG B 50 9.48 -17.74 -39.41
N ASP B 51 10.75 -18.08 -39.54
CA ASP B 51 11.69 -17.85 -38.46
C ASP B 51 13.04 -17.39 -39.05
N ILE B 52 14.10 -17.40 -38.26
CA ILE B 52 15.37 -16.79 -38.70
C ILE B 52 16.32 -17.80 -39.34
N LYS B 53 16.48 -18.96 -38.70
CA LYS B 53 17.33 -20.02 -39.23
C LYS B 53 16.46 -21.16 -39.76
N ASP B 54 16.91 -21.77 -40.85
CA ASP B 54 16.21 -22.94 -41.40
C ASP B 54 16.08 -24.04 -40.37
N GLU B 55 17.07 -24.17 -39.50
CA GLU B 55 17.02 -25.13 -38.40
C GLU B 55 15.72 -24.97 -37.61
N PHE B 56 15.44 -23.73 -37.21
CA PHE B 56 14.27 -23.37 -36.38
C PHE B 56 12.93 -23.62 -37.05
N VAL B 57 12.84 -23.27 -38.34
CA VAL B 57 11.62 -23.49 -39.10
C VAL B 57 11.34 -24.98 -39.22
N ASP B 58 12.38 -25.73 -39.56
CA ASP B 58 12.28 -27.18 -39.68
C ASP B 58 11.93 -27.82 -38.36
N ARG B 59 12.34 -27.21 -37.26
CA ARG B 59 11.98 -27.71 -35.96
C ARG B 59 10.47 -27.51 -35.69
N GLY B 60 9.92 -26.42 -36.21
CA GLY B 60 8.49 -26.14 -36.08
C GLY B 60 7.64 -27.02 -36.98
N LEU B 61 8.09 -27.23 -38.20
CA LEU B 61 7.30 -28.00 -39.14
C LEU B 61 7.12 -29.45 -38.72
N ASP B 62 8.16 -30.05 -38.19
CA ASP B 62 8.03 -31.44 -37.76
C ASP B 62 7.62 -31.56 -36.29
N PHE B 63 7.34 -30.41 -35.68
CA PHE B 63 6.59 -30.38 -34.43
C PHE B 63 5.10 -30.43 -34.75
N ILE B 64 4.73 -29.81 -35.87
CA ILE B 64 3.36 -29.84 -36.35
C ILE B 64 3.10 -31.23 -36.90
N ASN B 65 4.07 -31.75 -37.62
CA ASN B 65 4.01 -33.12 -38.10
C ASN B 65 3.76 -34.07 -36.94
N LYS B 66 4.60 -33.97 -35.92
CA LYS B 66 4.47 -34.86 -34.77
C LYS B 66 3.06 -34.79 -34.17
N ASN B 67 2.47 -33.59 -34.16
CA ASN B 67 1.12 -33.37 -33.61
C ASN B 67 0.04 -33.97 -34.48
N LEU B 68 0.14 -33.72 -35.78
CA LEU B 68 -0.83 -34.24 -36.72
C LEU B 68 -0.73 -35.74 -36.76
N SER B 69 0.50 -36.24 -36.69
CA SER B 69 0.72 -37.69 -36.61
C SER B 69 -0.01 -38.31 -35.46
N LYS B 70 -0.14 -37.57 -34.39
CA LYS B 70 -0.74 -38.07 -33.17
C LYS B 70 -2.25 -38.16 -33.36
N LEU B 71 -2.79 -37.22 -34.13
CA LEU B 71 -4.21 -37.21 -34.43
C LEU B 71 -4.65 -38.30 -35.41
N VAL B 72 -3.79 -38.65 -36.37
CA VAL B 72 -4.16 -39.73 -37.30
C VAL B 72 -4.16 -41.06 -36.55
N LYS B 73 -3.39 -41.11 -35.47
CA LYS B 73 -3.19 -42.33 -34.73
C LYS B 73 -4.33 -42.58 -33.75
N LYS B 74 -5.02 -41.52 -33.31
CA LYS B 74 -6.17 -41.67 -32.43
C LYS B 74 -7.44 -41.68 -33.25
N GLY B 75 -7.28 -41.82 -34.56
CA GLY B 75 -8.40 -41.82 -35.48
C GLY B 75 -9.17 -40.50 -35.49
N LYS B 76 -8.55 -39.40 -35.06
CA LYS B 76 -9.20 -38.09 -35.03
C LYS B 76 -9.20 -37.48 -36.42
N ILE B 77 -8.15 -37.73 -37.18
CA ILE B 77 -8.12 -37.33 -38.58
C ILE B 77 -7.45 -38.41 -39.42
N GLU B 78 -7.71 -38.34 -40.70
CA GLU B 78 -7.16 -39.31 -41.61
C GLU B 78 -5.75 -38.89 -41.99
N GLU B 79 -4.92 -39.86 -42.33
CA GLU B 79 -3.54 -39.58 -42.71
C GLU B 79 -3.47 -38.66 -43.91
N ALA B 80 -4.40 -38.82 -44.86
CA ALA B 80 -4.40 -37.99 -46.06
C ALA B 80 -4.78 -36.54 -45.77
N THR B 81 -5.39 -36.33 -44.61
CA THR B 81 -5.78 -35.00 -44.18
C THR B 81 -4.58 -34.31 -43.56
N LYS B 82 -3.80 -35.06 -42.78
CA LYS B 82 -2.58 -34.50 -42.23
C LYS B 82 -1.75 -33.91 -43.34
N VAL B 83 -1.54 -34.71 -44.38
CA VAL B 83 -0.73 -34.31 -45.52
C VAL B 83 -1.23 -33.03 -46.16
N GLU B 84 -2.54 -32.93 -46.32
CA GLU B 84 -3.11 -31.76 -46.94
C GLU B 84 -2.89 -30.51 -46.10
N ILE B 85 -2.88 -30.67 -44.79
CA ILE B 85 -2.68 -29.57 -43.85
C ILE B 85 -1.24 -29.06 -43.89
N LEU B 86 -0.27 -29.98 -43.83
CA LEU B 86 1.15 -29.61 -43.91
C LEU B 86 1.48 -28.96 -45.23
N THR B 87 0.67 -29.28 -46.21
CA THR B 87 0.78 -28.72 -47.53
C THR B 87 0.42 -27.24 -47.57
N ARG B 88 -0.38 -26.80 -46.61
CA ARG B 88 -0.86 -25.43 -46.58
C ARG B 88 0.06 -24.53 -45.76
N ILE B 89 1.13 -25.11 -45.22
CA ILE B 89 2.12 -24.40 -44.41
C ILE B 89 3.46 -24.39 -45.12
N SER B 90 3.93 -23.20 -45.49
CA SER B 90 5.22 -23.04 -46.17
C SER B 90 6.23 -22.32 -45.29
N GLY B 91 7.24 -23.06 -44.83
CA GLY B 91 8.34 -22.47 -44.07
C GLY B 91 9.22 -21.53 -44.87
N THR B 92 9.91 -20.63 -44.17
CA THR B 92 10.73 -19.62 -44.80
C THR B 92 11.52 -18.89 -43.73
N VAL B 93 12.58 -18.22 -44.15
CA VAL B 93 13.29 -17.27 -43.28
C VAL B 93 13.12 -15.86 -43.81
N ASP B 94 12.49 -15.73 -44.97
CA ASP B 94 12.37 -14.45 -45.63
C ASP B 94 11.13 -13.74 -45.14
N LEU B 95 11.36 -12.81 -44.24
CA LEU B 95 10.31 -11.92 -43.75
C LEU B 95 9.50 -11.25 -44.86
N ASN B 96 9.99 -11.26 -46.09
CA ASN B 96 9.26 -10.59 -47.17
C ASN B 96 8.08 -11.41 -47.65
N MET B 97 8.07 -12.71 -47.31
CA MET B 97 6.99 -13.61 -47.68
C MET B 97 5.66 -13.21 -47.01
N ALA B 98 5.75 -12.46 -45.93
CA ALA B 98 4.58 -11.91 -45.25
C ALA B 98 3.86 -10.81 -46.04
N ALA B 99 4.44 -10.35 -47.14
CA ALA B 99 4.02 -9.10 -47.79
C ALA B 99 2.57 -9.00 -48.24
N ASP B 100 2.00 -10.11 -48.67
CA ASP B 100 0.65 -10.10 -49.23
C ASP B 100 -0.34 -10.78 -48.28
N CYS B 101 0.18 -11.30 -47.17
CA CYS B 101 -0.65 -11.89 -46.13
C CYS B 101 -1.61 -10.87 -45.59
N ASP B 102 -2.77 -11.35 -45.16
CA ASP B 102 -3.81 -10.47 -44.64
C ASP B 102 -3.66 -10.28 -43.16
N LEU B 103 -3.02 -11.25 -42.51
CA LEU B 103 -2.82 -11.18 -41.09
C LEU B 103 -1.46 -11.75 -40.79
N VAL B 104 -0.79 -11.14 -39.83
CA VAL B 104 0.50 -11.65 -39.41
C VAL B 104 0.39 -11.78 -37.91
N ILE B 105 0.82 -12.92 -37.37
CA ILE B 105 0.82 -13.10 -35.95
C ILE B 105 2.24 -13.33 -35.53
N GLU B 106 2.77 -12.42 -34.73
CA GLU B 106 4.11 -12.56 -34.20
C GLU B 106 4.07 -13.35 -32.90
N ALA B 107 4.91 -14.38 -32.83
CA ALA B 107 4.99 -15.25 -31.66
C ALA B 107 6.45 -15.44 -31.29
N ALA B 108 7.20 -14.34 -31.42
CA ALA B 108 8.63 -14.31 -31.16
C ALA B 108 8.88 -14.24 -29.67
N VAL B 109 10.14 -13.97 -29.32
CA VAL B 109 10.51 -13.77 -27.93
C VAL B 109 10.01 -12.41 -27.44
N GLU B 110 9.98 -12.27 -26.12
CA GLU B 110 9.40 -11.12 -25.47
C GLU B 110 10.41 -10.03 -25.16
N ARG B 111 10.76 -9.25 -26.17
CA ARG B 111 11.65 -8.13 -25.99
C ARG B 111 11.07 -6.96 -26.73
N MET B 112 10.66 -5.93 -25.99
CA MET B 112 10.00 -4.80 -26.60
C MET B 112 10.78 -4.32 -27.81
N ASP B 113 12.10 -4.23 -27.66
CA ASP B 113 12.92 -3.63 -28.70
C ASP B 113 13.03 -4.50 -29.99
N ILE B 114 13.14 -5.82 -29.84
CA ILE B 114 13.09 -6.71 -31.02
C ILE B 114 11.72 -6.67 -31.66
N LYS B 115 10.71 -6.87 -30.81
CA LYS B 115 9.33 -6.88 -31.23
C LYS B 115 8.96 -5.61 -31.98
N LYS B 116 9.54 -4.49 -31.58
CA LYS B 116 9.21 -3.24 -32.25
C LYS B 116 9.79 -3.19 -33.64
N GLN B 117 10.95 -3.84 -33.78
CA GLN B 117 11.67 -3.86 -35.04
C GLN B 117 10.88 -4.68 -36.05
N ILE B 118 10.51 -5.90 -35.65
CA ILE B 118 9.66 -6.75 -36.46
C ILE B 118 8.41 -6.02 -36.96
N PHE B 119 7.76 -5.28 -36.09
CA PHE B 119 6.53 -4.61 -36.46
C PHE B 119 6.82 -3.42 -37.36
N ALA B 120 7.99 -2.83 -37.16
CA ALA B 120 8.42 -1.71 -37.97
C ALA B 120 8.71 -2.23 -39.37
N ASP B 121 9.44 -3.34 -39.42
CA ASP B 121 9.72 -4.02 -40.69
C ASP B 121 8.42 -4.36 -41.40
N LEU B 122 7.57 -5.13 -40.72
CA LEU B 122 6.31 -5.57 -41.29
C LEU B 122 5.46 -4.42 -41.79
N ASP B 123 5.42 -3.35 -41.01
CA ASP B 123 4.64 -2.20 -41.39
C ASP B 123 5.04 -1.70 -42.80
N ASN B 124 6.33 -1.79 -43.09
CA ASN B 124 6.86 -1.34 -44.39
C ASN B 124 6.69 -2.39 -45.47
N ILE B 125 6.97 -3.64 -45.12
CA ILE B 125 6.81 -4.76 -46.04
C ILE B 125 5.38 -5.00 -46.51
N CYS B 126 4.42 -5.02 -45.59
CA CYS B 126 3.11 -5.59 -45.87
C CYS B 126 2.20 -4.57 -46.51
N LYS B 127 1.28 -5.05 -47.33
CA LYS B 127 0.34 -4.14 -47.97
C LYS B 127 -0.49 -3.41 -46.92
N PRO B 128 -1.12 -2.30 -47.30
CA PRO B 128 -1.80 -1.44 -46.32
C PRO B 128 -2.88 -2.10 -45.47
N GLU B 129 -3.54 -3.09 -46.02
CA GLU B 129 -4.73 -3.66 -45.39
C GLU B 129 -4.37 -4.73 -44.34
N THR B 130 -3.17 -5.28 -44.44
CA THR B 130 -2.70 -6.24 -43.47
C THR B 130 -2.85 -5.80 -42.03
N ILE B 131 -3.24 -6.74 -41.19
CA ILE B 131 -3.35 -6.55 -39.76
C ILE B 131 -2.19 -7.26 -39.11
N LEU B 132 -1.59 -6.62 -38.12
CA LEU B 132 -0.40 -7.18 -37.48
C LEU B 132 -0.71 -7.47 -36.03
N ALA B 133 -0.45 -8.69 -35.61
CA ALA B 133 -0.86 -9.12 -34.29
C ALA B 133 0.27 -9.72 -33.55
N SER B 134 0.26 -9.54 -32.23
CA SER B 134 1.19 -10.20 -31.36
C SER B 134 0.45 -11.13 -30.44
N ASN B 135 1.13 -12.20 -30.06
CA ASN B 135 0.63 -13.20 -29.15
C ASN B 135 1.23 -13.02 -27.77
N THR B 136 1.84 -11.87 -27.52
CA THR B 136 2.50 -11.62 -26.25
C THR B 136 1.56 -11.69 -25.06
N SER B 137 2.08 -12.09 -23.90
CA SER B 137 1.31 -12.11 -22.66
C SER B 137 1.48 -10.85 -21.87
N SER B 138 2.66 -10.22 -21.99
CA SER B 138 3.11 -9.26 -20.99
C SER B 138 3.65 -7.93 -21.53
N LEU B 139 3.57 -7.71 -22.83
CA LEU B 139 4.09 -6.51 -23.44
C LEU B 139 2.94 -5.70 -23.98
N SER B 140 3.08 -4.38 -23.94
CA SER B 140 2.02 -3.49 -24.36
C SER B 140 1.83 -3.47 -25.87
N ILE B 141 0.60 -3.79 -26.28
CA ILE B 141 0.19 -3.73 -27.68
C ILE B 141 0.28 -2.32 -28.21
N THR B 142 -0.18 -1.37 -27.41
CA THR B 142 -0.17 0.04 -27.77
C THR B 142 1.24 0.58 -28.07
N GLU B 143 2.22 0.24 -27.24
CA GLU B 143 3.62 0.62 -27.45
C GLU B 143 4.16 0.07 -28.73
N VAL B 144 3.94 -1.22 -28.94
CA VAL B 144 4.36 -1.89 -30.15
C VAL B 144 3.70 -1.26 -31.38
N ALA B 145 2.43 -0.90 -31.25
CA ALA B 145 1.73 -0.27 -32.34
C ALA B 145 2.35 1.09 -32.70
N SER B 146 3.00 1.72 -31.73
CA SER B 146 3.59 3.03 -31.92
C SER B 146 4.90 2.98 -32.71
N ALA B 147 5.44 1.78 -32.88
CA ALA B 147 6.60 1.60 -33.73
C ALA B 147 6.18 1.41 -35.19
N THR B 148 4.89 1.62 -35.49
CA THR B 148 4.37 1.42 -36.85
C THR B 148 3.58 2.62 -37.24
N LYS B 149 3.23 2.67 -38.52
CA LYS B 149 2.45 3.77 -39.05
C LYS B 149 1.05 3.29 -39.34
N ARG B 150 0.67 2.18 -38.71
CA ARG B 150 -0.70 1.68 -38.81
C ARG B 150 -1.17 1.11 -37.47
N PRO B 151 -1.16 1.95 -36.43
CA PRO B 151 -1.54 1.47 -35.12
C PRO B 151 -3.01 1.05 -35.04
N ASP B 152 -3.86 1.56 -35.93
CA ASP B 152 -5.26 1.08 -36.03
C ASP B 152 -5.37 -0.36 -36.52
N LYS B 153 -4.26 -0.92 -36.99
CA LYS B 153 -4.24 -2.28 -37.48
C LYS B 153 -3.34 -3.15 -36.69
N VAL B 154 -3.01 -2.72 -35.49
CA VAL B 154 -2.16 -3.51 -34.66
C VAL B 154 -3.06 -4.02 -33.55
N ILE B 155 -2.79 -5.24 -33.13
CA ILE B 155 -3.69 -5.85 -32.17
C ILE B 155 -3.03 -7.03 -31.53
N GLY B 156 -3.51 -7.39 -30.36
CA GLY B 156 -3.04 -8.58 -29.68
C GLY B 156 -3.96 -9.76 -29.97
N MET B 157 -3.37 -10.93 -30.10
CA MET B 157 -4.13 -12.14 -30.27
C MET B 157 -3.51 -13.17 -29.41
N HIS B 158 -4.08 -13.34 -28.23
CA HIS B 158 -3.45 -14.15 -27.24
C HIS B 158 -4.02 -15.55 -27.24
N PHE B 159 -3.19 -16.48 -27.68
CA PHE B 159 -3.55 -17.88 -27.77
C PHE B 159 -3.11 -18.59 -26.50
N PHE B 160 -3.67 -19.77 -26.28
CA PHE B 160 -3.36 -20.57 -25.11
C PHE B 160 -2.85 -21.90 -25.52
N ASN B 161 -1.79 -22.33 -24.85
CA ASN B 161 -1.10 -23.55 -25.18
C ASN B 161 -1.88 -24.73 -24.64
N PRO B 162 -2.17 -25.75 -25.45
CA PRO B 162 -1.73 -25.89 -26.85
C PRO B 162 -2.65 -25.19 -27.84
N ALA B 163 -2.06 -24.42 -28.73
CA ALA B 163 -2.82 -23.53 -29.60
C ALA B 163 -3.86 -24.24 -30.47
N PRO B 164 -3.53 -25.44 -31.00
CA PRO B 164 -4.45 -26.14 -31.90
C PRO B 164 -5.68 -26.71 -31.22
N VAL B 165 -5.57 -26.91 -29.91
CA VAL B 165 -6.65 -27.46 -29.12
C VAL B 165 -7.42 -26.37 -28.39
N MET B 166 -6.70 -25.53 -27.66
CA MET B 166 -7.36 -24.55 -26.80
C MET B 166 -8.15 -23.55 -27.61
N LYS B 167 -9.38 -23.33 -27.19
CA LYS B 167 -10.35 -22.60 -27.98
C LYS B 167 -10.40 -21.11 -27.70
N LEU B 168 -9.95 -20.71 -26.51
CA LEU B 168 -9.96 -19.32 -26.16
C LEU B 168 -8.87 -18.54 -26.88
N VAL B 169 -9.27 -17.37 -27.37
CA VAL B 169 -8.36 -16.38 -27.86
C VAL B 169 -8.72 -15.08 -27.17
N GLU B 170 -7.73 -14.49 -26.52
CA GLU B 170 -7.93 -13.22 -25.85
C GLU B 170 -7.51 -12.10 -26.82
N VAL B 171 -8.48 -11.56 -27.55
CA VAL B 171 -8.20 -10.47 -28.47
C VAL B 171 -7.92 -9.17 -27.71
N ILE B 172 -6.67 -8.75 -27.70
CA ILE B 172 -6.22 -7.57 -26.95
C ILE B 172 -6.25 -6.34 -27.83
N ARG B 173 -7.22 -5.47 -27.59
CA ARG B 173 -7.37 -4.26 -28.37
C ARG B 173 -6.51 -3.15 -27.78
N GLY B 174 -5.76 -2.48 -28.65
CA GLY B 174 -4.95 -1.34 -28.23
C GLY B 174 -5.79 -0.08 -28.16
N ILE B 175 -5.24 0.95 -27.52
CA ILE B 175 -5.95 2.21 -27.40
C ILE B 175 -6.27 2.76 -28.79
N ALA B 176 -5.50 2.35 -29.79
CA ALA B 176 -5.67 2.86 -31.16
C ALA B 176 -6.23 1.82 -32.13
N THR B 177 -6.28 0.56 -31.72
CA THR B 177 -6.84 -0.49 -32.55
C THR B 177 -8.24 -0.08 -32.92
N SER B 178 -8.56 -0.16 -34.21
CA SER B 178 -9.89 0.24 -34.69
C SER B 178 -10.91 -0.90 -34.58
N GLN B 179 -12.17 -0.51 -34.53
CA GLN B 179 -13.27 -1.46 -34.49
C GLN B 179 -13.22 -2.41 -35.67
N GLU B 180 -12.96 -1.86 -36.84
CA GLU B 180 -12.84 -2.66 -38.05
C GLU B 180 -11.74 -3.73 -37.94
N THR B 181 -10.65 -3.42 -37.24
CA THR B 181 -9.57 -4.38 -37.09
C THR B 181 -9.92 -5.43 -36.05
N PHE B 182 -10.58 -5.01 -34.99
CA PHE B 182 -11.02 -5.97 -34.02
C PHE B 182 -12.06 -6.89 -34.67
N ASP B 183 -12.98 -6.32 -35.43
CA ASP B 183 -14.09 -7.10 -36.04
C ASP B 183 -13.55 -8.19 -36.94
N ALA B 184 -12.48 -7.88 -37.67
CA ALA B 184 -11.91 -8.83 -38.59
C ALA B 184 -11.19 -9.96 -37.86
N VAL B 185 -10.45 -9.62 -36.82
CA VAL B 185 -9.71 -10.63 -36.06
C VAL B 185 -10.66 -11.54 -35.31
N LYS B 186 -11.78 -10.96 -34.90
CA LYS B 186 -12.81 -11.70 -34.24
C LYS B 186 -13.43 -12.75 -35.16
N GLU B 187 -13.84 -12.33 -36.36
CA GLU B 187 -14.45 -13.26 -37.33
C GLU B 187 -13.52 -14.38 -37.73
N THR B 188 -12.23 -14.11 -37.85
CA THR B 188 -11.33 -15.18 -38.30
C THR B 188 -10.95 -16.07 -37.14
N SER B 189 -11.06 -15.56 -35.92
CA SER B 189 -10.86 -16.40 -34.73
C SER B 189 -11.98 -17.43 -34.64
N ILE B 190 -13.18 -16.98 -34.94
CA ILE B 190 -14.35 -17.84 -35.00
C ILE B 190 -14.22 -18.85 -36.14
N ALA B 191 -13.81 -18.34 -37.30
CA ALA B 191 -13.63 -19.14 -38.50
C ALA B 191 -12.63 -20.29 -38.34
N ILE B 192 -11.71 -20.17 -37.40
CA ILE B 192 -10.82 -21.29 -37.12
C ILE B 192 -11.26 -22.04 -35.86
N GLY B 193 -12.52 -21.82 -35.50
CA GLY B 193 -13.14 -22.60 -34.44
C GLY B 193 -12.69 -22.20 -33.06
N LYS B 194 -12.28 -20.95 -32.91
CA LYS B 194 -11.85 -20.45 -31.62
C LYS B 194 -12.95 -19.58 -31.07
N ASP B 195 -12.81 -19.27 -29.80
CA ASP B 195 -13.81 -18.49 -29.11
C ASP B 195 -13.14 -17.23 -28.58
N PRO B 196 -13.30 -16.12 -29.29
CA PRO B 196 -12.59 -14.89 -28.94
C PRO B 196 -13.29 -14.05 -27.88
N VAL B 197 -12.50 -13.48 -26.97
CA VAL B 197 -13.02 -12.45 -26.08
C VAL B 197 -12.34 -11.12 -26.33
N GLU B 198 -13.10 -10.04 -26.14
CA GLU B 198 -12.61 -8.71 -26.43
C GLU B 198 -12.07 -8.09 -25.16
N VAL B 199 -10.77 -7.74 -25.22
CA VAL B 199 -10.07 -7.18 -24.09
C VAL B 199 -9.37 -5.86 -24.43
N ALA B 200 -9.62 -4.86 -23.63
CA ALA B 200 -8.90 -3.60 -23.74
C ALA B 200 -7.57 -3.81 -23.02
N GLU B 201 -6.47 -3.51 -23.70
CA GLU B 201 -5.15 -3.73 -23.10
C GLU B 201 -5.10 -3.30 -21.67
N ALA B 202 -4.69 -4.22 -20.81
CA ALA B 202 -4.44 -3.93 -19.43
C ALA B 202 -3.61 -5.09 -18.95
N PRO B 203 -2.89 -4.91 -17.85
CA PRO B 203 -1.95 -5.91 -17.41
C PRO B 203 -2.62 -7.23 -17.07
N GLY B 204 -2.09 -8.32 -17.62
CA GLY B 204 -2.65 -9.66 -17.45
C GLY B 204 -3.88 -9.97 -18.31
N PHE B 205 -4.36 -9.00 -19.07
CA PHE B 205 -5.59 -9.20 -19.81
C PHE B 205 -6.64 -9.68 -18.82
N VAL B 206 -7.24 -10.83 -19.05
CA VAL B 206 -8.17 -11.37 -18.09
C VAL B 206 -7.63 -12.60 -17.36
N VAL B 207 -7.21 -13.60 -18.12
CA VAL B 207 -6.93 -14.89 -17.55
C VAL B 207 -5.80 -14.79 -16.56
N ASN B 208 -4.62 -14.41 -17.04
CA ASN B 208 -3.46 -14.30 -16.21
C ASN B 208 -3.64 -13.35 -15.04
N ARG B 209 -4.36 -12.27 -15.28
CA ARG B 209 -4.62 -11.26 -14.26
C ARG B 209 -5.30 -11.87 -13.05
N ILE B 210 -6.25 -12.76 -13.28
CA ILE B 210 -6.97 -13.45 -12.22
C ILE B 210 -6.23 -14.69 -11.75
N LEU B 211 -5.68 -15.41 -12.71
CA LEU B 211 -5.20 -16.75 -12.45
C LEU B 211 -3.85 -16.82 -11.76
N ILE B 212 -2.89 -15.99 -12.16
CA ILE B 212 -1.54 -16.12 -11.57
C ILE B 212 -1.46 -15.66 -10.11
N PRO B 213 -2.22 -14.64 -9.75
CA PRO B 213 -2.26 -14.19 -8.34
C PRO B 213 -2.90 -15.23 -7.44
N MET B 214 -3.69 -16.08 -8.05
CA MET B 214 -4.25 -17.23 -7.38
C MET B 214 -3.15 -18.19 -6.92
N ILE B 215 -2.26 -18.51 -7.84
CA ILE B 215 -1.10 -19.32 -7.55
C ILE B 215 -0.23 -18.63 -6.50
N ASN B 216 -0.02 -17.33 -6.69
CA ASN B 216 0.81 -16.54 -5.79
C ASN B 216 0.20 -16.49 -4.41
N GLU B 217 -1.13 -16.44 -4.32
CA GLU B 217 -1.78 -16.47 -3.02
C GLU B 217 -1.49 -17.81 -2.35
N ALA B 218 -1.53 -18.88 -3.12
CA ALA B 218 -1.28 -20.20 -2.59
C ALA B 218 0.11 -20.34 -1.99
N VAL B 219 1.11 -19.75 -2.61
CA VAL B 219 2.45 -19.94 -2.09
C VAL B 219 2.61 -19.19 -0.77
N GLY B 220 1.84 -18.12 -0.60
CA GLY B 220 1.85 -17.37 0.66
C GLY B 220 1.26 -18.20 1.80
N ILE B 221 0.18 -18.89 1.51
CA ILE B 221 -0.40 -19.81 2.46
C ILE B 221 0.61 -20.90 2.85
N LEU B 222 1.21 -21.51 1.83
CA LEU B 222 2.24 -22.47 2.09
C LEU B 222 3.32 -21.89 3.00
N ALA B 223 3.78 -20.69 2.65
CA ALA B 223 4.91 -20.10 3.34
C ALA B 223 4.70 -19.77 4.82
N GLU B 224 3.47 -19.51 5.23
CA GLU B 224 3.23 -19.27 6.67
C GLU B 224 2.83 -20.56 7.36
N GLY B 225 3.06 -21.69 6.69
CA GLY B 225 2.65 -22.99 7.22
C GLY B 225 1.18 -23.14 7.55
N ILE B 226 0.30 -22.61 6.73
CA ILE B 226 -1.12 -22.74 7.01
C ILE B 226 -1.55 -24.15 6.63
N ALA B 227 -1.06 -24.61 5.49
CA ALA B 227 -1.38 -25.91 5.01
C ALA B 227 -0.16 -26.42 4.30
N SER B 228 -0.17 -27.71 4.03
CA SER B 228 0.87 -28.38 3.26
C SER B 228 0.53 -28.17 1.81
N VAL B 229 1.46 -28.45 0.91
CA VAL B 229 1.14 -28.23 -0.51
C VAL B 229 0.08 -29.19 -1.02
N GLU B 230 0.11 -30.42 -0.52
CA GLU B 230 -0.88 -31.41 -0.92
C GLU B 230 -2.26 -30.96 -0.50
N ASP B 231 -2.35 -30.35 0.67
CA ASP B 231 -3.66 -29.97 1.20
C ASP B 231 -4.19 -28.71 0.58
N ILE B 232 -3.28 -27.86 0.12
CA ILE B 232 -3.66 -26.66 -0.59
C ILE B 232 -4.28 -27.05 -1.93
N ASP B 233 -3.63 -27.96 -2.63
CA ASP B 233 -4.10 -28.36 -3.96
C ASP B 233 -5.36 -29.17 -3.86
N LYS B 234 -5.43 -29.98 -2.81
CA LYS B 234 -6.61 -30.79 -2.56
C LYS B 234 -7.81 -29.90 -2.24
N ALA B 235 -7.57 -28.87 -1.43
CA ALA B 235 -8.64 -27.97 -1.00
C ALA B 235 -9.27 -27.20 -2.15
N MET B 236 -8.43 -26.74 -3.08
CA MET B 236 -8.92 -26.00 -4.23
C MET B 236 -9.62 -26.92 -5.24
N LYS B 237 -9.07 -28.11 -5.44
CA LYS B 237 -9.72 -29.05 -6.34
C LYS B 237 -11.10 -29.49 -5.83
N LEU B 238 -11.19 -29.87 -4.57
CA LEU B 238 -12.48 -30.33 -4.04
C LEU B 238 -13.40 -29.19 -3.67
N GLY B 239 -12.84 -28.11 -3.15
CA GLY B 239 -13.64 -27.00 -2.67
C GLY B 239 -14.13 -26.11 -3.78
N ALA B 240 -13.32 -25.96 -4.81
CA ALA B 240 -13.68 -25.08 -5.89
C ALA B 240 -13.91 -25.85 -7.16
N ASN B 241 -13.69 -27.17 -7.12
CA ASN B 241 -13.96 -27.97 -8.29
C ASN B 241 -13.05 -27.52 -9.43
N HIS B 242 -11.79 -27.27 -9.10
CA HIS B 242 -10.81 -26.92 -10.11
C HIS B 242 -10.12 -28.18 -10.55
N PRO B 243 -9.83 -28.25 -11.84
CA PRO B 243 -9.16 -29.39 -12.43
C PRO B 243 -7.77 -29.60 -11.86
N MET B 244 -7.13 -28.52 -11.41
CA MET B 244 -5.81 -28.59 -10.80
C MET B 244 -5.68 -27.69 -9.59
N GLY B 245 -4.76 -28.05 -8.71
CA GLY B 245 -4.47 -27.22 -7.57
C GLY B 245 -3.50 -26.13 -8.00
N PRO B 246 -3.57 -24.96 -7.34
CA PRO B 246 -2.76 -23.84 -7.71
C PRO B 246 -1.29 -24.18 -7.76
N LEU B 247 -0.78 -24.88 -6.75
CA LEU B 247 0.65 -25.14 -6.72
C LEU B 247 1.11 -26.06 -7.85
N GLU B 248 0.43 -27.16 -8.08
CA GLU B 248 0.79 -28.03 -9.21
C GLU B 248 0.57 -27.30 -10.55
N LEU B 249 -0.38 -26.39 -10.58
CA LEU B 249 -0.62 -25.60 -11.78
C LEU B 249 0.54 -24.62 -12.02
N GLY B 250 1.10 -24.10 -10.95
CA GLY B 250 2.27 -23.23 -11.06
C GLY B 250 3.43 -24.02 -11.59
N ASP B 251 3.62 -25.20 -11.02
CA ASP B 251 4.60 -26.18 -11.52
C ASP B 251 4.37 -26.55 -12.98
N PHE B 252 3.12 -26.52 -13.41
CA PHE B 252 2.81 -26.92 -14.75
C PHE B 252 3.08 -25.79 -15.75
N ILE B 253 2.66 -24.60 -15.37
CA ILE B 253 2.87 -23.41 -16.18
C ILE B 253 4.35 -23.13 -16.21
N GLY B 254 4.99 -23.34 -15.07
CA GLY B 254 6.39 -22.98 -14.91
C GLY B 254 6.44 -21.84 -13.92
N LEU B 255 7.16 -22.05 -12.82
CA LEU B 255 7.22 -21.08 -11.75
C LEU B 255 7.94 -19.79 -12.16
N ASP B 256 8.94 -19.91 -13.01
CA ASP B 256 9.63 -18.75 -13.57
C ASP B 256 8.65 -17.92 -14.38
N ILE B 257 7.73 -18.61 -15.06
CA ILE B 257 6.76 -17.94 -15.89
C ILE B 257 5.76 -17.21 -15.01
N CYS B 258 5.44 -17.79 -13.86
CA CYS B 258 4.49 -17.20 -12.96
C CYS B 258 5.05 -15.94 -12.29
N LEU B 259 6.31 -16.01 -11.91
CA LEU B 259 6.94 -14.90 -11.24
C LEU B 259 7.04 -13.69 -12.15
N ALA B 260 7.34 -13.95 -13.42
CA ALA B 260 7.52 -12.90 -14.41
C ALA B 260 6.22 -12.24 -14.69
N ILE B 261 5.15 -13.00 -14.58
CA ILE B 261 3.85 -12.41 -14.81
C ILE B 261 3.45 -11.54 -13.63
N MET B 262 3.75 -11.99 -12.43
CA MET B 262 3.49 -11.19 -11.23
C MET B 262 4.41 -9.97 -11.21
N ASP B 263 5.64 -10.14 -11.68
CA ASP B 263 6.55 -9.00 -11.80
C ASP B 263 5.90 -7.97 -12.69
N VAL B 264 5.33 -8.40 -13.80
CA VAL B 264 4.71 -7.46 -14.73
C VAL B 264 3.50 -6.77 -14.12
N LEU B 265 2.72 -7.51 -13.33
CA LEU B 265 1.51 -6.96 -12.74
C LEU B 265 1.83 -5.90 -11.72
N TYR B 266 2.92 -6.12 -10.99
CA TYR B 266 3.33 -5.19 -9.96
C TYR B 266 3.96 -3.93 -10.58
N SER B 267 4.86 -4.16 -11.51
CA SER B 267 5.48 -3.13 -12.32
C SER B 267 4.46 -2.26 -13.04
N GLU B 268 3.55 -2.88 -13.77
CA GLU B 268 2.60 -2.10 -14.55
C GLU B 268 1.65 -1.31 -13.67
N THR B 269 1.16 -1.92 -12.60
CA THR B 269 0.08 -1.29 -11.84
C THR B 269 0.63 -0.37 -10.76
N GLY B 270 1.84 -0.69 -10.32
CA GLY B 270 2.44 -0.03 -9.19
C GLY B 270 1.75 -0.38 -7.88
N ASP B 271 0.99 -1.47 -7.87
CA ASP B 271 0.22 -1.82 -6.68
C ASP B 271 0.77 -3.04 -5.98
N SER B 272 1.06 -2.86 -4.69
CA SER B 272 1.59 -3.93 -3.84
C SER B 272 0.74 -5.19 -3.73
N LYS B 273 -0.56 -5.02 -3.95
CA LYS B 273 -1.45 -6.13 -4.19
C LYS B 273 -0.80 -7.30 -4.93
N TYR B 274 -0.07 -6.96 -5.98
CA TYR B 274 0.44 -7.95 -6.89
C TYR B 274 1.89 -8.27 -6.66
N ARG B 275 2.42 -7.94 -5.50
CA ARG B 275 3.79 -8.31 -5.26
C ARG B 275 3.90 -9.81 -5.28
N PRO B 276 4.93 -10.32 -5.95
CA PRO B 276 5.20 -11.75 -5.90
C PRO B 276 5.69 -12.16 -4.54
N HIS B 277 5.37 -13.39 -4.16
CA HIS B 277 5.78 -13.86 -2.85
C HIS B 277 7.29 -14.15 -2.81
N THR B 278 7.86 -13.77 -1.71
CA THR B 278 9.25 -14.00 -1.45
C THR B 278 9.67 -15.46 -1.68
N LEU B 279 8.78 -16.38 -1.33
CA LEU B 279 9.05 -17.79 -1.42
C LEU B 279 9.07 -18.22 -2.86
N LEU B 280 8.19 -17.63 -3.67
CA LEU B 280 8.18 -17.93 -5.08
C LEU B 280 9.47 -17.48 -5.75
N LYS B 281 10.01 -16.35 -5.33
CA LYS B 281 11.28 -15.89 -5.87
C LYS B 281 12.35 -16.91 -5.55
N LYS B 282 12.31 -17.40 -4.33
CA LYS B 282 13.33 -18.30 -3.85
C LYS B 282 13.33 -19.67 -4.59
N TYR B 283 12.15 -20.20 -4.89
CA TYR B 283 12.09 -21.43 -5.72
C TYR B 283 12.65 -21.15 -7.10
N VAL B 284 12.28 -20.03 -7.69
CA VAL B 284 12.75 -19.73 -9.04
C VAL B 284 14.26 -19.57 -9.05
N ARG B 285 14.80 -19.07 -7.97
CA ARG B 285 16.22 -18.85 -7.89
C ARG B 285 17.02 -20.10 -7.72
N ALA B 286 16.40 -21.11 -7.12
CA ALA B 286 17.03 -22.41 -6.98
C ALA B 286 17.02 -23.12 -8.33
N GLY B 287 16.11 -22.72 -9.20
CA GLY B 287 15.95 -23.35 -10.50
C GLY B 287 14.91 -24.44 -10.43
N TRP B 288 14.14 -24.45 -9.34
CA TRP B 288 13.04 -25.39 -9.17
C TRP B 288 11.80 -24.83 -9.81
N LEU B 289 11.81 -24.85 -11.12
CA LEU B 289 10.79 -24.18 -11.90
C LEU B 289 9.56 -25.03 -12.15
N GLY B 290 9.50 -26.23 -11.59
CA GLY B 290 8.35 -27.12 -11.76
C GLY B 290 8.60 -28.34 -12.63
N ARG B 291 7.58 -28.74 -13.38
CA ARG B 291 7.63 -29.94 -14.21
C ARG B 291 8.82 -29.94 -15.16
N LYS B 292 8.93 -28.87 -15.93
CA LYS B 292 9.99 -28.72 -16.94
C LYS B 292 11.41 -28.97 -16.43
N SER B 293 11.64 -28.77 -15.14
CA SER B 293 12.97 -28.89 -14.57
C SER B 293 13.06 -30.09 -13.61
N GLY B 294 11.95 -30.82 -13.47
CA GLY B 294 11.90 -31.97 -12.57
C GLY B 294 11.62 -31.68 -11.12
N LYS B 295 11.48 -30.41 -10.77
CA LYS B 295 11.18 -30.06 -9.39
C LYS B 295 10.59 -28.68 -9.23
N GLY B 296 9.54 -28.62 -8.42
CA GLY B 296 8.83 -27.38 -8.19
C GLY B 296 8.35 -27.44 -6.78
N PHE B 297 7.07 -27.20 -6.59
CA PHE B 297 6.49 -27.47 -5.29
C PHE B 297 6.35 -28.96 -5.12
N TYR B 298 6.30 -29.68 -6.22
CA TYR B 298 6.37 -31.12 -6.20
C TYR B 298 7.66 -31.60 -6.83
N ASP B 299 8.09 -32.76 -6.39
CA ASP B 299 9.21 -33.46 -7.01
C ASP B 299 8.67 -34.26 -8.21
N TYR B 300 9.35 -34.22 -9.35
CA TYR B 300 8.83 -34.88 -10.57
C TYR B 300 9.72 -35.97 -11.17
N MET C 21 -16.20 -42.07 18.12
CA MET C 21 -17.26 -41.03 18.03
C MET C 21 -18.53 -41.62 17.46
N LYS C 22 -19.64 -41.34 18.13
CA LYS C 22 -20.88 -42.01 17.83
C LYS C 22 -22.09 -41.09 17.83
N LYS C 23 -22.11 -40.10 18.70
CA LYS C 23 -23.20 -39.18 18.72
C LYS C 23 -22.72 -37.77 18.42
N VAL C 24 -23.46 -37.11 17.55
CA VAL C 24 -23.11 -35.80 17.06
C VAL C 24 -24.28 -34.87 17.24
N CYS C 25 -24.00 -33.66 17.69
CA CYS C 25 -25.03 -32.64 17.79
C CYS C 25 -24.69 -31.50 16.83
N VAL C 26 -25.69 -31.06 16.06
CA VAL C 26 -25.51 -29.92 15.19
C VAL C 26 -26.37 -28.80 15.69
N ILE C 27 -25.77 -27.64 15.89
CA ILE C 27 -26.50 -26.45 16.33
C ILE C 27 -26.80 -25.57 15.13
N GLY C 28 -28.09 -25.34 14.88
CA GLY C 28 -28.47 -24.57 13.71
C GLY C 28 -28.96 -25.45 12.58
N ALA C 29 -30.20 -25.23 12.19
CA ALA C 29 -30.87 -26.06 11.22
C ALA C 29 -31.14 -25.27 9.96
N GLY C 30 -30.22 -24.40 9.61
CA GLY C 30 -30.28 -23.71 8.34
C GLY C 30 -29.74 -24.66 7.30
N THR C 31 -29.41 -24.11 6.15
CA THR C 31 -28.97 -24.90 5.02
C THR C 31 -27.72 -25.73 5.34
N MET C 32 -26.79 -25.14 6.07
CA MET C 32 -25.58 -25.86 6.42
C MET C 32 -25.81 -26.81 7.60
N GLY C 33 -26.45 -26.35 8.66
CA GLY C 33 -26.74 -27.20 9.81
C GLY C 33 -27.40 -28.51 9.40
N SER C 34 -28.45 -28.36 8.62
CA SER C 34 -29.23 -29.50 8.17
C SER C 34 -28.42 -30.35 7.22
N GLY C 35 -27.66 -29.72 6.35
CA GLY C 35 -26.92 -30.50 5.37
C GLY C 35 -25.85 -31.32 6.07
N ILE C 36 -25.26 -30.72 7.10
CA ILE C 36 -24.21 -31.37 7.88
C ILE C 36 -24.83 -32.54 8.64
N ALA C 37 -25.97 -32.29 9.27
CA ALA C 37 -26.69 -33.32 10.01
C ALA C 37 -26.96 -34.53 9.13
N GLN C 38 -27.42 -34.27 7.91
CA GLN C 38 -27.73 -35.33 6.98
C GLN C 38 -26.50 -36.14 6.58
N ALA C 39 -25.38 -35.48 6.42
CA ALA C 39 -24.17 -36.19 5.97
C ALA C 39 -23.67 -37.10 7.07
N PHE C 40 -23.95 -36.73 8.30
CA PHE C 40 -23.56 -37.53 9.45
C PHE C 40 -24.48 -38.73 9.59
N ALA C 41 -25.77 -38.45 9.52
CA ALA C 41 -26.82 -39.47 9.64
C ALA C 41 -26.73 -40.50 8.53
N ALA C 42 -26.41 -40.05 7.33
CA ALA C 42 -26.35 -40.94 6.19
C ALA C 42 -25.27 -41.99 6.33
N LYS C 43 -24.28 -41.69 7.16
CA LYS C 43 -23.14 -42.57 7.31
C LYS C 43 -23.17 -43.34 8.62
N GLY C 44 -24.30 -43.29 9.31
CA GLY C 44 -24.51 -44.13 10.48
C GLY C 44 -24.39 -43.47 11.83
N PHE C 45 -24.28 -42.15 11.85
CA PHE C 45 -24.15 -41.46 13.12
C PHE C 45 -25.51 -41.05 13.61
N GLU C 46 -25.64 -41.00 14.91
CA GLU C 46 -26.81 -40.46 15.53
C GLU C 46 -26.58 -38.97 15.62
N VAL C 47 -27.64 -38.22 15.37
CA VAL C 47 -27.48 -36.79 15.22
C VAL C 47 -28.53 -36.10 16.01
N VAL C 48 -28.13 -35.14 16.81
CA VAL C 48 -29.09 -34.26 17.43
C VAL C 48 -29.01 -32.92 16.72
N LEU C 49 -30.13 -32.48 16.19
CA LEU C 49 -30.16 -31.25 15.48
C LEU C 49 -30.97 -30.28 16.29
N ARG C 50 -30.32 -29.21 16.71
CA ARG C 50 -30.91 -28.28 17.62
C ARG C 50 -31.05 -26.90 17.00
N ASP C 51 -32.06 -26.16 17.42
CA ASP C 51 -32.19 -24.75 17.07
C ASP C 51 -33.07 -24.11 18.12
N ILE C 52 -33.35 -22.82 17.98
CA ILE C 52 -33.96 -22.09 19.11
C ILE C 52 -35.48 -22.18 19.17
N LYS C 53 -36.09 -22.60 18.06
CA LYS C 53 -37.55 -22.73 17.95
C LYS C 53 -37.84 -23.98 17.18
N ASP C 54 -38.99 -24.58 17.45
CA ASP C 54 -39.40 -25.76 16.71
C ASP C 54 -39.46 -25.51 15.21
N GLU C 55 -39.98 -24.36 14.82
CA GLU C 55 -40.25 -24.07 13.42
C GLU C 55 -38.96 -24.13 12.59
N PHE C 56 -37.84 -23.77 13.22
CA PHE C 56 -36.53 -23.87 12.57
C PHE C 56 -36.08 -25.30 12.46
N VAL C 57 -36.19 -26.02 13.55
CA VAL C 57 -35.89 -27.44 13.57
C VAL C 57 -36.72 -28.15 12.50
N ASP C 58 -38.03 -27.94 12.55
CA ASP C 58 -38.95 -28.50 11.56
C ASP C 58 -38.50 -28.17 10.15
N ARG C 59 -38.12 -26.92 9.93
CA ARG C 59 -37.71 -26.45 8.63
C ARG C 59 -36.52 -27.24 8.11
N GLY C 60 -35.50 -27.38 8.94
CA GLY C 60 -34.31 -28.13 8.57
C GLY C 60 -34.60 -29.59 8.33
N LEU C 61 -35.53 -30.14 9.11
CA LEU C 61 -35.95 -31.53 8.94
C LEU C 61 -36.67 -31.68 7.61
N ASP C 62 -37.57 -30.74 7.31
CA ASP C 62 -38.25 -30.69 6.00
C ASP C 62 -37.22 -30.66 4.88
N PHE C 63 -36.22 -29.80 5.05
CA PHE C 63 -35.24 -29.56 4.02
C PHE C 63 -34.44 -30.85 3.77
N ILE C 64 -34.21 -31.61 4.84
CA ILE C 64 -33.45 -32.86 4.74
C ILE C 64 -34.28 -33.94 4.06
N ASN C 65 -35.56 -33.92 4.34
CA ASN C 65 -36.49 -34.90 3.85
C ASN C 65 -36.55 -34.83 2.33
N LYS C 66 -36.70 -33.61 1.84
CA LYS C 66 -36.72 -33.35 0.42
C LYS C 66 -35.45 -33.81 -0.26
N ASN C 67 -34.28 -33.48 0.30
CA ASN C 67 -33.03 -33.84 -0.38
C ASN C 67 -32.94 -35.33 -0.54
N LEU C 68 -33.38 -36.05 0.49
CA LEU C 68 -33.32 -37.49 0.47
C LEU C 68 -34.33 -37.99 -0.53
N SER C 69 -35.53 -37.42 -0.50
CA SER C 69 -36.59 -37.70 -1.48
C SER C 69 -36.07 -37.66 -2.92
N LYS C 70 -35.34 -36.60 -3.25
CA LYS C 70 -34.70 -36.52 -4.55
C LYS C 70 -33.86 -37.76 -4.81
N LEU C 71 -33.01 -38.11 -3.85
CA LEU C 71 -32.05 -39.20 -4.06
C LEU C 71 -32.75 -40.54 -4.31
N VAL C 72 -33.93 -40.68 -3.71
CA VAL C 72 -34.75 -41.87 -3.94
C VAL C 72 -35.36 -41.81 -5.32
N LYS C 73 -36.06 -40.71 -5.61
CA LYS C 73 -36.61 -40.48 -6.94
C LYS C 73 -35.55 -40.63 -8.03
N LYS C 74 -34.36 -40.12 -7.76
CA LYS C 74 -33.22 -40.24 -8.66
C LYS C 74 -32.58 -41.64 -8.67
N GLY C 75 -33.15 -42.57 -7.92
CA GLY C 75 -32.65 -43.94 -7.85
C GLY C 75 -31.24 -44.07 -7.29
N LYS C 76 -30.83 -43.14 -6.43
CA LYS C 76 -29.50 -43.18 -5.81
C LYS C 76 -29.55 -43.96 -4.51
N ILE C 77 -30.68 -43.88 -3.83
CA ILE C 77 -30.91 -44.68 -2.63
C ILE C 77 -32.35 -45.12 -2.62
N GLU C 78 -32.67 -45.95 -1.65
CA GLU C 78 -33.99 -46.52 -1.55
C GLU C 78 -34.76 -45.83 -0.44
N GLU C 79 -36.07 -45.73 -0.64
CA GLU C 79 -36.98 -45.27 0.40
C GLU C 79 -36.60 -45.86 1.76
N ALA C 80 -36.15 -47.11 1.74
CA ALA C 80 -35.66 -47.79 2.94
C ALA C 80 -34.43 -47.12 3.55
N THR C 81 -33.41 -46.87 2.74
CA THR C 81 -32.23 -46.16 3.20
C THR C 81 -32.63 -44.79 3.76
N LYS C 82 -33.63 -44.16 3.17
CA LYS C 82 -34.04 -42.82 3.58
C LYS C 82 -34.71 -42.75 4.95
N VAL C 83 -35.39 -43.82 5.35
CA VAL C 83 -36.09 -43.82 6.63
C VAL C 83 -35.14 -44.19 7.75
N GLU C 84 -34.21 -45.10 7.45
CA GLU C 84 -33.05 -45.35 8.32
C GLU C 84 -32.40 -44.02 8.72
N ILE C 85 -32.07 -43.23 7.70
CA ILE C 85 -31.31 -42.00 7.87
C ILE C 85 -32.07 -40.98 8.66
N LEU C 86 -33.35 -40.81 8.35
CA LEU C 86 -34.18 -39.88 9.07
C LEU C 86 -34.36 -40.28 10.52
N THR C 87 -34.23 -41.57 10.77
CA THR C 87 -34.47 -42.12 12.08
C THR C 87 -33.29 -41.77 12.99
N ARG C 88 -32.11 -41.60 12.41
CA ARG C 88 -30.95 -41.30 13.23
C ARG C 88 -30.82 -39.82 13.55
N ILE C 89 -31.84 -39.03 13.24
CA ILE C 89 -31.79 -37.60 13.47
C ILE C 89 -32.87 -37.18 14.44
N SER C 90 -32.48 -36.57 15.54
CA SER C 90 -33.47 -36.17 16.52
C SER C 90 -33.46 -34.67 16.64
N GLY C 91 -34.65 -34.08 16.61
CA GLY C 91 -34.77 -32.65 16.64
C GLY C 91 -35.00 -32.18 18.06
N THR C 92 -34.62 -30.94 18.34
CA THR C 92 -34.80 -30.39 19.68
C THR C 92 -34.43 -28.91 19.68
N VAL C 93 -35.01 -28.18 20.62
CA VAL C 93 -34.64 -26.78 20.87
C VAL C 93 -33.79 -26.57 22.14
N ASP C 94 -33.37 -27.69 22.73
CA ASP C 94 -32.71 -27.68 24.03
C ASP C 94 -31.25 -28.01 23.87
N LEU C 95 -30.45 -27.04 24.25
CA LEU C 95 -29.03 -27.14 24.08
C LEU C 95 -28.46 -28.25 24.97
N ASN C 96 -29.09 -28.47 26.12
CA ASN C 96 -28.71 -29.56 27.03
C ASN C 96 -28.63 -30.94 26.39
N MET C 97 -29.40 -31.17 25.33
CA MET C 97 -29.38 -32.45 24.64
C MET C 97 -28.02 -32.73 24.02
N ALA C 98 -27.10 -31.79 24.18
CA ALA C 98 -25.76 -31.98 23.68
C ALA C 98 -24.88 -32.61 24.73
N ALA C 99 -25.33 -32.55 25.99
CA ALA C 99 -24.53 -33.02 27.13
C ALA C 99 -23.76 -34.28 26.83
N ASP C 100 -24.36 -35.12 26.00
CA ASP C 100 -23.94 -36.48 25.84
C ASP C 100 -23.21 -36.75 24.52
N CYS C 101 -23.07 -35.75 23.66
CA CYS C 101 -22.53 -35.98 22.34
C CYS C 101 -21.01 -36.00 22.39
N ASP C 102 -20.43 -36.71 21.44
CA ASP C 102 -18.98 -36.77 21.33
C ASP C 102 -18.46 -35.55 20.57
N LEU C 103 -19.33 -35.03 19.70
CA LEU C 103 -18.99 -33.94 18.81
C LEU C 103 -20.19 -33.01 18.69
N VAL C 104 -19.98 -31.74 19.02
CA VAL C 104 -20.96 -30.73 18.69
C VAL C 104 -20.42 -29.84 17.56
N ILE C 105 -21.25 -29.60 16.56
CA ILE C 105 -20.88 -28.73 15.47
C ILE C 105 -21.80 -27.55 15.42
N GLU C 106 -21.20 -26.39 15.47
CA GLU C 106 -21.95 -25.17 15.53
C GLU C 106 -22.00 -24.54 14.14
N ALA C 107 -23.22 -24.21 13.72
CA ALA C 107 -23.47 -23.59 12.42
C ALA C 107 -24.51 -22.50 12.60
N ALA C 108 -24.24 -21.58 13.50
CA ALA C 108 -25.16 -20.47 13.78
C ALA C 108 -24.74 -19.30 12.92
N VAL C 109 -25.31 -18.14 13.23
CA VAL C 109 -24.98 -16.92 12.52
C VAL C 109 -23.54 -16.52 12.83
N GLU C 110 -22.93 -15.84 11.87
CA GLU C 110 -21.53 -15.46 11.94
C GLU C 110 -21.28 -14.23 12.86
N ARG C 111 -21.80 -14.31 14.09
CA ARG C 111 -21.65 -13.26 15.10
C ARG C 111 -20.80 -13.77 16.26
N MET C 112 -19.80 -13.03 16.69
CA MET C 112 -18.84 -13.52 17.70
C MET C 112 -19.36 -13.55 19.12
N ASP C 113 -20.11 -12.54 19.54
CA ASP C 113 -20.58 -12.50 20.93
C ASP C 113 -21.51 -13.70 21.17
N ILE C 114 -22.15 -14.12 20.10
CA ILE C 114 -23.13 -15.19 20.12
C ILE C 114 -22.45 -16.55 20.13
N LYS C 115 -21.51 -16.73 19.22
CA LYS C 115 -20.73 -17.96 19.19
C LYS C 115 -20.00 -18.19 20.49
N LYS C 116 -19.67 -17.11 21.17
CA LYS C 116 -18.97 -17.25 22.41
C LYS C 116 -19.90 -17.76 23.48
N GLN C 117 -21.12 -17.23 23.53
CA GLN C 117 -22.07 -17.67 24.53
C GLN C 117 -22.53 -19.10 24.29
N ILE C 118 -22.62 -19.49 23.03
CA ILE C 118 -22.97 -20.86 22.73
C ILE C 118 -21.88 -21.79 23.22
N PHE C 119 -20.65 -21.42 22.95
CA PHE C 119 -19.53 -22.29 23.24
C PHE C 119 -19.25 -22.36 24.72
N ALA C 120 -19.62 -21.30 25.41
CA ALA C 120 -19.45 -21.23 26.86
C ALA C 120 -20.46 -22.12 27.58
N ASP C 121 -21.70 -22.18 27.07
CA ASP C 121 -22.71 -23.05 27.65
C ASP C 121 -22.33 -24.49 27.39
N LEU C 122 -22.01 -24.78 26.14
CA LEU C 122 -21.57 -26.10 25.80
C LEU C 122 -20.44 -26.58 26.68
N ASP C 123 -19.52 -25.69 27.02
CA ASP C 123 -18.38 -26.07 27.85
C ASP C 123 -18.92 -26.68 29.15
N ASN C 124 -19.97 -26.05 29.69
CA ASN C 124 -20.58 -26.51 30.94
C ASN C 124 -21.57 -27.63 30.78
N ILE C 125 -22.18 -27.74 29.61
CA ILE C 125 -23.18 -28.75 29.39
C ILE C 125 -22.56 -30.10 29.07
N CYS C 126 -21.57 -30.10 28.19
CA CYS C 126 -21.07 -31.36 27.63
C CYS C 126 -20.08 -32.05 28.54
N LYS C 127 -20.02 -33.37 28.43
CA LYS C 127 -19.01 -34.14 29.10
C LYS C 127 -17.64 -33.61 28.67
N PRO C 128 -16.62 -33.87 29.48
CA PRO C 128 -15.29 -33.34 29.18
C PRO C 128 -14.72 -33.84 27.87
N GLU C 129 -15.24 -34.95 27.38
CA GLU C 129 -14.68 -35.56 26.18
C GLU C 129 -15.22 -34.91 24.93
N THR C 130 -16.37 -34.27 25.02
CA THR C 130 -16.98 -33.69 23.86
C THR C 130 -16.05 -32.69 23.18
N ILE C 131 -15.88 -32.84 21.89
CA ILE C 131 -15.20 -31.83 21.11
C ILE C 131 -16.20 -30.81 20.61
N LEU C 132 -15.83 -29.54 20.68
CA LEU C 132 -16.68 -28.45 20.24
C LEU C 132 -16.13 -27.82 18.96
N ALA C 133 -16.92 -27.86 17.90
CA ALA C 133 -16.44 -27.41 16.60
C ALA C 133 -17.33 -26.35 16.02
N SER C 134 -16.75 -25.50 15.17
CA SER C 134 -17.50 -24.45 14.49
C SER C 134 -17.34 -24.59 13.00
N ASN C 135 -18.43 -24.40 12.29
CA ASN C 135 -18.42 -24.39 10.83
C ASN C 135 -18.16 -22.97 10.25
N THR C 136 -17.73 -22.06 11.11
CA THR C 136 -17.51 -20.68 10.72
C THR C 136 -16.50 -20.58 9.60
N SER C 137 -16.72 -19.62 8.73
CA SER C 137 -15.80 -19.35 7.65
C SER C 137 -14.90 -18.14 7.96
N SER C 138 -15.29 -17.31 8.93
CA SER C 138 -14.64 -16.03 9.15
C SER C 138 -14.34 -15.59 10.59
N LEU C 139 -14.80 -16.33 11.60
CA LEU C 139 -14.48 -15.97 12.99
C LEU C 139 -13.30 -16.79 13.50
N SER C 140 -12.60 -16.23 14.47
CA SER C 140 -11.38 -16.84 14.98
C SER C 140 -11.68 -18.00 15.91
N ILE C 141 -11.20 -19.19 15.53
CA ILE C 141 -11.38 -20.40 16.32
C ILE C 141 -10.73 -20.21 17.66
N THR C 142 -9.49 -19.76 17.62
CA THR C 142 -8.78 -19.42 18.85
C THR C 142 -9.58 -18.50 19.77
N GLU C 143 -10.21 -17.48 19.21
CA GLU C 143 -10.90 -16.55 20.08
C GLU C 143 -12.14 -17.20 20.66
N VAL C 144 -12.77 -18.06 19.86
CA VAL C 144 -13.93 -18.79 20.35
C VAL C 144 -13.52 -19.78 21.43
N ALA C 145 -12.44 -20.50 21.16
CA ALA C 145 -11.88 -21.46 22.10
C ALA C 145 -11.66 -20.83 23.46
N SER C 146 -11.31 -19.55 23.45
CA SER C 146 -10.96 -18.83 24.66
C SER C 146 -12.15 -18.51 25.52
N ALA C 147 -13.35 -18.66 25.00
CA ALA C 147 -14.52 -18.42 25.85
C ALA C 147 -14.85 -19.64 26.69
N THR C 148 -14.11 -20.73 26.51
CA THR C 148 -14.33 -22.00 27.18
C THR C 148 -13.13 -22.36 28.04
N LYS C 149 -13.29 -23.44 28.80
CA LYS C 149 -12.19 -24.02 29.54
C LYS C 149 -11.61 -25.23 28.89
N ARG C 150 -12.04 -25.57 27.69
CA ARG C 150 -11.45 -26.70 26.94
C ARG C 150 -10.88 -26.31 25.56
N PRO C 151 -10.00 -25.30 25.52
CA PRO C 151 -9.44 -24.83 24.25
C PRO C 151 -8.76 -25.91 23.44
N ASP C 152 -8.16 -26.86 24.13
CA ASP C 152 -7.57 -28.05 23.48
C ASP C 152 -8.59 -28.82 22.69
N LYS C 153 -9.86 -28.64 23.04
CA LYS C 153 -10.98 -29.34 22.42
C LYS C 153 -11.89 -28.52 21.53
N VAL C 154 -11.41 -27.36 21.10
CA VAL C 154 -12.21 -26.51 20.23
C VAL C 154 -11.51 -26.52 18.91
N ILE C 155 -12.28 -26.57 17.84
CA ILE C 155 -11.67 -26.77 16.55
C ILE C 155 -12.61 -26.29 15.47
N GLY C 156 -12.08 -26.07 14.29
CA GLY C 156 -12.92 -25.65 13.19
C GLY C 156 -13.17 -26.80 12.26
N MET C 157 -14.42 -26.98 11.90
CA MET C 157 -14.77 -27.96 10.90
C MET C 157 -15.58 -27.27 9.84
N HIS C 158 -14.94 -26.98 8.71
CA HIS C 158 -15.54 -26.11 7.72
C HIS C 158 -16.02 -26.94 6.58
N PHE C 159 -17.34 -27.01 6.42
CA PHE C 159 -17.97 -27.81 5.37
C PHE C 159 -18.36 -26.93 4.22
N PHE C 160 -18.41 -27.52 3.03
CA PHE C 160 -18.80 -26.75 1.84
C PHE C 160 -20.19 -27.11 1.34
N ASN C 161 -20.95 -26.07 1.00
CA ASN C 161 -22.29 -26.25 0.53
C ASN C 161 -22.27 -26.85 -0.90
N PRO C 162 -23.11 -27.87 -1.17
CA PRO C 162 -24.05 -28.50 -0.20
C PRO C 162 -23.38 -29.64 0.55
N ALA C 163 -23.54 -29.64 1.86
CA ALA C 163 -22.70 -30.47 2.73
C ALA C 163 -22.79 -31.99 2.50
N PRO C 164 -23.96 -32.51 2.14
CA PRO C 164 -24.06 -33.96 1.95
C PRO C 164 -23.26 -34.47 0.77
N VAL C 165 -22.97 -33.61 -0.17
CA VAL C 165 -22.35 -34.01 -1.42
C VAL C 165 -20.89 -33.65 -1.47
N MET C 166 -20.59 -32.42 -1.08
CA MET C 166 -19.23 -31.92 -1.13
C MET C 166 -18.32 -32.68 -0.17
N LYS C 167 -17.24 -33.21 -0.72
CA LYS C 167 -16.35 -34.12 0.00
C LYS C 167 -15.41 -33.42 0.96
N LEU C 168 -15.14 -32.15 0.72
CA LEU C 168 -14.07 -31.49 1.41
C LEU C 168 -14.53 -30.87 2.70
N VAL C 169 -13.66 -30.94 3.69
CA VAL C 169 -13.83 -30.20 4.92
C VAL C 169 -12.46 -29.67 5.34
N GLU C 170 -12.45 -28.43 5.81
CA GLU C 170 -11.21 -27.83 6.25
C GLU C 170 -11.19 -27.91 7.75
N VAL C 171 -10.19 -28.57 8.28
CA VAL C 171 -10.12 -28.74 9.70
C VAL C 171 -9.23 -27.64 10.22
N ILE C 172 -9.82 -26.74 10.99
CA ILE C 172 -9.15 -25.51 11.37
C ILE C 172 -8.65 -25.57 12.78
N ARG C 173 -7.34 -25.70 12.93
CA ARG C 173 -6.73 -25.72 14.25
C ARG C 173 -6.51 -24.32 14.80
N GLY C 174 -7.16 -24.05 15.92
CA GLY C 174 -6.85 -22.90 16.72
C GLY C 174 -5.48 -23.14 17.28
N ILE C 175 -4.97 -22.19 18.01
CA ILE C 175 -3.57 -22.26 18.34
C ILE C 175 -3.34 -23.22 19.50
N ALA C 176 -4.37 -23.41 20.31
CA ALA C 176 -4.33 -24.34 21.41
C ALA C 176 -5.07 -25.64 21.11
N THR C 177 -5.55 -25.83 19.88
CA THR C 177 -6.24 -27.04 19.52
C THR C 177 -5.26 -28.18 19.65
N SER C 178 -5.65 -29.22 20.38
CA SER C 178 -4.74 -30.35 20.63
C SER C 178 -4.60 -31.26 19.42
N GLN C 179 -3.48 -31.96 19.38
CA GLN C 179 -3.24 -32.92 18.31
C GLN C 179 -4.24 -34.09 18.41
N GLU C 180 -4.63 -34.40 19.63
CA GLU C 180 -5.65 -35.41 19.87
C GLU C 180 -6.93 -34.98 19.20
N THR C 181 -7.35 -33.75 19.50
CA THR C 181 -8.61 -33.23 18.96
C THR C 181 -8.61 -33.20 17.44
N PHE C 182 -7.48 -32.83 16.85
CA PHE C 182 -7.43 -32.78 15.42
C PHE C 182 -7.57 -34.18 14.84
N ASP C 183 -6.87 -35.13 15.46
CA ASP C 183 -6.87 -36.49 14.97
C ASP C 183 -8.26 -37.12 15.02
N ALA C 184 -9.01 -36.81 16.07
CA ALA C 184 -10.35 -37.36 16.18
C ALA C 184 -11.25 -36.78 15.10
N VAL C 185 -11.19 -35.46 14.93
CA VAL C 185 -12.04 -34.77 13.95
C VAL C 185 -11.69 -35.20 12.54
N LYS C 186 -10.43 -35.50 12.32
CA LYS C 186 -10.03 -35.99 11.01
C LYS C 186 -10.56 -37.40 10.74
N GLU C 187 -10.40 -38.30 11.72
CA GLU C 187 -10.88 -39.69 11.58
C GLU C 187 -12.38 -39.67 11.35
N THR C 188 -13.06 -38.81 12.09
CA THR C 188 -14.51 -38.68 11.94
C THR C 188 -14.90 -38.17 10.57
N SER C 189 -14.04 -37.34 9.98
CA SER C 189 -14.33 -36.74 8.68
C SER C 189 -14.22 -37.82 7.62
N ILE C 190 -13.13 -38.57 7.72
CA ILE C 190 -12.93 -39.70 6.84
C ILE C 190 -14.07 -40.69 6.98
N ALA C 191 -14.61 -40.79 8.17
CA ALA C 191 -15.64 -41.77 8.45
C ALA C 191 -17.01 -41.40 7.87
N ILE C 192 -17.26 -40.13 7.62
CA ILE C 192 -18.48 -39.77 6.89
C ILE C 192 -18.23 -39.60 5.39
N GLY C 193 -17.07 -40.07 4.95
CA GLY C 193 -16.77 -40.19 3.54
C GLY C 193 -16.21 -38.91 2.97
N LYS C 194 -15.70 -38.06 3.85
CA LYS C 194 -15.17 -36.77 3.46
C LYS C 194 -13.67 -36.82 3.37
N ASP C 195 -13.12 -35.74 2.84
CA ASP C 195 -11.70 -35.63 2.62
C ASP C 195 -11.17 -34.37 3.33
N PRO C 196 -10.49 -34.57 4.47
CA PRO C 196 -10.09 -33.45 5.31
C PRO C 196 -8.70 -32.94 5.05
N VAL C 197 -8.54 -31.64 5.26
CA VAL C 197 -7.26 -31.01 5.11
C VAL C 197 -6.99 -30.29 6.41
N GLU C 198 -5.73 -30.26 6.80
CA GLU C 198 -5.36 -29.60 8.03
C GLU C 198 -4.95 -28.16 7.75
N VAL C 199 -5.57 -27.24 8.47
CA VAL C 199 -5.34 -25.84 8.27
C VAL C 199 -5.18 -25.17 9.60
N ALA C 200 -4.03 -24.55 9.82
CA ALA C 200 -3.88 -23.70 11.01
C ALA C 200 -4.68 -22.43 10.79
N GLU C 201 -5.31 -21.95 11.83
CA GLU C 201 -6.14 -20.78 11.72
C GLU C 201 -5.47 -19.59 11.04
N ALA C 202 -6.09 -19.14 9.96
CA ALA C 202 -5.67 -17.93 9.27
C ALA C 202 -6.85 -17.44 8.43
N PRO C 203 -6.91 -16.12 8.21
CA PRO C 203 -8.06 -15.49 7.56
C PRO C 203 -8.42 -16.15 6.21
N GLY C 204 -9.65 -16.63 6.08
CA GLY C 204 -10.08 -17.35 4.88
C GLY C 204 -9.54 -18.77 4.69
N PHE C 205 -8.81 -19.30 5.67
CA PHE C 205 -8.32 -20.67 5.62
C PHE C 205 -7.61 -20.89 4.31
N VAL C 206 -8.01 -21.89 3.53
CA VAL C 206 -7.36 -22.10 2.25
C VAL C 206 -8.24 -21.68 1.09
N VAL C 207 -9.51 -22.04 1.13
CA VAL C 207 -10.34 -21.94 -0.07
C VAL C 207 -10.87 -20.54 -0.32
N ASN C 208 -11.42 -19.91 0.70
CA ASN C 208 -11.95 -18.56 0.54
C ASN C 208 -10.81 -17.58 0.32
N ARG C 209 -9.65 -17.94 0.84
CA ARG C 209 -8.48 -17.11 0.73
C ARG C 209 -8.00 -16.98 -0.70
N ILE C 210 -8.11 -18.06 -1.44
CA ILE C 210 -7.73 -18.04 -2.84
C ILE C 210 -8.90 -17.64 -3.74
N LEU C 211 -10.07 -18.15 -3.42
CA LEU C 211 -11.19 -18.08 -4.32
C LEU C 211 -11.84 -16.72 -4.40
N ILE C 212 -12.13 -16.12 -3.24
CA ILE C 212 -12.89 -14.90 -3.22
C ILE C 212 -12.10 -13.69 -3.78
N PRO C 213 -10.80 -13.55 -3.48
CA PRO C 213 -10.03 -12.52 -4.20
C PRO C 213 -10.01 -12.67 -5.71
N MET C 214 -10.03 -13.89 -6.18
CA MET C 214 -10.20 -14.19 -7.59
C MET C 214 -11.47 -13.55 -8.14
N ILE C 215 -12.56 -13.67 -7.40
CA ILE C 215 -13.83 -13.08 -7.82
C ILE C 215 -13.74 -11.57 -7.75
N ASN C 216 -13.08 -11.09 -6.72
CA ASN C 216 -12.93 -9.67 -6.48
C ASN C 216 -12.03 -9.04 -7.55
N GLU C 217 -11.02 -9.75 -7.98
CA GLU C 217 -10.19 -9.31 -9.10
C GLU C 217 -11.03 -9.20 -10.36
N ALA C 218 -11.92 -10.15 -10.55
CA ALA C 218 -12.76 -10.10 -11.74
C ALA C 218 -13.68 -8.87 -11.71
N VAL C 219 -14.11 -8.44 -10.55
CA VAL C 219 -15.00 -7.32 -10.60
C VAL C 219 -14.21 -6.06 -10.93
N GLY C 220 -12.92 -6.06 -10.55
CA GLY C 220 -12.00 -4.98 -10.90
C GLY C 220 -11.74 -4.82 -12.38
N ILE C 221 -11.56 -5.93 -13.07
CA ILE C 221 -11.41 -5.94 -14.51
C ILE C 221 -12.67 -5.41 -15.17
N LEU C 222 -13.82 -5.84 -14.68
CA LEU C 222 -15.09 -5.38 -15.22
C LEU C 222 -15.27 -3.88 -15.00
N ALA C 223 -14.81 -3.41 -13.84
CA ALA C 223 -15.05 -2.05 -13.39
C ALA C 223 -14.25 -1.05 -14.22
N GLU C 224 -13.13 -1.52 -14.74
CA GLU C 224 -12.27 -0.71 -15.58
C GLU C 224 -12.57 -0.86 -17.07
N GLY C 225 -13.67 -1.54 -17.39
CA GLY C 225 -14.11 -1.71 -18.76
C GLY C 225 -13.21 -2.60 -19.60
N ILE C 226 -12.46 -3.47 -18.96
CA ILE C 226 -11.47 -4.24 -19.68
C ILE C 226 -12.17 -5.29 -20.50
N ALA C 227 -13.14 -5.91 -19.88
CA ALA C 227 -13.89 -6.91 -20.55
C ALA C 227 -15.26 -6.94 -19.93
N SER C 228 -16.18 -7.54 -20.67
CA SER C 228 -17.56 -7.66 -20.25
C SER C 228 -17.71 -8.86 -19.28
N VAL C 229 -18.81 -8.88 -18.54
CA VAL C 229 -19.04 -9.97 -17.59
C VAL C 229 -19.07 -11.33 -18.30
N GLU C 230 -19.70 -11.39 -19.45
CA GLU C 230 -19.76 -12.65 -20.21
C GLU C 230 -18.37 -13.06 -20.65
N ASP C 231 -17.62 -12.09 -21.15
CA ASP C 231 -16.28 -12.37 -21.67
C ASP C 231 -15.31 -12.75 -20.57
N ILE C 232 -15.48 -12.16 -19.40
CA ILE C 232 -14.58 -12.49 -18.29
C ILE C 232 -14.81 -13.92 -17.88
N ASP C 233 -16.07 -14.28 -17.69
CA ASP C 233 -16.39 -15.61 -17.24
C ASP C 233 -16.00 -16.63 -18.26
N LYS C 234 -16.28 -16.34 -19.52
CA LYS C 234 -15.89 -17.25 -20.56
C LYS C 234 -14.35 -17.46 -20.64
N ALA C 235 -13.59 -16.38 -20.50
CA ALA C 235 -12.13 -16.49 -20.49
C ALA C 235 -11.63 -17.40 -19.38
N MET C 236 -12.18 -17.25 -18.19
CA MET C 236 -11.76 -18.10 -17.10
C MET C 236 -12.21 -19.54 -17.32
N LYS C 237 -13.38 -19.73 -17.93
CA LYS C 237 -13.86 -21.09 -18.20
C LYS C 237 -13.01 -21.85 -19.21
N LEU C 238 -12.73 -21.22 -20.33
CA LEU C 238 -11.93 -21.84 -21.36
C LEU C 238 -10.44 -21.69 -21.15
N GLY C 239 -10.03 -20.62 -20.50
CA GLY C 239 -8.61 -20.32 -20.37
C GLY C 239 -7.96 -21.07 -19.23
N ALA C 240 -8.70 -21.22 -18.15
CA ALA C 240 -8.18 -21.87 -16.95
C ALA C 240 -8.86 -23.18 -16.70
N ASN C 241 -9.77 -23.54 -17.60
CA ASN C 241 -10.56 -24.74 -17.51
C ASN C 241 -11.37 -24.83 -16.21
N HIS C 242 -12.03 -23.75 -15.85
CA HIS C 242 -12.85 -23.72 -14.65
C HIS C 242 -14.29 -24.07 -15.01
N PRO C 243 -15.03 -24.60 -14.04
CA PRO C 243 -16.42 -24.97 -14.28
C PRO C 243 -17.37 -23.78 -14.34
N MET C 244 -17.10 -22.75 -13.54
CA MET C 244 -17.83 -21.51 -13.59
C MET C 244 -16.86 -20.35 -13.71
N GLY C 245 -17.25 -19.29 -14.40
CA GLY C 245 -16.48 -18.06 -14.34
C GLY C 245 -16.66 -17.35 -13.00
N PRO C 246 -15.69 -16.55 -12.61
CA PRO C 246 -15.72 -15.90 -11.30
C PRO C 246 -16.97 -15.05 -11.04
N LEU C 247 -17.47 -14.35 -12.05
CA LEU C 247 -18.62 -13.51 -11.80
C LEU C 247 -19.88 -14.33 -11.58
N GLU C 248 -20.12 -15.34 -12.41
CA GLU C 248 -21.32 -16.18 -12.19
C GLU C 248 -21.16 -16.97 -10.89
N LEU C 249 -19.91 -17.25 -10.53
CA LEU C 249 -19.61 -17.91 -9.27
C LEU C 249 -19.90 -17.01 -8.09
N GLY C 250 -19.58 -15.73 -8.20
CA GLY C 250 -19.89 -14.80 -7.13
C GLY C 250 -21.38 -14.70 -6.93
N ASP C 251 -22.13 -14.72 -8.03
CA ASP C 251 -23.58 -14.66 -7.99
C ASP C 251 -24.17 -15.91 -7.32
N PHE C 252 -23.44 -17.00 -7.43
CA PHE C 252 -23.88 -18.27 -6.93
C PHE C 252 -23.57 -18.45 -5.45
N ILE C 253 -22.39 -18.03 -5.04
CA ILE C 253 -22.04 -17.96 -3.63
C ILE C 253 -22.88 -16.90 -2.94
N GLY C 254 -23.21 -15.84 -3.65
CA GLY C 254 -23.86 -14.68 -3.05
C GLY C 254 -22.83 -13.58 -2.89
N LEU C 255 -23.13 -12.43 -3.50
CA LEU C 255 -22.23 -11.30 -3.50
C LEU C 255 -22.02 -10.71 -2.11
N ASP C 256 -23.05 -10.70 -1.29
CA ASP C 256 -22.92 -10.26 0.11
C ASP C 256 -21.93 -11.11 0.88
N ILE C 257 -21.93 -12.39 0.59
CA ILE C 257 -21.02 -13.31 1.27
C ILE C 257 -19.60 -13.07 0.78
N CYS C 258 -19.47 -12.90 -0.55
CA CYS C 258 -18.19 -12.58 -1.15
C CYS C 258 -17.61 -11.29 -0.52
N LEU C 259 -18.44 -10.26 -0.38
CA LEU C 259 -17.99 -9.00 0.20
C LEU C 259 -17.61 -9.17 1.67
N ALA C 260 -18.41 -9.89 2.44
CA ALA C 260 -18.10 -10.09 3.85
C ALA C 260 -16.77 -10.79 4.04
N ILE C 261 -16.43 -11.69 3.12
CA ILE C 261 -15.16 -12.40 3.23
C ILE C 261 -13.98 -11.52 2.85
N MET C 262 -14.18 -10.67 1.84
CA MET C 262 -13.14 -9.73 1.45
C MET C 262 -12.94 -8.80 2.65
N ASP C 263 -14.04 -8.34 3.22
CA ASP C 263 -13.98 -7.50 4.41
C ASP C 263 -13.13 -8.12 5.53
N VAL C 264 -13.32 -9.42 5.75
CA VAL C 264 -12.60 -10.12 6.79
C VAL C 264 -11.12 -10.25 6.46
N LEU C 265 -10.80 -10.56 5.21
CA LEU C 265 -9.40 -10.66 4.80
C LEU C 265 -8.69 -9.38 5.09
N TYR C 266 -9.31 -8.31 4.67
CA TYR C 266 -8.70 -7.01 4.77
C TYR C 266 -8.58 -6.59 6.24
N SER C 267 -9.66 -6.77 6.99
CA SER C 267 -9.63 -6.44 8.39
C SER C 267 -8.58 -7.22 9.20
N GLU C 268 -8.54 -8.54 9.01
CA GLU C 268 -7.58 -9.39 9.71
C GLU C 268 -6.14 -9.12 9.34
N THR C 269 -5.83 -9.14 8.06
CA THR C 269 -4.46 -8.91 7.64
C THR C 269 -4.02 -7.46 7.77
N GLY C 270 -4.96 -6.53 7.63
CA GLY C 270 -4.60 -5.12 7.55
C GLY C 270 -3.91 -4.72 6.25
N ASP C 271 -3.97 -5.58 5.25
CA ASP C 271 -3.25 -5.37 4.02
C ASP C 271 -4.20 -4.98 2.90
N SER C 272 -3.99 -3.79 2.34
CA SER C 272 -4.74 -3.26 1.19
C SER C 272 -4.89 -4.22 0.04
N LYS C 273 -3.97 -5.15 -0.08
CA LYS C 273 -4.06 -6.18 -1.08
C LYS C 273 -5.44 -6.82 -1.19
N TYR C 274 -6.14 -6.98 -0.06
CA TYR C 274 -7.43 -7.67 -0.04
C TYR C 274 -8.58 -6.71 0.07
N ARG C 275 -8.40 -5.45 -0.30
CA ARG C 275 -9.50 -4.53 -0.20
C ARG C 275 -10.55 -4.92 -1.23
N PRO C 276 -11.80 -4.91 -0.81
CA PRO C 276 -12.85 -5.28 -1.71
C PRO C 276 -13.05 -4.21 -2.69
N HIS C 277 -13.38 -4.59 -3.91
CA HIS C 277 -13.61 -3.60 -4.90
C HIS C 277 -14.85 -2.74 -4.59
N THR C 278 -14.80 -1.56 -5.13
CA THR C 278 -15.77 -0.54 -4.88
C THR C 278 -17.11 -0.86 -5.57
N LEU C 279 -17.02 -1.56 -6.70
CA LEU C 279 -18.17 -1.98 -7.46
C LEU C 279 -18.89 -3.13 -6.77
N LEU C 280 -18.13 -4.02 -6.14
CA LEU C 280 -18.74 -5.11 -5.42
C LEU C 280 -19.59 -4.52 -4.30
N LYS C 281 -19.04 -3.52 -3.61
CA LYS C 281 -19.79 -2.79 -2.59
C LYS C 281 -21.09 -2.25 -3.13
N LYS C 282 -21.01 -1.69 -4.33
CA LYS C 282 -22.19 -1.07 -4.90
C LYS C 282 -23.26 -2.09 -5.26
N TYR C 283 -22.87 -3.21 -5.85
CA TYR C 283 -23.81 -4.29 -6.15
C TYR C 283 -24.51 -4.75 -4.87
N VAL C 284 -23.76 -4.95 -3.81
CA VAL C 284 -24.35 -5.46 -2.61
C VAL C 284 -25.32 -4.45 -2.02
N ARG C 285 -24.91 -3.19 -2.01
CA ARG C 285 -25.75 -2.13 -1.51
C ARG C 285 -27.06 -2.02 -2.25
N ALA C 286 -27.06 -2.42 -3.51
CA ALA C 286 -28.27 -2.43 -4.31
C ALA C 286 -29.22 -3.59 -3.98
N GLY C 287 -28.69 -4.61 -3.31
CA GLY C 287 -29.45 -5.84 -3.06
C GLY C 287 -29.35 -6.80 -4.23
N TRP C 288 -28.43 -6.52 -5.15
CA TRP C 288 -28.20 -7.39 -6.29
C TRP C 288 -27.17 -8.41 -5.87
N LEU C 289 -27.61 -9.42 -5.14
CA LEU C 289 -26.70 -10.34 -4.53
C LEU C 289 -26.39 -11.58 -5.32
N GLY C 290 -27.04 -11.76 -6.46
CA GLY C 290 -26.78 -12.94 -7.28
C GLY C 290 -28.04 -13.76 -7.52
N ARG C 291 -27.88 -15.07 -7.59
CA ARG C 291 -29.03 -15.94 -7.82
C ARG C 291 -30.11 -15.73 -6.78
N LYS C 292 -29.75 -15.71 -5.51
CA LYS C 292 -30.75 -15.50 -4.47
C LYS C 292 -31.60 -14.23 -4.54
N SER C 293 -31.31 -13.29 -5.43
CA SER C 293 -32.13 -12.09 -5.51
C SER C 293 -32.76 -11.93 -6.85
N GLY C 294 -32.40 -12.81 -7.78
CA GLY C 294 -32.85 -12.67 -9.14
C GLY C 294 -31.90 -11.80 -9.93
N LYS C 295 -30.83 -11.32 -9.27
CA LYS C 295 -29.91 -10.40 -9.92
C LYS C 295 -28.60 -10.22 -9.21
N GLY C 296 -27.53 -10.40 -9.96
CA GLY C 296 -26.22 -9.92 -9.52
C GLY C 296 -25.50 -9.36 -10.72
N PHE C 297 -24.32 -9.89 -11.00
CA PHE C 297 -23.66 -9.62 -12.25
C PHE C 297 -24.46 -10.10 -13.44
N TYR C 298 -25.31 -11.11 -13.25
CA TYR C 298 -26.22 -11.52 -14.31
C TYR C 298 -27.63 -11.28 -13.84
N ASP C 299 -28.53 -11.21 -14.81
CA ASP C 299 -29.93 -11.19 -14.53
C ASP C 299 -30.46 -12.62 -14.60
N TYR C 300 -31.30 -12.98 -13.63
CA TYR C 300 -31.82 -14.34 -13.53
C TYR C 300 -33.34 -14.32 -13.72
N SER C 301 -33.78 -13.55 -14.71
CA SER C 301 -35.18 -13.52 -15.16
C SER C 301 -35.42 -14.55 -16.27
N MET D 21 37.26 -30.47 8.39
CA MET D 21 36.85 -29.43 9.41
C MET D 21 38.03 -28.60 9.93
N LYS D 22 39.10 -28.51 9.13
CA LYS D 22 40.36 -27.95 9.60
C LYS D 22 40.88 -26.82 8.72
N LYS D 23 40.86 -27.03 7.41
CA LYS D 23 41.42 -26.04 6.49
C LYS D 23 40.31 -25.14 5.96
N VAL D 24 40.60 -23.85 5.92
CA VAL D 24 39.62 -22.81 5.63
C VAL D 24 40.19 -21.77 4.71
N CYS D 25 39.52 -21.53 3.60
CA CYS D 25 39.93 -20.46 2.73
C CYS D 25 39.00 -19.30 2.94
N VAL D 26 39.49 -18.10 2.65
CA VAL D 26 38.71 -16.90 2.72
C VAL D 26 39.02 -16.10 1.49
N ILE D 27 37.99 -15.65 0.79
CA ILE D 27 38.18 -14.78 -0.35
C ILE D 27 37.84 -13.39 0.11
N GLY D 28 38.61 -12.41 -0.35
CA GLY D 28 38.36 -11.03 0.03
C GLY D 28 39.20 -10.60 1.23
N ALA D 29 40.04 -9.60 1.01
CA ALA D 29 40.95 -9.13 2.05
C ALA D 29 40.58 -7.72 2.51
N GLY D 30 39.29 -7.39 2.41
CA GLY D 30 38.79 -6.13 2.95
C GLY D 30 38.70 -6.25 4.46
N THR D 31 37.89 -5.40 5.06
CA THR D 31 37.71 -5.43 6.51
C THR D 31 37.10 -6.76 6.98
N MET D 32 36.06 -7.22 6.28
CA MET D 32 35.30 -8.39 6.73
C MET D 32 36.07 -9.68 6.57
N GLY D 33 36.58 -9.88 5.36
CA GLY D 33 37.34 -11.09 5.04
C GLY D 33 38.57 -11.22 5.91
N SER D 34 39.25 -10.09 6.14
CA SER D 34 40.46 -10.09 6.94
C SER D 34 40.13 -10.46 8.39
N GLY D 35 39.04 -9.91 8.91
CA GLY D 35 38.62 -10.22 10.28
C GLY D 35 38.19 -11.65 10.42
N ILE D 36 37.65 -12.23 9.36
CA ILE D 36 37.15 -13.59 9.44
C ILE D 36 38.33 -14.54 9.49
N ALA D 37 39.33 -14.25 8.66
CA ALA D 37 40.57 -15.03 8.62
C ALA D 37 41.22 -15.02 10.00
N GLN D 38 41.39 -13.81 10.54
CA GLN D 38 41.93 -13.66 11.88
C GLN D 38 41.15 -14.53 12.89
N ALA D 39 39.83 -14.37 12.91
CA ALA D 39 38.96 -15.10 13.85
C ALA D 39 39.13 -16.62 13.79
N PHE D 40 39.37 -17.10 12.58
CA PHE D 40 39.63 -18.53 12.33
C PHE D 40 41.00 -18.99 12.82
N ALA D 41 42.04 -18.33 12.33
CA ALA D 41 43.41 -18.62 12.76
C ALA D 41 43.50 -18.59 14.28
N ALA D 42 43.00 -17.51 14.89
CA ALA D 42 42.97 -17.36 16.35
C ALA D 42 42.54 -18.59 17.14
N LYS D 43 41.82 -19.51 16.49
CA LYS D 43 41.40 -20.75 17.16
C LYS D 43 42.15 -22.00 16.67
N GLY D 44 43.11 -21.82 15.78
CA GLY D 44 43.94 -22.93 15.32
C GLY D 44 43.36 -23.64 14.12
N PHE D 45 43.11 -22.86 13.07
CA PHE D 45 42.69 -23.37 11.79
C PHE D 45 43.73 -22.93 10.79
N GLU D 46 44.00 -23.78 9.81
CA GLU D 46 44.89 -23.39 8.73
C GLU D 46 44.07 -22.51 7.83
N VAL D 47 44.56 -21.30 7.55
CA VAL D 47 43.74 -20.35 6.81
C VAL D 47 44.46 -19.84 5.59
N VAL D 48 43.79 -19.91 4.45
CA VAL D 48 44.23 -19.21 3.25
C VAL D 48 43.50 -17.89 3.17
N LEU D 49 44.08 -16.94 2.46
CA LEU D 49 43.49 -15.64 2.28
C LEU D 49 43.74 -15.14 0.87
N ARG D 50 42.68 -15.12 0.08
CA ARG D 50 42.79 -14.86 -1.33
C ARG D 50 42.21 -13.48 -1.66
N ASP D 51 42.95 -12.71 -2.47
CA ASP D 51 42.34 -11.61 -3.25
C ASP D 51 42.87 -11.55 -4.71
N ILE D 52 42.54 -10.50 -5.44
CA ILE D 52 42.88 -10.41 -6.87
C ILE D 52 44.18 -9.66 -7.14
N LYS D 53 44.93 -9.35 -6.08
CA LYS D 53 46.18 -8.57 -6.18
C LYS D 53 46.85 -8.43 -4.82
N ASP D 54 48.18 -8.56 -4.80
CA ASP D 54 48.98 -8.46 -3.57
C ASP D 54 48.72 -7.22 -2.71
N GLU D 55 48.54 -6.04 -3.32
CA GLU D 55 48.21 -4.84 -2.54
C GLU D 55 47.21 -5.20 -1.47
N PHE D 56 46.09 -5.76 -1.93
CA PHE D 56 44.93 -6.09 -1.10
C PHE D 56 45.29 -7.15 -0.09
N VAL D 57 45.95 -8.20 -0.57
CA VAL D 57 46.31 -9.30 0.32
C VAL D 57 47.19 -8.76 1.43
N ASP D 58 48.30 -8.14 1.02
CA ASP D 58 49.23 -7.50 1.94
C ASP D 58 48.45 -6.51 2.82
N ARG D 59 47.79 -5.55 2.19
CA ARG D 59 46.94 -4.56 2.89
C ARG D 59 46.04 -5.17 3.98
N GLY D 60 45.55 -6.37 3.73
CA GLY D 60 44.72 -7.11 4.68
C GLY D 60 45.53 -7.80 5.77
N LEU D 61 46.58 -8.52 5.38
CA LEU D 61 47.49 -9.12 6.35
C LEU D 61 48.06 -8.04 7.24
N ASP D 62 48.25 -6.87 6.64
CA ASP D 62 48.64 -5.67 7.35
C ASP D 62 47.64 -5.29 8.46
N PHE D 63 46.36 -5.26 8.10
CA PHE D 63 45.27 -4.89 9.01
C PHE D 63 45.18 -5.85 10.19
N ILE D 64 45.32 -7.14 9.89
CA ILE D 64 45.37 -8.19 10.89
C ILE D 64 46.53 -7.96 11.84
N ASN D 65 47.68 -7.66 11.24
CA ASN D 65 48.90 -7.38 12.00
C ASN D 65 48.61 -6.39 13.12
N LYS D 66 47.82 -5.37 12.82
CA LYS D 66 47.51 -4.33 13.80
C LYS D 66 46.56 -4.72 14.91
N ASN D 67 45.41 -5.29 14.56
CA ASN D 67 44.43 -5.66 15.58
C ASN D 67 45.07 -6.63 16.54
N LEU D 68 45.84 -7.56 15.98
CA LEU D 68 46.62 -8.51 16.79
C LEU D 68 47.64 -7.79 17.64
N SER D 69 48.20 -6.72 17.07
CA SER D 69 49.14 -5.84 17.76
C SER D 69 48.47 -5.01 18.84
N LYS D 70 47.43 -4.27 18.44
CA LYS D 70 46.59 -3.56 19.39
C LYS D 70 46.18 -4.52 20.53
N LEU D 71 46.05 -5.80 20.21
CA LEU D 71 45.78 -6.83 21.22
C LEU D 71 46.93 -7.11 22.18
N VAL D 72 48.09 -7.54 21.67
CA VAL D 72 49.25 -7.81 22.56
C VAL D 72 49.78 -6.56 23.29
N LYS D 73 49.12 -5.43 23.09
CA LYS D 73 49.48 -4.19 23.78
C LYS D 73 48.60 -3.99 25.01
N LYS D 74 47.83 -5.02 25.31
CA LYS D 74 47.10 -5.10 26.56
C LYS D 74 47.37 -6.50 27.03
N GLY D 75 46.81 -6.89 28.17
CA GLY D 75 46.90 -8.27 28.61
C GLY D 75 46.29 -9.24 27.60
N LYS D 76 45.66 -8.71 26.55
CA LYS D 76 44.80 -9.50 25.68
C LYS D 76 45.46 -10.79 25.20
N ILE D 77 46.55 -10.69 24.46
CA ILE D 77 47.25 -11.90 24.06
C ILE D 77 48.75 -11.78 24.23
N GLU D 78 49.41 -12.92 24.24
CA GLU D 78 50.87 -13.01 24.28
C GLU D 78 51.42 -12.85 22.87
N GLU D 79 52.58 -12.18 22.72
CA GLU D 79 53.22 -12.00 21.41
C GLU D 79 53.64 -13.32 20.73
N ALA D 80 53.60 -14.43 21.48
CA ALA D 80 53.79 -15.77 20.91
C ALA D 80 52.65 -16.14 19.95
N THR D 81 51.41 -16.09 20.44
CA THR D 81 50.20 -16.22 19.60
C THR D 81 49.76 -14.87 19.02
N LYS D 82 50.70 -13.99 18.76
CA LYS D 82 50.54 -13.04 17.68
C LYS D 82 51.15 -13.77 16.49
N VAL D 83 52.45 -14.03 16.59
CA VAL D 83 53.23 -14.53 15.45
C VAL D 83 52.82 -15.95 15.09
N GLU D 84 52.33 -16.71 16.08
CA GLU D 84 51.79 -18.06 15.83
C GLU D 84 50.51 -17.99 14.96
N ILE D 85 49.70 -16.96 15.18
CA ILE D 85 48.49 -16.75 14.38
C ILE D 85 48.82 -16.43 12.92
N LEU D 86 49.71 -15.47 12.68
CA LEU D 86 50.05 -15.05 11.30
C LEU D 86 50.74 -16.18 10.51
N THR D 87 51.27 -17.17 11.23
CA THR D 87 51.84 -18.39 10.63
C THR D 87 50.80 -19.25 9.92
N ARG D 88 49.64 -19.38 10.56
CA ARG D 88 48.54 -20.19 10.03
C ARG D 88 47.84 -19.52 8.84
N ILE D 89 47.98 -18.21 8.75
CA ILE D 89 47.31 -17.43 7.73
C ILE D 89 48.27 -17.16 6.60
N SER D 90 48.07 -17.88 5.49
CA SER D 90 48.89 -17.69 4.31
C SER D 90 48.05 -17.08 3.19
N GLY D 91 48.50 -15.96 2.66
CA GLY D 91 47.73 -15.20 1.68
C GLY D 91 48.23 -15.42 0.27
N THR D 92 47.31 -15.44 -0.67
CA THR D 92 47.62 -15.75 -2.06
C THR D 92 46.69 -14.97 -2.97
N VAL D 93 46.87 -15.15 -4.27
CA VAL D 93 45.86 -14.73 -5.22
C VAL D 93 45.45 -15.93 -6.07
N ASP D 94 45.90 -17.10 -5.64
CA ASP D 94 45.76 -18.29 -6.43
C ASP D 94 44.49 -18.98 -6.01
N LEU D 95 43.39 -18.64 -6.68
CA LEU D 95 42.09 -19.25 -6.36
C LEU D 95 42.25 -20.76 -6.21
N ASN D 96 43.11 -21.30 -7.07
CA ASN D 96 43.45 -22.71 -7.03
C ASN D 96 43.95 -23.21 -5.66
N MET D 97 44.37 -22.28 -4.79
CA MET D 97 44.87 -22.61 -3.44
C MET D 97 43.78 -23.05 -2.46
N ALA D 98 42.52 -22.96 -2.89
CA ALA D 98 41.36 -23.33 -2.07
C ALA D 98 41.04 -24.81 -2.15
N ALA D 99 41.42 -25.42 -3.27
CA ALA D 99 41.11 -26.81 -3.64
C ALA D 99 41.11 -27.82 -2.48
N ASP D 100 42.03 -27.64 -1.54
CA ASP D 100 42.19 -28.54 -0.38
C ASP D 100 41.14 -28.36 0.72
N CYS D 101 40.68 -27.11 0.88
CA CYS D 101 39.94 -26.69 2.07
C CYS D 101 38.69 -27.52 2.35
N ASP D 102 38.27 -27.53 3.61
CA ASP D 102 37.02 -28.19 4.01
C ASP D 102 35.86 -27.22 4.01
N LEU D 103 36.19 -25.93 4.05
CA LEU D 103 35.22 -24.85 4.09
C LEU D 103 35.77 -23.59 3.43
N VAL D 104 34.96 -22.95 2.59
CA VAL D 104 35.35 -21.70 1.92
C VAL D 104 34.34 -20.61 2.16
N ILE D 105 34.83 -19.38 2.31
CA ILE D 105 33.99 -18.24 2.64
C ILE D 105 34.28 -17.03 1.79
N GLU D 106 33.32 -16.62 0.99
CA GLU D 106 33.46 -15.45 0.15
C GLU D 106 33.03 -14.20 0.92
N ALA D 107 33.90 -13.20 0.91
CA ALA D 107 33.63 -11.91 1.53
C ALA D 107 33.98 -10.78 0.57
N ALA D 108 33.97 -11.08 -0.73
CA ALA D 108 34.22 -10.08 -1.75
C ALA D 108 33.01 -9.15 -1.88
N VAL D 109 33.03 -8.36 -2.95
CA VAL D 109 32.09 -7.27 -3.09
C VAL D 109 30.70 -7.75 -3.52
N GLU D 110 29.70 -6.93 -3.16
CA GLU D 110 28.29 -7.27 -3.31
C GLU D 110 27.78 -7.04 -4.74
N ARG D 111 28.39 -7.72 -5.70
CA ARG D 111 27.87 -7.77 -7.04
C ARG D 111 27.58 -9.22 -7.35
N MET D 112 26.37 -9.52 -7.81
CA MET D 112 25.93 -10.91 -8.00
C MET D 112 26.56 -11.58 -9.21
N ASP D 113 26.59 -10.89 -10.36
CA ASP D 113 27.31 -11.40 -11.53
C ASP D 113 28.69 -11.95 -11.13
N ILE D 114 29.34 -11.26 -10.20
CA ILE D 114 30.68 -11.63 -9.75
C ILE D 114 30.66 -12.78 -8.77
N LYS D 115 29.77 -12.72 -7.77
CA LYS D 115 29.69 -13.79 -6.78
C LYS D 115 29.41 -15.17 -7.39
N LYS D 116 28.71 -15.17 -8.52
CA LYS D 116 28.38 -16.41 -9.22
C LYS D 116 29.61 -17.00 -9.88
N GLN D 117 30.37 -16.17 -10.58
CA GLN D 117 31.64 -16.62 -11.15
C GLN D 117 32.60 -17.09 -10.05
N ILE D 118 32.82 -16.26 -9.04
CA ILE D 118 33.61 -16.69 -7.89
C ILE D 118 33.21 -18.10 -7.48
N PHE D 119 31.91 -18.36 -7.49
CA PHE D 119 31.35 -19.56 -6.90
C PHE D 119 31.34 -20.75 -7.85
N ALA D 120 31.11 -20.48 -9.13
CA ALA D 120 31.16 -21.51 -10.16
C ALA D 120 32.55 -22.13 -10.21
N ASP D 121 33.56 -21.29 -10.35
CA ASP D 121 34.93 -21.77 -10.46
C ASP D 121 35.28 -22.62 -9.28
N LEU D 122 35.08 -22.07 -8.10
CA LEU D 122 35.29 -22.81 -6.89
C LEU D 122 34.57 -24.18 -6.90
N ASP D 123 33.46 -24.25 -7.64
CA ASP D 123 32.70 -25.49 -7.77
C ASP D 123 33.50 -26.58 -8.49
N ASN D 124 34.25 -26.18 -9.51
CA ASN D 124 35.16 -27.09 -10.21
C ASN D 124 36.44 -27.35 -9.41
N ILE D 125 37.00 -26.28 -8.84
CA ILE D 125 38.33 -26.30 -8.20
C ILE D 125 38.42 -27.12 -6.92
N CYS D 126 37.29 -27.47 -6.32
CA CYS D 126 37.36 -28.05 -5.00
C CYS D 126 36.85 -29.46 -4.95
N LYS D 127 37.17 -30.05 -3.82
CA LYS D 127 36.87 -31.42 -3.52
C LYS D 127 35.41 -31.53 -3.13
N PRO D 128 34.70 -32.52 -3.67
CA PRO D 128 33.30 -32.77 -3.39
C PRO D 128 32.84 -32.35 -1.98
N GLU D 129 33.65 -32.65 -0.96
CA GLU D 129 33.29 -32.38 0.43
C GLU D 129 33.32 -30.87 0.80
N THR D 130 34.09 -30.07 0.07
CA THR D 130 34.20 -28.63 0.35
C THR D 130 32.89 -27.87 0.33
N ILE D 131 32.63 -27.19 1.43
CA ILE D 131 31.41 -26.41 1.60
C ILE D 131 31.69 -24.95 1.34
N LEU D 132 30.84 -24.32 0.53
CA LEU D 132 31.05 -22.95 0.13
C LEU D 132 30.09 -22.05 0.87
N ALA D 133 30.57 -20.88 1.27
CA ALA D 133 29.78 -19.98 2.08
C ALA D 133 30.04 -18.54 1.71
N SER D 134 29.02 -17.72 1.84
CA SER D 134 29.13 -16.29 1.58
C SER D 134 28.79 -15.50 2.84
N ASN D 135 29.29 -14.26 2.88
CA ASN D 135 29.08 -13.40 4.02
C ASN D 135 28.17 -12.25 3.63
N THR D 136 27.59 -12.36 2.44
CA THR D 136 26.73 -11.32 1.93
C THR D 136 25.60 -11.05 2.91
N SER D 137 25.11 -9.82 2.88
CA SER D 137 23.97 -9.41 3.69
C SER D 137 22.71 -9.30 2.87
N SER D 138 22.88 -9.21 1.55
CA SER D 138 21.84 -8.68 0.69
C SER D 138 21.63 -9.41 -0.65
N LEU D 139 22.47 -10.41 -0.92
CA LEU D 139 22.31 -11.21 -2.13
C LEU D 139 21.82 -12.59 -1.76
N SER D 140 21.06 -13.20 -2.66
CA SER D 140 20.42 -14.49 -2.39
C SER D 140 21.39 -15.68 -2.43
N ILE D 141 21.52 -16.36 -1.29
CA ILE D 141 22.35 -17.56 -1.19
C ILE D 141 21.92 -18.57 -2.22
N THR D 142 20.60 -18.73 -2.31
CA THR D 142 19.98 -19.68 -3.22
C THR D 142 20.36 -19.41 -4.66
N GLU D 143 20.37 -18.14 -5.04
CA GLU D 143 20.60 -17.81 -6.44
C GLU D 143 22.04 -18.08 -6.78
N VAL D 144 22.90 -17.84 -5.80
CA VAL D 144 24.31 -18.05 -5.97
C VAL D 144 24.62 -19.54 -6.10
N ALA D 145 24.02 -20.34 -5.21
CA ALA D 145 24.17 -21.79 -5.21
C ALA D 145 23.85 -22.36 -6.60
N SER D 146 22.95 -21.69 -7.28
CA SER D 146 22.53 -22.06 -8.62
C SER D 146 23.60 -21.92 -9.68
N ALA D 147 24.74 -21.34 -9.31
CA ALA D 147 25.87 -21.25 -10.25
C ALA D 147 26.71 -22.52 -10.19
N THR D 148 26.50 -23.29 -9.13
CA THR D 148 27.31 -24.43 -8.82
C THR D 148 26.48 -25.67 -9.01
N LYS D 149 27.14 -26.81 -8.85
CA LYS D 149 26.48 -28.12 -8.93
C LYS D 149 26.54 -28.82 -7.58
N ARG D 150 26.74 -28.06 -6.50
CA ARG D 150 26.67 -28.60 -5.15
C ARG D 150 25.87 -27.68 -4.21
N PRO D 151 24.71 -27.22 -4.69
CA PRO D 151 23.80 -26.40 -3.90
C PRO D 151 23.60 -26.93 -2.51
N ASP D 152 23.69 -28.25 -2.36
CA ASP D 152 23.43 -28.92 -1.10
C ASP D 152 24.42 -28.49 -0.03
N LYS D 153 25.55 -27.97 -0.47
CA LYS D 153 26.57 -27.49 0.43
C LYS D 153 26.96 -26.09 0.07
N VAL D 154 25.95 -25.28 -0.19
CA VAL D 154 26.14 -23.85 -0.28
C VAL D 154 25.32 -23.27 0.84
N ILE D 155 25.85 -22.23 1.45
CA ILE D 155 25.25 -21.73 2.65
C ILE D 155 25.71 -20.29 2.85
N GLY D 156 25.12 -19.63 3.84
CA GLY D 156 25.53 -18.30 4.20
C GLY D 156 26.09 -18.30 5.58
N MET D 157 27.20 -17.61 5.75
CA MET D 157 27.78 -17.41 7.05
C MET D 157 27.90 -15.92 7.24
N HIS D 158 26.95 -15.34 7.97
CA HIS D 158 26.92 -13.89 8.12
C HIS D 158 27.57 -13.46 9.42
N PHE D 159 28.69 -12.76 9.30
CA PHE D 159 29.46 -12.32 10.44
C PHE D 159 29.16 -10.88 10.77
N PHE D 160 29.55 -10.48 11.97
CA PHE D 160 29.30 -9.13 12.41
C PHE D 160 30.58 -8.42 12.74
N ASN D 161 30.83 -7.38 11.96
CA ASN D 161 31.92 -6.45 12.13
C ASN D 161 31.96 -5.85 13.54
N PRO D 162 33.06 -5.99 14.27
CA PRO D 162 34.31 -6.65 13.82
C PRO D 162 34.33 -8.16 14.03
N ALA D 163 34.65 -8.87 12.97
CA ALA D 163 34.51 -10.33 12.94
C ALA D 163 35.18 -11.06 14.11
N PRO D 164 36.42 -10.68 14.48
CA PRO D 164 37.14 -11.39 15.55
C PRO D 164 36.49 -11.32 16.91
N VAL D 165 35.74 -10.26 17.15
CA VAL D 165 35.13 -10.02 18.43
C VAL D 165 33.69 -10.50 18.45
N MET D 166 32.90 -9.97 17.53
CA MET D 166 31.46 -10.20 17.53
C MET D 166 31.18 -11.67 17.46
N LYS D 167 30.39 -12.12 18.42
CA LYS D 167 30.11 -13.54 18.59
C LYS D 167 29.07 -14.13 17.66
N LEU D 168 28.17 -13.31 17.14
CA LEU D 168 27.03 -13.86 16.42
C LEU D 168 27.41 -14.27 15.01
N VAL D 169 26.78 -15.34 14.56
CA VAL D 169 26.85 -15.71 13.17
C VAL D 169 25.47 -16.14 12.74
N GLU D 170 24.98 -15.53 11.67
CA GLU D 170 23.71 -15.95 11.13
C GLU D 170 24.04 -17.00 10.09
N VAL D 171 23.60 -18.24 10.32
CA VAL D 171 23.81 -19.27 9.32
C VAL D 171 22.59 -19.29 8.42
N ILE D 172 22.80 -18.93 7.18
CA ILE D 172 21.74 -18.69 6.24
C ILE D 172 21.62 -19.88 5.34
N ARG D 173 20.48 -20.53 5.43
CA ARG D 173 20.25 -21.67 4.58
C ARG D 173 19.55 -21.27 3.33
N GLY D 174 20.27 -21.40 2.22
CA GLY D 174 19.63 -21.42 0.93
C GLY D 174 18.57 -22.49 0.98
N ILE D 175 17.68 -22.47 0.01
CA ILE D 175 16.57 -23.41 0.02
C ILE D 175 17.01 -24.85 -0.23
N ALA D 176 18.15 -25.01 -0.90
CA ALA D 176 18.66 -26.32 -1.25
C ALA D 176 19.80 -26.75 -0.33
N THR D 177 20.12 -25.93 0.65
CA THR D 177 21.18 -26.23 1.57
C THR D 177 20.80 -27.47 2.37
N SER D 178 21.75 -28.42 2.45
CA SER D 178 21.48 -29.69 3.11
C SER D 178 21.61 -29.48 4.61
N GLN D 179 20.89 -30.28 5.38
CA GLN D 179 21.01 -30.20 6.84
C GLN D 179 22.40 -30.61 7.37
N GLU D 180 23.18 -31.23 6.50
CA GLU D 180 24.49 -31.75 6.85
C GLU D 180 25.48 -30.63 6.65
N THR D 181 25.28 -29.88 5.58
CA THR D 181 26.05 -28.67 5.38
C THR D 181 25.79 -27.68 6.50
N PHE D 182 24.53 -27.60 6.93
CA PHE D 182 24.21 -26.68 8.00
C PHE D 182 24.87 -27.13 9.28
N ASP D 183 24.68 -28.40 9.64
CA ASP D 183 25.19 -28.91 10.92
C ASP D 183 26.71 -28.79 11.03
N ALA D 184 27.40 -28.93 9.89
CA ALA D 184 28.85 -28.73 9.83
C ALA D 184 29.22 -27.32 10.23
N VAL D 185 28.66 -26.34 9.49
CA VAL D 185 28.95 -24.92 9.65
C VAL D 185 28.55 -24.42 11.05
N LYS D 186 27.47 -24.98 11.57
CA LYS D 186 27.07 -24.70 12.94
C LYS D 186 28.17 -25.15 13.91
N GLU D 187 28.65 -26.37 13.72
CA GLU D 187 29.69 -26.93 14.61
C GLU D 187 30.99 -26.16 14.50
N THR D 188 31.34 -25.78 13.28
CA THR D 188 32.60 -25.08 13.06
C THR D 188 32.49 -23.59 13.42
N SER D 189 31.28 -23.12 13.67
CA SER D 189 31.09 -21.74 14.14
C SER D 189 31.28 -21.70 15.65
N ILE D 190 30.81 -22.75 16.32
CA ILE D 190 31.02 -22.91 17.75
C ILE D 190 32.48 -23.23 17.99
N ALA D 191 33.04 -24.05 17.09
CA ALA D 191 34.46 -24.36 17.12
C ALA D 191 35.26 -23.10 17.32
N ILE D 192 34.97 -22.09 16.51
CA ILE D 192 35.72 -20.83 16.58
C ILE D 192 35.17 -19.82 17.60
N GLY D 193 34.38 -20.31 18.55
CA GLY D 193 33.98 -19.51 19.69
C GLY D 193 32.77 -18.64 19.44
N LYS D 194 32.15 -18.81 18.26
CA LYS D 194 30.97 -18.04 17.90
C LYS D 194 29.68 -18.74 18.30
N ASP D 195 28.59 -18.01 18.15
CA ASP D 195 27.30 -18.43 18.62
C ASP D 195 26.26 -18.34 17.50
N PRO D 196 26.13 -19.40 16.70
CA PRO D 196 25.37 -19.32 15.46
C PRO D 196 23.88 -19.47 15.65
N VAL D 197 23.14 -18.94 14.70
CA VAL D 197 21.70 -19.07 14.70
C VAL D 197 21.32 -19.57 13.33
N GLU D 198 20.24 -20.34 13.28
CA GLU D 198 19.83 -20.94 12.02
C GLU D 198 18.79 -20.05 11.35
N VAL D 199 19.12 -19.60 10.15
CA VAL D 199 18.21 -18.73 9.44
C VAL D 199 17.94 -19.29 8.06
N ALA D 200 16.67 -19.26 7.69
CA ALA D 200 16.28 -19.61 6.34
C ALA D 200 16.30 -18.35 5.51
N GLU D 201 16.89 -18.41 4.32
CA GLU D 201 16.97 -17.23 3.47
C GLU D 201 15.65 -16.43 3.40
N ALA D 202 15.80 -15.12 3.62
CA ALA D 202 14.71 -14.14 3.51
C ALA D 202 15.39 -12.78 3.68
N PRO D 203 14.75 -11.70 3.20
CA PRO D 203 15.46 -10.42 3.11
C PRO D 203 15.85 -9.84 4.46
N GLY D 204 17.15 -9.64 4.67
CA GLY D 204 17.63 -9.07 5.91
C GLY D 204 17.84 -10.09 7.02
N PHE D 205 17.63 -11.37 6.74
CA PHE D 205 17.85 -12.42 7.72
C PHE D 205 17.09 -12.05 8.96
N VAL D 206 17.74 -11.97 10.13
CA VAL D 206 17.02 -11.54 11.33
C VAL D 206 17.41 -10.15 11.76
N VAL D 207 18.69 -9.91 11.90
CA VAL D 207 19.15 -8.67 12.53
C VAL D 207 18.83 -7.46 11.70
N ASN D 208 19.29 -7.47 10.46
CA ASN D 208 19.08 -6.34 9.60
C ASN D 208 17.60 -6.10 9.40
N ARG D 209 16.86 -7.19 9.27
CA ARG D 209 15.45 -7.16 8.99
C ARG D 209 14.69 -6.42 10.09
N ILE D 210 15.17 -6.52 11.31
CA ILE D 210 14.56 -5.85 12.45
C ILE D 210 15.16 -4.49 12.76
N LEU D 211 16.47 -4.40 12.65
CA LEU D 211 17.21 -3.29 13.21
C LEU D 211 17.21 -2.09 12.28
N ILE D 212 17.41 -2.32 10.99
CA ILE D 212 17.55 -1.20 10.07
C ILE D 212 16.25 -0.40 9.94
N PRO D 213 15.10 -1.09 9.90
CA PRO D 213 13.83 -0.38 9.80
C PRO D 213 13.53 0.45 11.02
N MET D 214 14.12 0.03 12.13
CA MET D 214 14.08 0.78 13.37
C MET D 214 14.84 2.10 13.24
N ILE D 215 15.94 2.06 12.50
CA ILE D 215 16.69 3.28 12.25
C ILE D 215 15.86 4.12 11.30
N ASN D 216 15.29 3.47 10.31
CA ASN D 216 14.53 4.16 9.31
C ASN D 216 13.33 4.85 9.93
N GLU D 217 12.78 4.24 10.96
CA GLU D 217 11.64 4.77 11.63
C GLU D 217 12.01 6.03 12.38
N ALA D 218 13.16 5.98 13.04
CA ALA D 218 13.71 7.14 13.76
C ALA D 218 13.94 8.35 12.86
N VAL D 219 14.37 8.13 11.64
CA VAL D 219 14.58 9.27 10.74
C VAL D 219 13.25 9.88 10.35
N GLY D 220 12.24 9.03 10.22
CA GLY D 220 10.88 9.48 9.95
C GLY D 220 10.32 10.34 11.07
N ILE D 221 10.65 10.01 12.32
CA ILE D 221 10.23 10.86 13.44
C ILE D 221 10.96 12.20 13.39
N LEU D 222 12.23 12.14 13.02
CA LEU D 222 13.04 13.33 12.87
C LEU D 222 12.50 14.20 11.76
N ALA D 223 12.25 13.58 10.62
CA ALA D 223 11.75 14.29 9.46
C ALA D 223 10.45 15.04 9.71
N GLU D 224 9.57 14.51 10.56
CA GLU D 224 8.28 15.18 10.81
C GLU D 224 8.37 16.16 11.98
N GLY D 225 9.56 16.36 12.52
CA GLY D 225 9.75 17.35 13.56
C GLY D 225 9.20 16.96 14.90
N ILE D 226 9.05 15.66 15.14
CA ILE D 226 8.41 15.15 16.35
C ILE D 226 9.32 15.33 17.54
N ALA D 227 10.58 15.06 17.30
CA ALA D 227 11.58 15.14 18.30
C ALA D 227 12.86 15.44 17.59
N SER D 228 13.84 15.88 18.37
CA SER D 228 15.16 16.19 17.85
C SER D 228 15.99 14.92 17.90
N VAL D 229 17.11 14.91 17.19
CA VAL D 229 17.90 13.67 17.11
C VAL D 229 18.47 13.33 18.48
N GLU D 230 18.79 14.34 19.25
CA GLU D 230 19.35 14.10 20.56
C GLU D 230 18.29 13.43 21.41
N ASP D 231 17.08 13.98 21.38
CA ASP D 231 15.99 13.40 22.17
C ASP D 231 15.51 12.02 21.69
N ILE D 232 15.54 11.80 20.39
CA ILE D 232 15.12 10.52 19.87
C ILE D 232 16.04 9.44 20.38
N ASP D 233 17.33 9.73 20.33
CA ASP D 233 18.32 8.74 20.72
C ASP D 233 18.26 8.53 22.21
N LYS D 234 17.97 9.59 22.94
CA LYS D 234 17.92 9.51 24.38
C LYS D 234 16.69 8.78 24.86
N ALA D 235 15.58 8.99 24.19
CA ALA D 235 14.35 8.24 24.50
C ALA D 235 14.53 6.73 24.28
N MET D 236 15.16 6.34 23.18
CA MET D 236 15.41 4.92 22.93
C MET D 236 16.41 4.31 23.91
N LYS D 237 17.31 5.13 24.43
CA LYS D 237 18.34 4.58 25.32
C LYS D 237 17.78 4.33 26.70
N LEU D 238 17.03 5.29 27.20
CA LEU D 238 16.48 5.21 28.54
C LEU D 238 15.22 4.40 28.54
N GLY D 239 14.43 4.56 27.48
CA GLY D 239 13.14 3.93 27.36
C GLY D 239 13.26 2.48 26.99
N ALA D 240 14.17 2.15 26.07
CA ALA D 240 14.28 0.77 25.62
C ALA D 240 15.52 0.09 26.14
N ASN D 241 16.34 0.85 26.88
CA ASN D 241 17.58 0.35 27.45
C ASN D 241 18.56 -0.10 26.38
N HIS D 242 18.60 0.65 25.28
CA HIS D 242 19.52 0.34 24.21
C HIS D 242 20.82 1.05 24.48
N PRO D 243 21.93 0.47 24.02
CA PRO D 243 23.24 1.03 24.27
C PRO D 243 23.49 2.26 23.41
N MET D 244 22.93 2.28 22.21
CA MET D 244 22.98 3.42 21.31
C MET D 244 21.57 3.80 20.88
N GLY D 245 21.37 5.10 20.67
CA GLY D 245 20.17 5.58 19.98
C GLY D 245 20.26 5.17 18.52
N PRO D 246 19.12 5.11 17.84
CA PRO D 246 19.10 4.59 16.49
C PRO D 246 19.76 5.49 15.47
N LEU D 247 19.73 6.80 15.69
CA LEU D 247 20.29 7.71 14.70
C LEU D 247 21.79 7.70 14.79
N GLU D 248 22.26 7.68 16.02
CA GLU D 248 23.67 7.50 16.29
C GLU D 248 24.13 6.15 15.75
N LEU D 249 23.29 5.15 15.93
CA LEU D 249 23.58 3.82 15.44
C LEU D 249 23.69 3.77 13.91
N GLY D 250 22.79 4.46 13.22
CA GLY D 250 22.84 4.55 11.77
C GLY D 250 24.09 5.24 11.28
N ASP D 251 24.52 6.27 12.00
CA ASP D 251 25.77 6.98 11.70
C ASP D 251 26.96 6.09 11.90
N PHE D 252 26.84 5.18 12.86
CA PHE D 252 27.90 4.26 13.15
C PHE D 252 28.01 3.15 12.12
N ILE D 253 26.88 2.59 11.72
CA ILE D 253 26.86 1.58 10.67
C ILE D 253 27.22 2.22 9.34
N GLY D 254 26.75 3.45 9.17
CA GLY D 254 26.92 4.17 7.91
C GLY D 254 25.56 4.27 7.27
N LEU D 255 25.16 5.47 6.89
CA LEU D 255 23.82 5.72 6.41
C LEU D 255 23.61 5.17 5.03
N ASP D 256 24.68 5.09 4.26
CA ASP D 256 24.60 4.50 2.92
C ASP D 256 24.30 3.01 3.02
N ILE D 257 24.86 2.39 4.05
CA ILE D 257 24.67 0.96 4.25
C ILE D 257 23.27 0.73 4.75
N CYS D 258 22.81 1.59 5.64
CA CYS D 258 21.45 1.55 6.11
C CYS D 258 20.43 1.64 4.98
N LEU D 259 20.71 2.52 4.03
CA LEU D 259 19.78 2.76 2.95
C LEU D 259 19.81 1.62 1.96
N ALA D 260 20.98 1.06 1.72
CA ALA D 260 21.08 -0.06 0.79
C ALA D 260 20.30 -1.26 1.29
N ILE D 261 20.26 -1.42 2.60
CA ILE D 261 19.53 -2.53 3.21
C ILE D 261 18.04 -2.33 3.07
N MET D 262 17.57 -1.12 3.36
CA MET D 262 16.15 -0.84 3.22
C MET D 262 15.74 -0.96 1.78
N ASP D 263 16.60 -0.52 0.87
CA ASP D 263 16.35 -0.70 -0.56
C ASP D 263 16.09 -2.15 -0.88
N VAL D 264 16.89 -3.01 -0.26
CA VAL D 264 16.84 -4.43 -0.54
C VAL D 264 15.59 -5.03 0.07
N LEU D 265 15.29 -4.68 1.31
CA LEU D 265 14.03 -5.10 1.91
C LEU D 265 12.83 -4.73 1.07
N TYR D 266 12.81 -3.50 0.56
CA TYR D 266 11.66 -3.02 -0.17
C TYR D 266 11.57 -3.73 -1.51
N SER D 267 12.71 -3.82 -2.14
CA SER D 267 12.86 -4.44 -3.46
C SER D 267 12.52 -5.93 -3.44
N GLU D 268 13.05 -6.67 -2.47
CA GLU D 268 12.75 -8.10 -2.34
C GLU D 268 11.31 -8.38 -1.96
N THR D 269 10.78 -7.69 -0.95
CA THR D 269 9.42 -7.95 -0.47
C THR D 269 8.39 -7.33 -1.36
N GLY D 270 8.73 -6.25 -2.06
CA GLY D 270 7.73 -5.46 -2.78
C GLY D 270 6.72 -4.76 -1.88
N ASP D 271 7.01 -4.69 -0.59
CA ASP D 271 6.08 -4.15 0.36
C ASP D 271 6.52 -2.76 0.79
N SER D 272 5.63 -1.80 0.61
CA SER D 272 5.84 -0.40 0.95
C SER D 272 6.29 -0.16 2.38
N LYS D 273 5.98 -1.13 3.22
CA LYS D 273 6.34 -1.08 4.61
C LYS D 273 7.82 -0.78 4.79
N TYR D 274 8.64 -1.26 3.87
CA TYR D 274 10.08 -1.14 4.02
C TYR D 274 10.67 -0.04 3.18
N ARG D 275 9.86 0.95 2.80
CA ARG D 275 10.39 2.00 1.97
C ARG D 275 11.30 2.85 2.82
N PRO D 276 12.51 3.10 2.32
CA PRO D 276 13.43 4.00 2.99
C PRO D 276 12.91 5.41 2.98
N HIS D 277 13.14 6.08 4.08
CA HIS D 277 12.68 7.41 4.20
C HIS D 277 13.40 8.33 3.22
N THR D 278 12.66 9.35 2.86
CA THR D 278 13.02 10.29 1.84
C THR D 278 14.20 11.17 2.37
N LEU D 279 14.17 11.45 3.67
CA LEU D 279 15.23 12.20 4.32
C LEU D 279 16.51 11.39 4.39
N LEU D 280 16.40 10.09 4.60
CA LEU D 280 17.58 9.26 4.64
C LEU D 280 18.31 9.30 3.28
N LYS D 281 17.53 9.35 2.21
CA LYS D 281 18.09 9.45 0.88
C LYS D 281 18.81 10.74 0.67
N LYS D 282 18.28 11.81 1.24
CA LYS D 282 18.93 13.09 1.09
C LYS D 282 20.27 13.15 1.85
N TYR D 283 20.31 12.65 3.07
CA TYR D 283 21.57 12.53 3.78
C TYR D 283 22.62 11.76 3.00
N VAL D 284 22.23 10.62 2.42
CA VAL D 284 23.21 9.82 1.69
C VAL D 284 23.67 10.55 0.44
N ARG D 285 22.74 11.23 -0.20
CA ARG D 285 23.08 12.00 -1.38
C ARG D 285 24.05 13.14 -1.12
N ALA D 286 24.08 13.66 0.10
CA ALA D 286 25.01 14.73 0.45
C ALA D 286 26.38 14.18 0.82
N GLY D 287 26.49 12.88 1.00
CA GLY D 287 27.74 12.29 1.45
C GLY D 287 27.90 12.44 2.95
N TRP D 288 26.81 12.73 3.63
CA TRP D 288 26.77 12.79 5.08
C TRP D 288 26.43 11.41 5.60
N LEU D 289 27.38 10.50 5.53
CA LEU D 289 27.11 9.08 5.77
C LEU D 289 27.33 8.62 7.20
N GLY D 290 27.67 9.52 8.11
CA GLY D 290 27.94 9.12 9.48
C GLY D 290 29.39 9.34 9.88
N ARG D 291 29.87 8.51 10.80
CA ARG D 291 31.21 8.65 11.40
C ARG D 291 32.31 8.61 10.37
N LYS D 292 32.25 7.60 9.51
CA LYS D 292 33.28 7.44 8.50
C LYS D 292 33.47 8.64 7.59
N SER D 293 32.53 9.58 7.61
CA SER D 293 32.63 10.73 6.72
C SER D 293 32.61 12.03 7.51
N GLY D 294 32.54 11.94 8.82
CA GLY D 294 32.68 13.12 9.66
C GLY D 294 31.37 13.77 9.95
N LYS D 295 30.32 13.34 9.27
CA LYS D 295 29.00 13.95 9.40
C LYS D 295 27.88 13.00 9.01
N GLY D 296 26.88 12.92 9.88
CA GLY D 296 25.64 12.19 9.59
C GLY D 296 24.47 12.92 10.24
N PHE D 297 23.73 12.23 11.11
CA PHE D 297 22.72 12.91 11.91
C PHE D 297 23.39 13.74 12.99
N TYR D 298 24.59 13.32 13.36
CA TYR D 298 25.44 14.05 14.28
C TYR D 298 26.64 14.61 13.53
N ASP D 299 27.21 15.69 14.05
CA ASP D 299 28.42 16.26 13.48
C ASP D 299 29.62 15.70 14.23
N TYR D 300 30.60 15.13 13.52
CA TYR D 300 31.76 14.52 14.18
C TYR D 300 32.99 15.42 14.08
N SER D 301 32.97 16.46 14.91
CA SER D 301 33.96 17.54 14.89
C SER D 301 33.95 18.27 13.55
N MET E 21 6.28 24.78 41.24
CA MET E 21 5.35 23.63 41.49
C MET E 21 5.69 22.94 42.79
N LYS E 22 4.73 22.89 43.68
CA LYS E 22 4.93 22.33 45.02
C LYS E 22 4.02 21.16 45.30
N LYS E 23 2.78 21.25 44.84
CA LYS E 23 1.77 20.25 45.10
C LYS E 23 1.24 19.61 43.82
N VAL E 24 1.07 18.29 43.86
CA VAL E 24 0.71 17.51 42.69
C VAL E 24 -0.43 16.56 42.97
N CYS E 25 -1.44 16.55 42.11
CA CYS E 25 -2.48 15.54 42.22
C CYS E 25 -2.34 14.51 41.10
N VAL E 26 -2.29 13.25 41.50
CA VAL E 26 -2.17 12.14 40.57
C VAL E 26 -3.47 11.39 40.58
N ILE E 27 -4.12 11.34 39.44
CA ILE E 27 -5.42 10.72 39.35
C ILE E 27 -5.36 9.31 38.80
N GLY E 28 -5.94 8.38 39.53
CA GLY E 28 -5.94 7.00 39.13
C GLY E 28 -4.85 6.37 39.94
N ALA E 29 -5.24 5.39 40.75
CA ALA E 29 -4.34 4.77 41.69
C ALA E 29 -4.03 3.35 41.23
N GLY E 30 -3.69 3.20 39.96
CA GLY E 30 -3.35 1.88 39.41
C GLY E 30 -1.85 1.73 39.47
N THR E 31 -1.34 0.70 38.80
CA THR E 31 0.11 0.51 38.66
C THR E 31 0.88 1.78 38.27
N MET E 32 0.42 2.50 37.25
CA MET E 32 1.14 3.69 36.78
C MET E 32 0.94 4.90 37.68
N GLY E 33 -0.30 5.19 38.05
CA GLY E 33 -0.60 6.38 38.85
C GLY E 33 0.04 6.33 40.22
N SER E 34 -0.04 5.18 40.86
CA SER E 34 0.56 4.98 42.19
C SER E 34 2.08 5.00 42.08
N GLY E 35 2.63 4.46 41.00
CA GLY E 35 4.07 4.60 40.72
C GLY E 35 4.46 6.05 40.58
N ILE E 36 3.57 6.84 39.99
CA ILE E 36 3.84 8.24 39.73
C ILE E 36 3.74 9.05 41.02
N ALA E 37 2.83 8.65 41.90
CA ALA E 37 2.69 9.33 43.18
C ALA E 37 3.93 9.08 44.03
N GLN E 38 4.37 7.84 44.05
CA GLN E 38 5.62 7.51 44.71
C GLN E 38 6.71 8.43 44.20
N ALA E 39 7.04 8.32 42.92
CA ALA E 39 8.17 9.06 42.33
C ALA E 39 8.23 10.51 42.79
N PHE E 40 7.06 11.14 42.91
CA PHE E 40 6.95 12.53 43.32
C PHE E 40 7.17 12.79 44.80
N ALA E 41 6.54 11.98 45.63
CA ALA E 41 6.64 12.14 47.07
C ALA E 41 8.03 11.73 47.55
N ALA E 42 8.66 10.81 46.81
CA ALA E 42 9.99 10.38 47.17
C ALA E 42 10.99 11.49 46.91
N LYS E 43 10.48 12.65 46.47
CA LYS E 43 11.33 13.78 46.14
C LYS E 43 10.81 15.09 46.76
N GLY E 44 9.92 14.96 47.75
CA GLY E 44 9.53 16.07 48.57
C GLY E 44 8.24 16.75 48.16
N PHE E 45 7.50 16.13 47.25
CA PHE E 45 6.26 16.75 46.78
C PHE E 45 5.07 16.40 47.64
N GLU E 46 4.25 17.41 47.90
CA GLU E 46 2.95 17.17 48.51
C GLU E 46 2.06 16.58 47.44
N VAL E 47 1.68 15.32 47.63
CA VAL E 47 0.98 14.58 46.61
C VAL E 47 -0.43 14.26 47.04
N VAL E 48 -1.40 14.73 46.26
CA VAL E 48 -2.77 14.27 46.39
C VAL E 48 -2.93 13.04 45.54
N LEU E 49 -3.86 12.17 45.90
CA LEU E 49 -4.04 11.00 45.13
C LEU E 49 -5.48 10.56 45.13
N ARG E 50 -6.12 10.75 43.98
CA ARG E 50 -7.50 10.46 43.81
C ARG E 50 -7.77 9.20 42.99
N ASP E 51 -8.79 8.45 43.37
CA ASP E 51 -9.41 7.50 42.45
C ASP E 51 -10.90 7.53 42.72
N ILE E 52 -11.63 6.52 42.30
CA ILE E 52 -13.07 6.64 42.30
C ILE E 52 -13.76 6.03 43.53
N LYS E 53 -13.13 5.04 44.16
CA LYS E 53 -13.72 4.39 45.33
C LYS E 53 -12.62 4.00 46.32
N ASP E 54 -12.85 4.30 47.60
CA ASP E 54 -11.85 4.08 48.66
C ASP E 54 -11.10 2.76 48.52
N GLU E 55 -11.80 1.72 48.06
CA GLU E 55 -11.15 0.44 47.77
C GLU E 55 -9.94 0.68 46.87
N PHE E 56 -10.19 1.26 45.71
CA PHE E 56 -9.14 1.49 44.68
C PHE E 56 -7.98 2.30 45.24
N VAL E 57 -8.32 3.37 45.97
CA VAL E 57 -7.33 4.19 46.65
C VAL E 57 -6.42 3.27 47.45
N ASP E 58 -7.01 2.43 48.29
CA ASP E 58 -6.22 1.57 49.19
C ASP E 58 -5.36 0.56 48.46
N ARG E 59 -5.93 -0.12 47.47
CA ARG E 59 -5.11 -0.99 46.63
C ARG E 59 -3.85 -0.23 46.20
N GLY E 60 -4.06 1.04 45.85
CA GLY E 60 -2.99 1.96 45.44
C GLY E 60 -1.88 2.19 46.46
N LEU E 61 -2.23 2.72 47.62
CA LEU E 61 -1.24 3.09 48.65
C LEU E 61 -0.64 1.85 49.24
N ASP E 62 -1.49 0.84 49.43
CA ASP E 62 -1.02 -0.48 49.78
C ASP E 62 0.02 -0.95 48.75
N PHE E 63 -0.15 -0.54 47.48
CA PHE E 63 0.81 -0.89 46.44
C PHE E 63 2.17 -0.19 46.60
N ILE E 64 2.13 1.07 47.05
CA ILE E 64 3.32 1.90 47.21
C ILE E 64 4.15 1.43 48.39
N ASN E 65 3.45 1.13 49.48
CA ASN E 65 4.07 0.62 50.69
C ASN E 65 4.91 -0.64 50.45
N LYS E 66 4.28 -1.64 49.85
CA LYS E 66 4.96 -2.89 49.49
C LYS E 66 6.29 -2.57 48.80
N ASN E 67 6.25 -1.51 47.98
CA ASN E 67 7.39 -1.13 47.16
C ASN E 67 8.51 -0.50 47.94
N LEU E 68 8.16 0.42 48.83
CA LEU E 68 9.15 1.06 49.67
C LEU E 68 9.81 -0.03 50.52
N SER E 69 8.98 -0.89 51.12
CA SER E 69 9.44 -2.07 51.86
C SER E 69 10.58 -2.81 51.18
N LYS E 70 10.35 -3.18 49.92
CA LYS E 70 11.38 -3.88 49.15
C LYS E 70 12.70 -3.10 49.10
N LEU E 71 12.61 -1.78 49.18
CA LEU E 71 13.79 -0.90 49.12
C LEU E 71 14.51 -0.79 50.46
N VAL E 72 13.70 -0.75 51.51
CA VAL E 72 14.14 -0.65 52.89
C VAL E 72 14.88 -1.93 53.23
N LYS E 73 14.29 -3.02 52.78
CA LYS E 73 14.89 -4.33 52.93
C LYS E 73 16.16 -4.45 52.12
N LYS E 74 16.13 -3.98 50.88
CA LYS E 74 17.33 -3.98 50.06
C LYS E 74 18.36 -2.99 50.65
N GLY E 75 17.93 -2.20 51.62
CA GLY E 75 18.78 -1.21 52.26
C GLY E 75 19.18 -0.14 51.26
N LYS E 76 18.30 0.10 50.30
CA LYS E 76 18.46 1.19 49.35
C LYS E 76 17.95 2.46 50.03
N ILE E 77 17.10 2.27 51.05
CA ILE E 77 16.63 3.38 51.88
C ILE E 77 16.32 2.92 53.31
N GLU E 78 15.93 3.86 54.14
CA GLU E 78 15.76 3.60 55.56
C GLU E 78 14.29 3.76 55.94
N GLU E 79 13.77 2.77 56.67
CA GLU E 79 12.37 2.76 57.09
C GLU E 79 11.93 4.14 57.49
N ALA E 80 12.79 4.83 58.22
CA ALA E 80 12.53 6.21 58.63
C ALA E 80 11.91 7.01 57.49
N THR E 81 12.52 6.87 56.31
CA THR E 81 12.09 7.56 55.09
C THR E 81 10.74 7.11 54.55
N LYS E 82 10.65 5.82 54.21
CA LYS E 82 9.42 5.25 53.74
C LYS E 82 8.21 5.85 54.44
N VAL E 83 8.33 5.93 55.76
CA VAL E 83 7.29 6.52 56.58
C VAL E 83 7.08 7.97 56.16
N GLU E 84 8.18 8.71 56.07
CA GLU E 84 8.18 10.13 55.68
C GLU E 84 7.45 10.34 54.34
N ILE E 85 7.90 9.61 53.32
CA ILE E 85 7.30 9.69 52.00
C ILE E 85 5.81 9.42 52.09
N LEU E 86 5.45 8.24 52.59
CA LEU E 86 4.04 7.85 52.75
C LEU E 86 3.17 8.91 53.43
N THR E 87 3.77 9.85 54.19
CA THR E 87 3.01 10.95 54.83
C THR E 87 2.80 12.14 53.89
N ARG E 88 3.51 12.14 52.76
CA ARG E 88 3.32 13.20 51.76
C ARG E 88 2.20 12.87 50.78
N ILE E 89 1.79 11.60 50.78
CA ILE E 89 0.72 11.12 49.92
C ILE E 89 -0.60 11.06 50.66
N SER E 90 -1.63 11.69 50.10
CA SER E 90 -2.92 11.79 50.76
C SER E 90 -4.07 11.28 49.88
N GLY E 91 -4.42 10.00 50.03
CA GLY E 91 -5.49 9.36 49.23
C GLY E 91 -6.85 10.02 49.37
N THR E 92 -7.75 9.78 48.42
CA THR E 92 -9.02 10.51 48.33
C THR E 92 -9.91 10.00 47.22
N VAL E 93 -11.18 10.39 47.27
CA VAL E 93 -12.09 10.25 46.14
C VAL E 93 -12.73 11.57 45.69
N ASP E 94 -12.71 12.57 46.56
CA ASP E 94 -13.14 13.94 46.21
C ASP E 94 -12.21 14.54 45.14
N LEU E 95 -12.70 14.57 43.90
CA LEU E 95 -12.01 15.23 42.78
C LEU E 95 -11.47 16.59 43.18
N ASN E 96 -12.22 17.27 44.04
CA ASN E 96 -11.92 18.66 44.42
C ASN E 96 -10.62 18.85 45.20
N MET E 97 -10.03 17.76 45.72
CA MET E 97 -8.72 17.86 46.38
C MET E 97 -7.62 18.38 45.44
N ALA E 98 -7.91 18.36 44.14
CA ALA E 98 -7.01 18.86 43.11
C ALA E 98 -7.01 20.39 42.95
N ALA E 99 -8.14 21.05 43.24
CA ALA E 99 -8.29 22.51 43.07
C ALA E 99 -7.01 23.24 43.40
N ASP E 100 -6.36 22.74 44.43
CA ASP E 100 -5.19 23.37 45.01
C ASP E 100 -3.91 23.16 44.21
N CYS E 101 -3.84 22.05 43.47
CA CYS E 101 -2.59 21.60 42.89
C CYS E 101 -2.04 22.48 41.78
N ASP E 102 -0.73 22.35 41.58
CA ASP E 102 0.00 23.09 40.57
C ASP E 102 0.10 22.29 39.29
N LEU E 103 0.02 20.97 39.46
CA LEU E 103 0.13 20.03 38.39
C LEU E 103 -0.78 18.86 38.71
N VAL E 104 -1.65 18.52 37.77
CA VAL E 104 -2.44 17.31 37.88
C VAL E 104 -1.95 16.32 36.82
N ILE E 105 -1.92 15.04 37.14
CA ILE E 105 -1.50 14.03 36.19
C ILE E 105 -2.45 12.88 36.19
N GLU E 106 -3.15 12.72 35.08
CA GLU E 106 -4.16 11.69 34.97
C GLU E 106 -3.54 10.43 34.43
N ALA E 107 -3.75 9.33 35.15
CA ALA E 107 -3.28 8.01 34.73
C ALA E 107 -4.46 7.08 34.87
N ALA E 108 -5.62 7.59 34.50
CA ALA E 108 -6.81 6.80 34.40
C ALA E 108 -6.84 6.01 33.09
N VAL E 109 -7.98 5.37 32.93
CA VAL E 109 -8.32 4.41 31.89
C VAL E 109 -8.14 4.94 30.48
N GLU E 110 -7.61 4.10 29.60
CA GLU E 110 -7.33 4.51 28.24
C GLU E 110 -8.65 4.49 27.46
N ARG E 111 -9.45 5.52 27.74
CA ARG E 111 -10.76 5.71 27.14
C ARG E 111 -11.13 7.19 27.03
N MET E 112 -11.36 7.65 25.80
CA MET E 112 -11.40 9.08 25.50
C MET E 112 -12.53 9.87 26.18
N ASP E 113 -13.75 9.36 26.09
CA ASP E 113 -14.92 10.06 26.65
C ASP E 113 -14.78 10.31 28.16
N ILE E 114 -14.09 9.42 28.84
CA ILE E 114 -13.83 9.63 30.26
C ILE E 114 -12.72 10.64 30.52
N LYS E 115 -11.64 10.58 29.75
CA LYS E 115 -10.56 11.54 29.96
C LYS E 115 -11.08 12.93 29.76
N LYS E 116 -11.91 13.08 28.73
CA LYS E 116 -12.51 14.36 28.42
C LYS E 116 -13.32 14.91 29.58
N GLN E 117 -13.98 14.03 30.32
CA GLN E 117 -14.78 14.49 31.46
C GLN E 117 -13.88 14.89 32.62
N ILE E 118 -12.99 13.98 33.00
CA ILE E 118 -12.04 14.27 34.05
C ILE E 118 -11.36 15.60 33.79
N PHE E 119 -11.00 15.83 32.54
CA PHE E 119 -10.30 17.04 32.17
C PHE E 119 -11.19 18.25 32.17
N ALA E 120 -12.43 18.11 31.72
CA ALA E 120 -13.37 19.23 31.76
C ALA E 120 -13.72 19.59 33.20
N ASP E 121 -13.77 18.59 34.07
CA ASP E 121 -13.98 18.84 35.50
C ASP E 121 -12.80 19.65 36.02
N LEU E 122 -11.62 19.04 35.93
CA LEU E 122 -10.40 19.64 36.47
C LEU E 122 -10.17 21.04 35.96
N ASP E 123 -10.61 21.29 34.73
CA ASP E 123 -10.49 22.63 34.16
C ASP E 123 -11.30 23.62 35.00
N ASN E 124 -12.37 23.13 35.63
CA ASN E 124 -13.23 23.94 36.50
C ASN E 124 -12.85 23.91 37.97
N ILE E 125 -12.48 22.74 38.48
CA ILE E 125 -12.06 22.59 39.87
C ILE E 125 -10.85 23.47 40.16
N CYS E 126 -9.84 23.34 39.28
CA CYS E 126 -8.51 23.87 39.55
C CYS E 126 -8.40 25.35 39.28
N LYS E 127 -7.54 25.99 40.03
CA LYS E 127 -7.15 27.37 39.77
C LYS E 127 -6.58 27.44 38.37
N PRO E 128 -6.37 28.67 37.84
CA PRO E 128 -6.00 28.78 36.42
C PRO E 128 -4.58 28.35 36.08
N GLU E 129 -3.66 28.47 37.03
CA GLU E 129 -2.25 28.19 36.76
C GLU E 129 -1.97 26.69 36.79
N THR E 130 -2.94 25.92 37.25
CA THR E 130 -2.77 24.48 37.23
C THR E 130 -2.53 23.99 35.82
N ILE E 131 -1.64 23.00 35.71
CA ILE E 131 -1.38 22.35 34.46
C ILE E 131 -1.94 20.95 34.56
N LEU E 132 -2.68 20.56 33.54
CA LEU E 132 -3.31 19.25 33.52
C LEU E 132 -2.56 18.38 32.56
N ALA E 133 -1.98 17.30 33.07
CA ALA E 133 -1.21 16.39 32.26
C ALA E 133 -1.86 15.03 32.24
N SER E 134 -1.50 14.24 31.23
CA SER E 134 -2.01 12.90 31.14
C SER E 134 -0.88 11.95 30.79
N ASN E 135 -0.96 10.76 31.34
CA ASN E 135 0.04 9.72 31.12
C ASN E 135 -0.33 8.86 29.94
N THR E 136 -1.45 9.16 29.30
CA THR E 136 -1.90 8.33 28.20
C THR E 136 -0.78 8.10 27.20
N SER E 137 -0.84 6.94 26.59
CA SER E 137 0.15 6.59 25.62
C SER E 137 -0.47 6.38 24.23
N SER E 138 -1.78 6.56 24.11
CA SER E 138 -2.43 6.22 22.86
C SER E 138 -3.70 7.02 22.56
N LEU E 139 -3.97 8.02 23.38
CA LEU E 139 -5.03 8.96 23.08
C LEU E 139 -4.40 10.29 22.74
N SER E 140 -5.13 11.13 22.04
CA SER E 140 -4.59 12.38 21.57
C SER E 140 -4.66 13.44 22.66
N ILE E 141 -3.50 13.94 23.03
CA ILE E 141 -3.39 14.99 24.04
C ILE E 141 -4.11 16.25 23.56
N THR E 142 -3.91 16.57 22.29
CA THR E 142 -4.63 17.65 21.64
C THR E 142 -6.14 17.56 21.78
N GLU E 143 -6.70 16.37 21.56
CA GLU E 143 -8.14 16.19 21.61
C GLU E 143 -8.66 16.31 23.03
N VAL E 144 -7.90 15.80 23.99
CA VAL E 144 -8.31 15.92 25.37
C VAL E 144 -8.35 17.39 25.75
N ALA E 145 -7.31 18.12 25.37
CA ALA E 145 -7.19 19.55 25.68
C ALA E 145 -8.34 20.38 25.14
N SER E 146 -8.99 19.90 24.09
CA SER E 146 -10.16 20.57 23.55
C SER E 146 -11.38 20.50 24.44
N ALA E 147 -11.37 19.60 25.41
CA ALA E 147 -12.43 19.52 26.37
C ALA E 147 -12.31 20.62 27.43
N THR E 148 -11.15 21.24 27.52
CA THR E 148 -10.94 22.29 28.50
C THR E 148 -10.99 23.64 27.84
N LYS E 149 -10.84 24.66 28.65
CA LYS E 149 -10.72 26.03 28.20
C LYS E 149 -9.33 26.54 28.50
N ARG E 150 -8.41 25.63 28.74
CA ARG E 150 -7.03 25.98 28.98
C ARG E 150 -6.11 25.00 28.25
N PRO E 151 -6.32 24.85 26.94
CA PRO E 151 -5.54 23.89 26.17
C PRO E 151 -4.05 24.22 26.14
N ASP E 152 -3.73 25.49 26.36
CA ASP E 152 -2.34 25.93 26.52
C ASP E 152 -1.66 25.29 27.69
N LYS E 153 -2.47 24.83 28.64
CA LYS E 153 -1.98 24.21 29.86
C LYS E 153 -2.32 22.74 29.96
N VAL E 154 -2.55 22.11 28.82
CA VAL E 154 -2.74 20.68 28.82
C VAL E 154 -1.57 20.07 28.09
N ILE E 155 -1.13 18.94 28.58
CA ILE E 155 0.08 18.38 28.06
C ILE E 155 0.12 16.90 28.38
N GLY E 156 1.06 16.20 27.76
CA GLY E 156 1.28 14.81 28.05
C GLY E 156 2.54 14.64 28.83
N MET E 157 2.48 13.77 29.84
CA MET E 157 3.66 13.39 30.62
C MET E 157 3.73 11.89 30.66
N HIS E 158 4.43 11.32 29.71
CA HIS E 158 4.37 9.90 29.54
C HIS E 158 5.47 9.25 30.33
N PHE E 159 5.09 8.56 31.40
CA PHE E 159 6.05 7.86 32.24
C PHE E 159 6.33 6.47 31.69
N PHE E 160 7.27 5.78 32.33
CA PHE E 160 7.61 4.44 31.93
C PHE E 160 7.64 3.54 33.13
N ASN E 161 7.22 2.30 32.91
CA ASN E 161 7.01 1.33 33.97
C ASN E 161 8.30 0.60 34.31
N PRO E 162 8.69 0.56 35.59
CA PRO E 162 7.98 1.19 36.72
C PRO E 162 8.40 2.63 37.00
N ALA E 163 7.41 3.50 37.16
CA ALA E 163 7.62 4.95 37.21
C ALA E 163 8.63 5.50 38.23
N PRO E 164 8.68 4.95 39.46
CA PRO E 164 9.64 5.45 40.44
C PRO E 164 11.09 5.20 40.07
N VAL E 165 11.33 4.19 39.27
CA VAL E 165 12.68 3.81 38.92
C VAL E 165 13.11 4.37 37.56
N MET E 166 12.19 4.40 36.59
CA MET E 166 12.53 4.72 35.21
C MET E 166 12.78 6.20 34.98
N LYS E 167 13.87 6.49 34.29
CA LYS E 167 14.33 7.84 34.13
C LYS E 167 13.54 8.64 33.10
N LEU E 168 13.17 7.99 32.00
CA LEU E 168 12.57 8.70 30.89
C LEU E 168 11.15 9.14 31.16
N VAL E 169 10.83 10.34 30.67
CA VAL E 169 9.46 10.75 30.47
C VAL E 169 9.44 11.45 29.13
N GLU E 170 8.51 11.03 28.30
CA GLU E 170 8.25 11.70 27.07
C GLU E 170 7.22 12.76 27.43
N VAL E 171 7.59 14.02 27.26
CA VAL E 171 6.65 15.08 27.51
C VAL E 171 6.00 15.37 26.19
N ILE E 172 4.70 15.17 26.11
CA ILE E 172 4.02 15.26 24.83
C ILE E 172 3.30 16.56 24.68
N ARG E 173 3.68 17.32 23.69
CA ARG E 173 3.06 18.61 23.49
C ARG E 173 1.91 18.49 22.55
N GLY E 174 0.75 18.93 22.99
CA GLY E 174 -0.35 19.09 22.10
C GLY E 174 -0.04 20.26 21.20
N ILE E 175 -0.80 20.39 20.13
CA ILE E 175 -0.56 21.46 19.20
C ILE E 175 -0.80 22.81 19.88
N ALA E 176 -1.58 22.82 20.97
CA ALA E 176 -1.92 24.07 21.67
C ALA E 176 -1.13 24.30 22.95
N THR E 177 -0.36 23.29 23.37
CA THR E 177 0.47 23.38 24.55
C THR E 177 1.49 24.50 24.44
N SER E 178 1.43 25.43 25.41
CA SER E 178 2.27 26.61 25.41
C SER E 178 3.69 26.26 25.77
N GLN E 179 4.62 27.16 25.44
CA GLN E 179 6.01 26.97 25.87
C GLN E 179 6.17 27.07 27.39
N GLU E 180 5.45 28.00 27.99
CA GLU E 180 5.49 28.13 29.45
C GLU E 180 5.15 26.79 30.09
N THR E 181 4.11 26.15 29.58
CA THR E 181 3.66 24.88 30.13
C THR E 181 4.71 23.81 29.90
N PHE E 182 5.19 23.67 28.67
CA PHE E 182 6.24 22.70 28.41
C PHE E 182 7.41 22.90 29.38
N ASP E 183 7.92 24.13 29.42
CA ASP E 183 9.07 24.47 30.26
C ASP E 183 8.90 24.13 31.75
N ALA E 184 7.73 24.40 32.29
CA ALA E 184 7.48 24.11 33.70
C ALA E 184 7.42 22.61 33.96
N VAL E 185 6.79 21.87 33.05
CA VAL E 185 6.69 20.43 33.17
C VAL E 185 8.04 19.78 32.99
N LYS E 186 8.85 20.37 32.13
CA LYS E 186 10.19 19.86 31.92
C LYS E 186 11.03 20.05 33.15
N GLU E 187 10.87 21.22 33.77
CA GLU E 187 11.59 21.56 34.99
C GLU E 187 11.27 20.58 36.10
N THR E 188 9.98 20.43 36.32
CA THR E 188 9.49 19.52 37.32
C THR E 188 10.01 18.10 37.11
N SER E 189 10.05 17.65 35.86
CA SER E 189 10.53 16.30 35.57
C SER E 189 11.99 16.14 36.01
N ILE E 190 12.71 17.26 36.00
CA ILE E 190 14.09 17.24 36.46
C ILE E 190 14.16 17.32 37.98
N ALA E 191 13.40 18.22 38.59
CA ALA E 191 13.30 18.27 40.06
C ALA E 191 13.10 16.90 40.69
N ILE E 192 12.35 16.01 40.02
CA ILE E 192 12.08 14.67 40.59
C ILE E 192 13.02 13.61 40.04
N GLY E 193 14.09 14.08 39.42
CA GLY E 193 15.19 13.24 39.02
C GLY E 193 14.94 12.48 37.75
N LYS E 194 14.04 12.98 36.92
CA LYS E 194 13.75 12.30 35.66
C LYS E 194 14.46 13.01 34.54
N ASP E 195 14.42 12.39 33.37
CA ASP E 195 15.07 12.92 32.20
C ASP E 195 14.09 13.07 31.05
N PRO E 196 13.54 14.27 30.88
CA PRO E 196 12.46 14.46 29.90
C PRO E 196 12.96 14.70 28.51
N VAL E 197 12.23 14.19 27.54
CA VAL E 197 12.46 14.54 26.15
C VAL E 197 11.23 15.27 25.65
N GLU E 198 11.41 16.08 24.63
CA GLU E 198 10.32 16.87 24.05
C GLU E 198 9.73 16.20 22.82
N VAL E 199 8.43 15.93 22.87
CA VAL E 199 7.75 15.28 21.76
C VAL E 199 6.48 16.02 21.34
N ALA E 200 6.41 16.32 20.04
CA ALA E 200 5.16 16.79 19.44
C ALA E 200 4.24 15.59 19.28
N GLU E 201 2.96 15.76 19.60
CA GLU E 201 2.02 14.66 19.50
C GLU E 201 2.04 14.01 18.12
N ALA E 202 2.33 12.73 18.13
CA ALA E 202 2.22 11.88 16.97
C ALA E 202 2.01 10.47 17.48
N PRO E 203 1.57 9.57 16.61
CA PRO E 203 1.24 8.21 17.05
C PRO E 203 2.42 7.46 17.61
N GLY E 204 2.31 7.00 18.85
CA GLY E 204 3.37 6.21 19.47
C GLY E 204 4.55 7.04 19.98
N PHE E 205 4.48 8.37 19.85
CA PHE E 205 5.53 9.24 20.38
C PHE E 205 6.87 8.82 19.81
N VAL E 206 7.84 8.55 20.65
CA VAL E 206 9.10 8.13 20.13
C VAL E 206 9.34 6.66 20.38
N VAL E 207 9.13 6.23 21.61
CA VAL E 207 9.56 4.91 22.04
C VAL E 207 8.69 3.80 21.49
N ASN E 208 7.39 3.88 21.69
CA ASN E 208 6.49 2.85 21.19
C ASN E 208 6.54 2.77 19.68
N ARG E 209 6.54 3.92 19.04
CA ARG E 209 6.62 4.00 17.61
C ARG E 209 7.76 3.22 17.01
N ILE E 210 8.88 3.20 17.70
CA ILE E 210 10.06 2.50 17.20
C ILE E 210 10.15 1.10 17.75
N LEU E 211 9.85 0.93 19.04
CA LEU E 211 10.09 -0.34 19.71
C LEU E 211 9.09 -1.41 19.32
N ILE E 212 7.80 -1.06 19.38
CA ILE E 212 6.76 -2.06 19.19
C ILE E 212 6.77 -2.66 17.78
N PRO E 213 6.94 -1.83 16.74
CA PRO E 213 7.02 -2.35 15.37
C PRO E 213 8.19 -3.28 15.15
N MET E 214 9.19 -3.14 16.00
CA MET E 214 10.32 -4.03 15.97
C MET E 214 9.96 -5.42 16.55
N ILE E 215 9.14 -5.42 17.60
CA ILE E 215 8.56 -6.64 18.11
C ILE E 215 7.66 -7.29 17.06
N ASN E 216 6.88 -6.46 16.36
CA ASN E 216 5.95 -6.96 15.37
C ASN E 216 6.69 -7.58 14.21
N GLU E 217 7.89 -7.08 13.94
CA GLU E 217 8.69 -7.60 12.85
C GLU E 217 9.21 -8.98 13.23
N ALA E 218 9.56 -9.12 14.50
CA ALA E 218 10.10 -10.37 15.04
C ALA E 218 9.06 -11.46 14.94
N VAL E 219 7.80 -11.12 15.22
CA VAL E 219 6.78 -12.15 15.10
C VAL E 219 6.51 -12.48 13.62
N GLY E 220 6.75 -11.52 12.74
CA GLY E 220 6.60 -11.76 11.30
C GLY E 220 7.64 -12.73 10.77
N ILE E 221 8.84 -12.66 11.32
CA ILE E 221 9.92 -13.56 10.94
C ILE E 221 9.68 -14.97 11.43
N LEU E 222 9.23 -15.06 12.67
CA LEU E 222 8.86 -16.33 13.26
C LEU E 222 7.75 -16.99 12.47
N ALA E 223 6.71 -16.20 12.15
CA ALA E 223 5.55 -16.73 11.43
C ALA E 223 5.91 -17.32 10.08
N GLU E 224 6.97 -16.83 9.47
CA GLU E 224 7.38 -17.32 8.16
C GLU E 224 8.40 -18.46 8.25
N GLY E 225 8.65 -18.95 9.46
CA GLY E 225 9.60 -20.03 9.68
C GLY E 225 11.05 -19.67 9.37
N ILE E 226 11.38 -18.40 9.47
CA ILE E 226 12.71 -17.93 9.11
C ILE E 226 13.69 -18.31 10.19
N ALA E 227 13.22 -18.24 11.43
CA ALA E 227 14.00 -18.60 12.57
C ALA E 227 13.08 -18.84 13.75
N SER E 228 13.65 -19.39 14.81
CA SER E 228 12.88 -19.74 15.98
C SER E 228 12.90 -18.62 16.99
N VAL E 229 12.02 -18.71 17.98
CA VAL E 229 11.87 -17.61 18.91
C VAL E 229 13.18 -17.37 19.67
N GLU E 230 13.91 -18.44 19.96
CA GLU E 230 15.13 -18.34 20.79
C GLU E 230 16.28 -17.82 19.96
N ASP E 231 16.34 -18.21 18.69
CA ASP E 231 17.37 -17.72 17.78
C ASP E 231 17.15 -16.26 17.36
N ILE E 232 15.89 -15.83 17.39
CA ILE E 232 15.55 -14.47 17.03
C ILE E 232 15.99 -13.58 18.16
N ASP E 233 15.72 -14.01 19.38
CA ASP E 233 16.09 -13.20 20.52
C ASP E 233 17.59 -13.15 20.66
N LYS E 234 18.22 -14.28 20.40
CA LYS E 234 19.66 -14.34 20.50
C LYS E 234 20.32 -13.48 19.45
N ALA E 235 19.80 -13.54 18.23
CA ALA E 235 20.37 -12.73 17.17
C ALA E 235 20.28 -11.25 17.51
N MET E 236 19.20 -10.84 18.14
CA MET E 236 19.05 -9.46 18.51
C MET E 236 19.92 -9.10 19.71
N LYS E 237 20.02 -9.98 20.70
CA LYS E 237 20.83 -9.67 21.88
C LYS E 237 22.29 -9.61 21.53
N LEU E 238 22.71 -10.43 20.58
CA LEU E 238 24.11 -10.53 20.25
C LEU E 238 24.48 -9.67 19.06
N GLY E 239 23.52 -9.46 18.17
CA GLY E 239 23.77 -8.74 16.92
C GLY E 239 23.70 -7.24 17.07
N ALA E 240 22.76 -6.78 17.89
CA ALA E 240 22.53 -5.36 18.10
C ALA E 240 22.79 -5.02 19.54
N ASN E 241 23.32 -5.98 20.29
CA ASN E 241 23.72 -5.74 21.66
C ASN E 241 22.56 -5.20 22.48
N HIS E 242 21.39 -5.80 22.32
CA HIS E 242 20.23 -5.41 23.08
C HIS E 242 20.10 -6.26 24.32
N PRO E 243 19.61 -5.67 25.41
CA PRO E 243 19.49 -6.38 26.68
C PRO E 243 18.54 -7.58 26.62
N MET E 244 17.40 -7.41 25.97
CA MET E 244 16.40 -8.47 25.81
C MET E 244 16.11 -8.61 24.33
N GLY E 245 15.75 -9.79 23.91
CA GLY E 245 15.32 -10.00 22.52
C GLY E 245 13.86 -9.61 22.36
N PRO E 246 13.42 -9.37 21.11
CA PRO E 246 12.13 -8.75 20.85
C PRO E 246 10.94 -9.56 21.35
N LEU E 247 10.99 -10.86 21.15
CA LEU E 247 9.85 -11.70 21.49
C LEU E 247 9.71 -11.78 22.99
N GLU E 248 10.82 -12.08 23.64
CA GLU E 248 10.93 -11.97 25.08
C GLU E 248 10.36 -10.66 25.61
N LEU E 249 10.80 -9.56 25.00
CA LEU E 249 10.37 -8.23 25.40
C LEU E 249 8.88 -8.09 25.23
N GLY E 250 8.39 -8.65 24.13
CA GLY E 250 6.98 -8.73 23.85
C GLY E 250 6.20 -9.35 25.00
N ASP E 251 6.66 -10.53 25.44
CA ASP E 251 6.04 -11.25 26.56
C ASP E 251 6.10 -10.45 27.86
N PHE E 252 7.18 -9.70 28.00
CA PHE E 252 7.43 -8.92 29.20
C PHE E 252 6.53 -7.69 29.27
N ILE E 253 6.40 -7.00 28.14
CA ILE E 253 5.46 -5.89 28.03
C ILE E 253 4.01 -6.39 28.07
N GLY E 254 3.79 -7.56 27.51
CA GLY E 254 2.44 -8.08 27.34
C GLY E 254 2.05 -7.94 25.88
N LEU E 255 1.63 -9.04 25.30
CA LEU E 255 1.33 -9.08 23.88
C LEU E 255 0.06 -8.35 23.55
N ASP E 256 -0.87 -8.26 24.50
CA ASP E 256 -2.07 -7.46 24.29
C ASP E 256 -1.72 -5.98 24.20
N ILE E 257 -0.79 -5.55 25.05
CA ILE E 257 -0.29 -4.18 25.06
C ILE E 257 0.39 -3.89 23.74
N CYS E 258 1.20 -4.83 23.27
CA CYS E 258 1.88 -4.65 22.00
C CYS E 258 0.87 -4.56 20.89
N LEU E 259 -0.08 -5.47 20.86
CA LEU E 259 -1.08 -5.48 19.81
C LEU E 259 -1.86 -4.16 19.75
N ALA E 260 -2.23 -3.65 20.90
CA ALA E 260 -3.09 -2.47 20.95
C ALA E 260 -2.32 -1.23 20.48
N ILE E 261 -1.01 -1.21 20.67
CA ILE E 261 -0.19 -0.11 20.22
C ILE E 261 -0.02 -0.17 18.71
N MET E 262 0.18 -1.36 18.16
CA MET E 262 0.24 -1.49 16.72
C MET E 262 -1.08 -1.05 16.14
N ASP E 263 -2.17 -1.52 16.74
CA ASP E 263 -3.50 -1.11 16.31
C ASP E 263 -3.61 0.42 16.25
N VAL E 264 -3.05 1.11 17.24
CA VAL E 264 -3.17 2.57 17.29
C VAL E 264 -2.35 3.24 16.21
N LEU E 265 -1.15 2.75 15.99
CA LEU E 265 -0.30 3.22 14.91
C LEU E 265 -0.97 3.06 13.56
N TYR E 266 -1.55 1.89 13.34
CA TYR E 266 -2.22 1.61 12.08
C TYR E 266 -3.42 2.50 11.90
N SER E 267 -4.22 2.61 12.94
CA SER E 267 -5.43 3.38 12.85
C SER E 267 -5.14 4.89 12.75
N GLU E 268 -4.16 5.39 13.50
CA GLU E 268 -3.85 6.82 13.41
C GLU E 268 -3.21 7.19 12.10
N THR E 269 -2.24 6.41 11.65
CA THR E 269 -1.52 6.75 10.44
C THR E 269 -2.27 6.38 9.19
N GLY E 270 -3.03 5.28 9.28
CA GLY E 270 -3.73 4.76 8.14
C GLY E 270 -2.78 4.07 7.19
N ASP E 271 -1.63 3.64 7.71
CA ASP E 271 -0.59 3.08 6.86
C ASP E 271 -0.33 1.61 7.17
N SER E 272 -0.58 0.78 6.15
CA SER E 272 -0.31 -0.66 6.17
C SER E 272 1.01 -1.00 6.81
N LYS E 273 1.94 -0.06 6.73
CA LYS E 273 3.27 -0.25 7.28
C LYS E 273 3.18 -0.77 8.69
N TYR E 274 2.22 -0.26 9.45
CA TYR E 274 2.04 -0.58 10.85
C TYR E 274 0.97 -1.63 11.16
N ARG E 275 0.58 -2.46 10.18
CA ARG E 275 -0.44 -3.46 10.45
C ARG E 275 0.15 -4.49 11.38
N PRO E 276 -0.61 -4.86 12.40
CA PRO E 276 -0.11 -5.87 13.31
C PRO E 276 -0.15 -7.22 12.67
N HIS E 277 0.81 -8.04 13.01
CA HIS E 277 0.89 -9.34 12.41
C HIS E 277 -0.22 -10.28 12.91
N THR E 278 -0.62 -11.13 11.99
CA THR E 278 -1.76 -11.99 12.14
C THR E 278 -1.52 -13.03 13.27
N LEU E 279 -0.30 -13.52 13.36
CA LEU E 279 0.12 -14.39 14.44
C LEU E 279 -0.01 -13.72 15.81
N LEU E 280 0.36 -12.45 15.90
CA LEU E 280 0.28 -11.75 17.17
C LEU E 280 -1.17 -11.71 17.62
N LYS E 281 -2.06 -11.51 16.66
CA LYS E 281 -3.48 -11.48 16.91
C LYS E 281 -3.97 -12.78 17.50
N LYS E 282 -3.40 -13.85 16.99
CA LYS E 282 -3.73 -15.17 17.43
C LYS E 282 -3.27 -15.49 18.84
N TYR E 283 -2.01 -15.21 19.13
CA TYR E 283 -1.53 -15.35 20.51
C TYR E 283 -2.39 -14.59 21.50
N VAL E 284 -2.74 -13.36 21.17
CA VAL E 284 -3.51 -12.55 22.09
C VAL E 284 -4.90 -13.16 22.29
N ARG E 285 -5.49 -13.59 21.18
CA ARG E 285 -6.81 -14.18 21.23
C ARG E 285 -6.88 -15.42 22.10
N ALA E 286 -5.78 -16.17 22.13
CA ALA E 286 -5.64 -17.37 22.96
C ALA E 286 -5.41 -17.06 24.44
N GLY E 287 -5.30 -15.79 24.80
CA GLY E 287 -4.96 -15.42 26.16
C GLY E 287 -3.50 -15.67 26.50
N TRP E 288 -2.67 -15.94 25.49
CA TRP E 288 -1.24 -16.16 25.69
C TRP E 288 -0.48 -14.87 25.61
N LEU E 289 -0.62 -14.07 26.66
CA LEU E 289 -0.14 -12.69 26.62
C LEU E 289 1.30 -12.50 27.07
N GLY E 290 1.95 -13.60 27.43
CA GLY E 290 3.32 -13.57 27.96
C GLY E 290 3.36 -13.81 29.46
N ARG E 291 4.32 -13.19 30.12
CA ARG E 291 4.59 -13.44 31.54
C ARG E 291 3.39 -13.31 32.44
N LYS E 292 2.67 -12.20 32.30
CA LYS E 292 1.50 -11.99 33.14
C LYS E 292 0.44 -13.09 33.02
N SER E 293 0.64 -14.05 32.14
CA SER E 293 -0.31 -15.13 32.04
C SER E 293 0.33 -16.50 31.93
N GLY E 294 1.64 -16.59 32.18
CA GLY E 294 2.33 -17.87 32.15
C GLY E 294 2.75 -18.34 30.78
N LYS E 295 2.33 -17.61 29.75
CA LYS E 295 2.56 -18.05 28.38
C LYS E 295 2.43 -16.95 27.35
N GLY E 296 3.43 -16.87 26.50
CA GLY E 296 3.40 -16.00 25.35
C GLY E 296 4.20 -16.75 24.33
N PHE E 297 5.14 -16.07 23.71
CA PHE E 297 6.05 -16.76 22.80
C PHE E 297 6.91 -17.77 23.53
N TYR E 298 7.12 -17.53 24.83
CA TYR E 298 7.80 -18.45 25.74
C TYR E 298 6.84 -18.96 26.79
N ASP E 299 7.25 -20.04 27.44
CA ASP E 299 6.51 -20.68 28.52
C ASP E 299 7.07 -20.29 29.89
N TYR E 300 6.19 -19.98 30.83
CA TYR E 300 6.60 -19.48 32.16
C TYR E 300 6.07 -20.39 33.28
N SER E 301 6.28 -21.69 33.11
CA SER E 301 5.71 -22.71 33.99
C SER E 301 6.74 -23.28 34.95
N SER F 12 26.84 47.52 -16.10
CA SER F 12 26.03 46.79 -15.05
C SER F 12 25.10 47.74 -14.28
N GLY F 13 24.97 48.97 -14.78
CA GLY F 13 24.14 49.97 -14.13
C GLY F 13 22.69 49.70 -14.47
N LEU F 14 22.45 48.85 -15.48
CA LEU F 14 21.08 48.56 -15.87
C LEU F 14 20.48 47.46 -15.01
N VAL F 15 21.30 46.81 -14.20
CA VAL F 15 20.84 45.75 -13.34
C VAL F 15 20.25 46.33 -12.08
N PRO F 16 19.04 45.88 -11.71
CA PRO F 16 18.39 46.32 -10.49
C PRO F 16 19.33 46.25 -9.31
N ARG F 17 19.24 47.21 -8.41
CA ARG F 17 20.27 47.34 -7.40
C ARG F 17 20.07 46.32 -6.31
N GLY F 18 18.81 45.89 -6.16
CA GLY F 18 18.46 44.85 -5.18
C GLY F 18 19.22 43.56 -5.36
N SER F 19 19.74 43.34 -6.57
CA SER F 19 20.50 42.14 -6.84
C SER F 19 21.98 42.44 -6.79
N HIS F 20 22.70 41.69 -5.97
CA HIS F 20 24.14 41.87 -5.91
C HIS F 20 24.79 41.11 -7.00
N MET F 21 24.07 40.14 -7.54
CA MET F 21 24.57 39.43 -8.68
C MET F 21 24.26 40.22 -9.92
N LYS F 22 25.22 40.24 -10.81
CA LYS F 22 25.14 41.10 -11.96
C LYS F 22 25.25 40.33 -13.29
N LYS F 23 25.99 39.23 -13.26
CA LYS F 23 26.24 38.44 -14.44
C LYS F 23 25.65 37.04 -14.30
N VAL F 24 24.92 36.63 -15.32
CA VAL F 24 24.20 35.38 -15.28
C VAL F 24 24.45 34.55 -16.52
N CYS F 25 24.73 33.27 -16.31
CA CYS F 25 24.89 32.34 -17.40
C CYS F 25 23.84 31.25 -17.34
N VAL F 26 23.22 30.99 -18.48
CA VAL F 26 22.27 29.92 -18.59
C VAL F 26 22.85 28.82 -19.46
N ILE F 27 22.71 27.59 -19.02
CA ILE F 27 23.19 26.43 -19.76
C ILE F 27 22.02 25.69 -20.34
N GLY F 28 21.94 25.65 -21.67
CA GLY F 28 20.84 25.02 -22.34
C GLY F 28 20.02 26.05 -23.06
N ALA F 29 19.95 25.93 -24.37
CA ALA F 29 19.28 26.89 -25.20
C ALA F 29 17.94 26.38 -25.62
N GLY F 30 17.39 25.46 -24.82
CA GLY F 30 16.07 24.90 -25.10
C GLY F 30 14.98 25.90 -24.73
N THR F 31 13.77 25.37 -24.61
CA THR F 31 12.61 26.19 -24.35
C THR F 31 12.76 26.94 -23.04
N MET F 32 13.08 26.22 -21.98
CA MET F 32 13.12 26.82 -20.66
C MET F 32 14.37 27.68 -20.48
N GLY F 33 15.51 27.17 -20.90
CA GLY F 33 16.78 27.86 -20.67
C GLY F 33 16.82 29.20 -21.38
N SER F 34 16.26 29.23 -22.58
CA SER F 34 16.28 30.44 -23.34
C SER F 34 15.15 31.39 -22.88
N GLY F 35 14.10 30.82 -22.30
CA GLY F 35 13.07 31.63 -21.65
C GLY F 35 13.63 32.24 -20.39
N ILE F 36 14.49 31.52 -19.69
CA ILE F 36 15.14 32.03 -18.48
C ILE F 36 16.13 33.16 -18.83
N ALA F 37 16.85 32.96 -19.92
CA ALA F 37 17.78 33.96 -20.42
C ALA F 37 17.03 35.24 -20.75
N GLN F 38 15.92 35.08 -21.44
CA GLN F 38 15.14 36.22 -21.85
C GLN F 38 14.61 36.94 -20.61
N ALA F 39 14.33 36.20 -19.54
CA ALA F 39 13.70 36.84 -18.39
C ALA F 39 14.68 37.72 -17.65
N PHE F 40 15.90 37.23 -17.52
CA PHE F 40 17.00 38.02 -16.99
C PHE F 40 17.37 39.18 -17.90
N ALA F 41 17.53 38.93 -19.18
CA ALA F 41 17.95 40.00 -20.10
C ALA F 41 16.94 41.14 -20.15
N ALA F 42 15.65 40.83 -20.13
CA ALA F 42 14.64 41.85 -20.22
C ALA F 42 14.65 42.76 -19.01
N LYS F 43 15.25 42.28 -17.92
CA LYS F 43 15.30 43.05 -16.69
C LYS F 43 16.62 43.75 -16.46
N GLY F 44 17.50 43.64 -17.43
CA GLY F 44 18.71 44.45 -17.44
C GLY F 44 19.99 43.69 -17.18
N PHE F 45 19.92 42.36 -17.13
CA PHE F 45 21.09 41.54 -16.85
C PHE F 45 21.80 41.27 -18.14
N GLU F 46 23.12 41.10 -18.06
CA GLU F 46 23.85 40.56 -19.19
C GLU F 46 23.83 39.06 -19.05
N VAL F 47 23.52 38.37 -20.13
CA VAL F 47 23.32 36.95 -20.07
C VAL F 47 24.20 36.23 -21.05
N VAL F 48 24.84 35.18 -20.58
CA VAL F 48 25.52 34.27 -21.44
C VAL F 48 24.61 33.08 -21.65
N LEU F 49 24.34 32.76 -22.90
CA LEU F 49 23.50 31.61 -23.20
C LEU F 49 24.36 30.59 -23.89
N ARG F 50 24.53 29.44 -23.27
CA ARG F 50 25.47 28.46 -23.73
C ARG F 50 24.80 27.15 -24.05
N ASP F 51 25.09 26.61 -25.24
CA ASP F 51 24.75 25.24 -25.55
C ASP F 51 25.92 24.58 -26.23
N ILE F 52 25.68 23.41 -26.81
CA ILE F 52 26.73 22.52 -27.24
C ILE F 52 27.19 22.83 -28.66
N LYS F 53 26.21 23.17 -29.50
CA LYS F 53 26.43 23.41 -30.91
C LYS F 53 25.79 24.75 -31.25
N ASP F 54 26.42 25.51 -32.13
CA ASP F 54 25.87 26.77 -32.62
C ASP F 54 24.42 26.67 -33.04
N GLU F 55 24.09 25.54 -33.63
CA GLU F 55 22.76 25.28 -34.16
C GLU F 55 21.69 25.41 -33.07
N PHE F 56 21.99 24.90 -31.88
CA PHE F 56 21.03 24.94 -30.75
C PHE F 56 20.93 26.33 -30.15
N VAL F 57 22.07 26.99 -29.99
CA VAL F 57 22.07 28.35 -29.52
C VAL F 57 21.19 29.21 -30.40
N ASP F 58 21.40 29.07 -31.71
CA ASP F 58 20.62 29.83 -32.69
C ASP F 58 19.14 29.53 -32.60
N ARG F 59 18.78 28.27 -32.42
CA ARG F 59 17.39 27.92 -32.18
C ARG F 59 16.86 28.72 -30.96
N GLY F 60 17.65 28.76 -29.88
CA GLY F 60 17.29 29.46 -28.65
C GLY F 60 17.14 30.97 -28.84
N LEU F 61 18.14 31.59 -29.43
CA LEU F 61 18.10 33.03 -29.76
C LEU F 61 16.93 33.38 -30.65
N ASP F 62 16.58 32.48 -31.54
CA ASP F 62 15.51 32.74 -32.47
C ASP F 62 14.16 32.61 -31.73
N PHE F 63 14.14 31.74 -30.73
CA PHE F 63 12.96 31.54 -29.93
C PHE F 63 12.65 32.81 -29.13
N ILE F 64 13.69 33.40 -28.59
CA ILE F 64 13.61 34.61 -27.81
C ILE F 64 13.16 35.75 -28.70
N ASN F 65 13.81 35.84 -29.85
CA ASN F 65 13.49 36.86 -30.85
C ASN F 65 12.00 36.84 -31.17
N LYS F 66 11.48 35.64 -31.34
CA LYS F 66 10.11 35.43 -31.70
C LYS F 66 9.16 35.85 -30.59
N ASN F 67 9.48 35.50 -29.34
CA ASN F 67 8.65 35.91 -28.19
C ASN F 67 8.59 37.42 -28.09
N LEU F 68 9.73 38.07 -28.28
CA LEU F 68 9.80 39.52 -28.17
C LEU F 68 9.07 40.17 -29.31
N SER F 69 9.05 39.53 -30.47
CA SER F 69 8.38 40.14 -31.61
C SER F 69 6.89 40.14 -31.39
N LYS F 70 6.38 39.14 -30.67
CA LYS F 70 4.99 39.16 -30.27
C LYS F 70 4.75 40.32 -29.35
N LEU F 71 5.61 40.46 -28.35
CA LEU F 71 5.49 41.57 -27.42
C LEU F 71 5.48 42.89 -28.14
N VAL F 72 6.30 43.01 -29.17
CA VAL F 72 6.30 44.22 -29.96
C VAL F 72 4.99 44.34 -30.71
N LYS F 73 4.52 43.22 -31.26
CA LYS F 73 3.29 43.22 -32.01
C LYS F 73 2.08 43.59 -31.16
N LYS F 74 2.08 43.21 -29.88
CA LYS F 74 0.96 43.52 -28.98
C LYS F 74 1.13 44.89 -28.29
N GLY F 75 2.21 45.58 -28.61
CA GLY F 75 2.49 46.88 -28.01
C GLY F 75 2.89 46.83 -26.55
N LYS F 76 3.46 45.73 -26.08
CA LYS F 76 3.95 45.64 -24.70
C LYS F 76 5.33 46.25 -24.59
N ILE F 77 6.09 46.16 -25.67
CA ILE F 77 7.40 46.77 -25.71
C ILE F 77 7.60 47.37 -27.09
N GLU F 78 8.59 48.24 -27.17
CA GLU F 78 8.96 48.88 -28.42
C GLU F 78 9.96 48.01 -29.12
N GLU F 79 9.99 48.16 -30.44
CA GLU F 79 10.91 47.42 -31.27
C GLU F 79 12.35 47.63 -30.84
N ALA F 80 12.72 48.85 -30.48
CA ALA F 80 14.12 49.09 -30.10
C ALA F 80 14.48 48.45 -28.76
N THR F 81 13.47 48.24 -27.91
CA THR F 81 13.68 47.56 -26.62
C THR F 81 13.98 46.09 -26.87
N LYS F 82 13.24 45.50 -27.80
CA LYS F 82 13.47 44.14 -28.21
C LYS F 82 14.90 43.95 -28.66
N VAL F 83 15.38 44.86 -29.49
CA VAL F 83 16.75 44.69 -29.98
C VAL F 83 17.73 44.99 -28.87
N GLU F 84 17.42 45.91 -27.99
CA GLU F 84 18.32 46.12 -26.87
C GLU F 84 18.42 44.86 -26.00
N ILE F 85 17.27 44.25 -25.71
CA ILE F 85 17.25 43.06 -24.86
C ILE F 85 18.05 41.91 -25.48
N LEU F 86 17.90 41.71 -26.79
CA LEU F 86 18.69 40.68 -27.48
C LEU F 86 20.18 40.94 -27.45
N THR F 87 20.55 42.20 -27.32
CA THR F 87 21.95 42.58 -27.32
C THR F 87 22.61 42.23 -25.97
N ARG F 88 21.80 42.01 -24.95
CA ARG F 88 22.34 41.61 -23.64
C ARG F 88 22.53 40.13 -23.50
N ILE F 89 22.09 39.38 -24.52
CA ILE F 89 22.22 37.93 -24.53
C ILE F 89 23.31 37.53 -25.51
N SER F 90 24.35 36.86 -25.00
CA SER F 90 25.46 36.42 -25.81
C SER F 90 25.46 34.92 -25.99
N GLY F 91 25.17 34.47 -27.20
CA GLY F 91 25.26 33.06 -27.55
C GLY F 91 26.69 32.59 -27.52
N THR F 92 26.91 31.34 -27.13
CA THR F 92 28.24 30.78 -27.09
C THR F 92 28.13 29.27 -26.95
N VAL F 93 29.21 28.58 -27.29
CA VAL F 93 29.31 27.15 -26.97
C VAL F 93 30.43 26.92 -25.98
N ASP F 94 31.10 28.01 -25.63
CA ASP F 94 32.25 27.96 -24.77
C ASP F 94 31.77 28.00 -23.34
N LEU F 95 31.80 26.86 -22.70
CA LEU F 95 31.38 26.76 -21.33
C LEU F 95 32.27 27.60 -20.44
N ASN F 96 33.32 28.19 -20.98
CA ASN F 96 34.24 28.98 -20.17
C ASN F 96 33.79 30.40 -19.97
N MET F 97 32.79 30.80 -20.73
CA MET F 97 32.23 32.13 -20.62
C MET F 97 31.47 32.30 -19.33
N ALA F 98 31.25 31.18 -18.63
CA ALA F 98 30.60 31.17 -17.33
C ALA F 98 31.53 31.55 -16.20
N ALA F 99 32.83 31.43 -16.42
CA ALA F 99 33.83 31.55 -15.35
C ALA F 99 33.67 32.78 -14.47
N ASP F 100 33.33 33.91 -15.07
CA ASP F 100 33.19 35.16 -14.29
C ASP F 100 31.74 35.46 -13.86
N CYS F 101 30.80 34.61 -14.26
CA CYS F 101 29.39 34.82 -13.94
C CYS F 101 29.14 34.62 -12.47
N ASP F 102 28.17 35.35 -11.97
CA ASP F 102 27.82 35.31 -10.55
C ASP F 102 26.82 34.22 -10.24
N LEU F 103 26.05 33.87 -11.25
CA LEU F 103 25.00 32.87 -11.17
C LEU F 103 24.99 32.09 -12.45
N VAL F 104 25.01 30.78 -12.35
CA VAL F 104 24.81 29.92 -13.50
C VAL F 104 23.52 29.13 -13.29
N ILE F 105 22.70 29.08 -14.32
CA ILE F 105 21.48 28.28 -14.27
C ILE F 105 21.48 27.20 -15.33
N GLU F 106 21.48 25.95 -14.88
CA GLU F 106 21.43 24.84 -15.80
C GLU F 106 19.98 24.48 -16.08
N ALA F 107 19.64 24.44 -17.36
CA ALA F 107 18.35 23.94 -17.84
C ALA F 107 18.57 22.98 -19.00
N ALA F 108 19.42 22.00 -18.78
CA ALA F 108 19.80 20.99 -19.76
C ALA F 108 18.85 19.80 -19.63
N VAL F 109 19.23 18.69 -20.27
CA VAL F 109 18.42 17.48 -20.25
C VAL F 109 18.36 16.87 -18.85
N GLU F 110 17.25 16.18 -18.60
CA GLU F 110 16.92 15.69 -17.27
C GLU F 110 17.62 14.35 -16.95
N ARG F 111 18.95 14.38 -17.05
CA ARG F 111 19.80 13.21 -16.87
C ARG F 111 20.89 13.46 -15.84
N MET F 112 20.84 12.72 -14.76
CA MET F 112 21.73 12.98 -13.64
C MET F 112 23.22 12.88 -13.98
N ASP F 113 23.57 11.92 -14.83
CA ASP F 113 24.99 11.70 -15.16
C ASP F 113 25.58 12.88 -15.93
N ILE F 114 24.82 13.37 -16.89
CA ILE F 114 25.23 14.54 -17.64
C ILE F 114 25.28 15.77 -16.75
N LYS F 115 24.31 15.87 -15.85
CA LYS F 115 24.15 17.02 -15.00
C LYS F 115 25.28 17.14 -13.99
N LYS F 116 25.73 16.02 -13.49
CA LYS F 116 26.82 16.03 -12.54
C LYS F 116 28.10 16.50 -13.21
N GLN F 117 28.21 16.22 -14.49
CA GLN F 117 29.39 16.53 -15.24
C GLN F 117 29.47 18.03 -15.46
N ILE F 118 28.38 18.55 -16.01
CA ILE F 118 28.23 19.99 -16.15
C ILE F 118 28.57 20.71 -14.87
N PHE F 119 27.95 20.29 -13.79
CA PHE F 119 28.16 20.96 -12.52
C PHE F 119 29.59 20.85 -12.03
N ALA F 120 30.21 19.71 -12.29
CA ALA F 120 31.60 19.52 -11.90
C ALA F 120 32.53 20.38 -12.74
N ASP F 121 32.27 20.49 -14.04
CA ASP F 121 33.01 21.42 -14.89
C ASP F 121 32.87 22.86 -14.36
N LEU F 122 31.63 23.28 -14.10
CA LEU F 122 31.38 24.63 -13.63
C LEU F 122 32.06 24.94 -12.32
N ASP F 123 32.13 23.93 -11.46
CA ASP F 123 32.77 24.09 -10.18
C ASP F 123 34.27 24.43 -10.33
N ASN F 124 34.91 23.84 -11.33
CA ASN F 124 36.33 24.09 -11.60
C ASN F 124 36.56 25.40 -12.36
N ILE F 125 35.69 25.68 -13.32
CA ILE F 125 35.77 26.87 -14.15
C ILE F 125 35.54 28.18 -13.38
N CYS F 126 34.50 28.21 -12.57
CA CYS F 126 33.99 29.47 -12.07
C CYS F 126 34.69 29.91 -10.83
N LYS F 127 34.61 31.21 -10.60
CA LYS F 127 35.16 31.78 -9.40
C LYS F 127 34.44 31.17 -8.19
N PRO F 128 35.04 31.30 -6.99
CA PRO F 128 34.48 30.63 -5.82
C PRO F 128 33.08 31.11 -5.43
N GLU F 129 32.79 32.35 -5.79
CA GLU F 129 31.55 33.02 -5.43
C GLU F 129 30.38 32.60 -6.30
N THR F 130 30.63 32.11 -7.50
CA THR F 130 29.52 31.80 -8.38
C THR F 130 28.58 30.79 -7.74
N ILE F 131 27.29 31.05 -7.87
CA ILE F 131 26.28 30.13 -7.43
C ILE F 131 25.82 29.35 -8.63
N LEU F 132 25.67 28.04 -8.44
CA LEU F 132 25.28 27.12 -9.49
C LEU F 132 23.90 26.54 -9.20
N ALA F 133 22.98 26.81 -10.14
CA ALA F 133 21.59 26.43 -9.96
C ALA F 133 21.09 25.52 -11.06
N SER F 134 20.15 24.65 -10.71
CA SER F 134 19.49 23.82 -11.68
C SER F 134 18.02 24.16 -11.72
N ASN F 135 17.44 24.05 -12.90
CA ASN F 135 16.03 24.28 -13.13
C ASN F 135 15.28 22.95 -13.12
N THR F 136 15.95 21.89 -12.71
CA THR F 136 15.41 20.55 -12.75
C THR F 136 14.15 20.50 -11.95
N SER F 137 13.19 19.78 -12.46
CA SER F 137 11.99 19.55 -11.70
C SER F 137 12.01 18.19 -11.04
N SER F 138 12.95 17.31 -11.39
CA SER F 138 12.88 15.90 -10.98
C SER F 138 14.13 15.27 -10.36
N LEU F 139 15.31 15.83 -10.57
CA LEU F 139 16.54 15.26 -9.98
C LEU F 139 16.92 15.92 -8.65
N SER F 140 17.61 15.16 -7.80
CA SER F 140 18.04 15.69 -6.53
C SER F 140 19.13 16.75 -6.68
N ILE F 141 18.82 17.93 -6.18
CA ILE F 141 19.74 19.03 -6.04
C ILE F 141 20.93 18.64 -5.16
N THR F 142 20.63 17.90 -4.11
CA THR F 142 21.62 17.55 -3.13
C THR F 142 22.62 16.58 -3.74
N GLU F 143 22.12 15.67 -4.58
CA GLU F 143 22.97 14.68 -5.19
C GLU F 143 23.90 15.38 -6.19
N VAL F 144 23.33 16.30 -6.96
CA VAL F 144 24.10 17.12 -7.90
C VAL F 144 25.15 17.96 -7.18
N ALA F 145 24.81 18.49 -6.02
CA ALA F 145 25.74 19.31 -5.29
C ALA F 145 26.94 18.49 -4.84
N SER F 146 26.72 17.22 -4.57
CA SER F 146 27.80 16.31 -4.17
C SER F 146 28.86 16.04 -5.22
N ALA F 147 28.58 16.38 -6.47
CA ALA F 147 29.57 16.32 -7.51
C ALA F 147 30.42 17.59 -7.65
N THR F 148 30.33 18.50 -6.68
CA THR F 148 31.10 19.73 -6.71
C THR F 148 31.76 19.87 -5.37
N LYS F 149 32.71 20.78 -5.29
CA LYS F 149 33.38 21.07 -4.02
C LYS F 149 32.77 22.31 -3.39
N ARG F 150 31.64 22.77 -3.93
CA ARG F 150 30.92 23.92 -3.39
C ARG F 150 29.41 23.65 -3.20
N PRO F 151 29.06 22.59 -2.46
CA PRO F 151 27.65 22.27 -2.29
C PRO F 151 26.82 23.36 -1.62
N ASP F 152 27.43 24.11 -0.72
CA ASP F 152 26.78 25.27 -0.09
C ASP F 152 26.32 26.30 -1.11
N LYS F 153 26.88 26.23 -2.31
CA LYS F 153 26.55 27.19 -3.34
C LYS F 153 25.73 26.58 -4.45
N VAL F 154 25.20 25.40 -4.21
CA VAL F 154 24.36 24.75 -5.20
C VAL F 154 22.92 24.84 -4.80
N ILE F 155 22.07 25.06 -5.78
CA ILE F 155 20.70 25.32 -5.47
C ILE F 155 19.80 25.03 -6.65
N GLY F 156 18.52 24.86 -6.35
CA GLY F 156 17.49 24.68 -7.36
C GLY F 156 16.83 26.02 -7.63
N MET F 157 16.63 26.32 -8.89
CA MET F 157 15.87 27.46 -9.27
C MET F 157 14.85 26.99 -10.29
N HIS F 158 13.66 26.69 -9.80
CA HIS F 158 12.66 26.07 -10.64
C HIS F 158 11.70 27.08 -11.17
N PHE F 159 11.73 27.26 -12.49
CA PHE F 159 10.93 28.22 -13.17
C PHE F 159 9.75 27.54 -13.78
N PHE F 160 8.75 28.32 -14.16
CA PHE F 160 7.56 27.77 -14.80
C PHE F 160 7.37 28.29 -16.22
N ASN F 161 7.13 27.35 -17.11
CA ASN F 161 6.89 27.67 -18.49
C ASN F 161 5.63 28.53 -18.61
N PRO F 162 5.68 29.63 -19.38
CA PRO F 162 6.88 30.25 -19.98
C PRO F 162 7.59 31.16 -19.01
N ALA F 163 8.90 31.00 -18.89
CA ALA F 163 9.68 31.67 -17.85
C ALA F 163 9.66 33.20 -17.89
N PRO F 164 9.61 33.80 -19.09
CA PRO F 164 9.48 35.28 -19.13
C PRO F 164 8.21 35.86 -18.50
N VAL F 165 7.18 35.05 -18.35
CA VAL F 165 5.88 35.53 -17.92
C VAL F 165 5.44 34.99 -16.57
N MET F 166 5.73 33.73 -16.29
CA MET F 166 5.34 33.13 -15.02
C MET F 166 6.18 33.70 -13.88
N LYS F 167 5.52 34.27 -12.90
CA LYS F 167 6.19 34.93 -11.81
C LYS F 167 6.84 34.01 -10.78
N LEU F 168 6.35 32.80 -10.63
CA LEU F 168 6.83 31.94 -9.58
C LEU F 168 8.15 31.28 -9.91
N VAL F 169 9.00 31.19 -8.92
CA VAL F 169 10.16 30.35 -9.02
C VAL F 169 10.23 29.60 -7.70
N GLU F 170 10.37 28.28 -7.78
CA GLU F 170 10.53 27.51 -6.59
C GLU F 170 12.00 27.42 -6.33
N VAL F 171 12.42 27.87 -5.16
CA VAL F 171 13.82 27.85 -4.84
C VAL F 171 14.11 26.69 -3.93
N ILE F 172 14.83 25.73 -4.46
CA ILE F 172 14.99 24.45 -3.82
C ILE F 172 16.31 24.34 -3.12
N ARG F 173 16.28 24.31 -1.81
CA ARG F 173 17.48 24.15 -1.05
C ARG F 173 17.81 22.68 -0.87
N GLY F 174 19.00 22.31 -1.34
CA GLY F 174 19.58 21.02 -1.03
C GLY F 174 19.91 21.06 0.43
N ILE F 175 20.28 19.92 1.00
CA ILE F 175 20.47 19.86 2.44
C ILE F 175 21.69 20.66 2.90
N ALA F 176 22.63 20.86 1.99
CA ALA F 176 23.84 21.62 2.27
C ALA F 176 23.81 23.04 1.74
N THR F 177 22.70 23.44 1.11
CA THR F 177 22.58 24.79 0.54
C THR F 177 22.62 25.83 1.66
N SER F 178 23.49 26.83 1.53
CA SER F 178 23.67 27.80 2.61
C SER F 178 22.58 28.86 2.60
N GLN F 179 22.37 29.46 3.75
CA GLN F 179 21.45 30.57 3.89
C GLN F 179 21.82 31.74 2.98
N GLU F 180 23.11 31.99 2.87
CA GLU F 180 23.61 33.11 2.06
C GLU F 180 23.31 32.87 0.61
N THR F 181 23.49 31.62 0.16
CA THR F 181 23.22 31.29 -1.21
C THR F 181 21.74 31.43 -1.52
N PHE F 182 20.93 30.96 -0.57
CA PHE F 182 19.50 31.07 -0.72
C PHE F 182 19.10 32.55 -0.77
N ASP F 183 19.62 33.34 0.17
CA ASP F 183 19.32 34.77 0.24
C ASP F 183 19.67 35.51 -1.03
N ALA F 184 20.77 35.09 -1.64
CA ALA F 184 21.20 35.74 -2.88
C ALA F 184 20.29 35.38 -4.04
N VAL F 185 19.88 34.12 -4.10
CA VAL F 185 18.95 33.66 -5.14
C VAL F 185 17.58 34.30 -5.00
N LYS F 186 17.15 34.47 -3.75
CA LYS F 186 15.86 35.12 -3.49
C LYS F 186 15.85 36.58 -3.93
N GLU F 187 16.86 37.31 -3.52
CA GLU F 187 17.07 38.70 -3.95
C GLU F 187 17.04 38.88 -5.46
N THR F 188 17.79 38.04 -6.14
CA THR F 188 17.93 38.17 -7.57
C THR F 188 16.62 37.81 -8.21
N SER F 189 15.92 36.85 -7.62
CA SER F 189 14.63 36.43 -8.11
C SER F 189 13.65 37.61 -8.08
N ILE F 190 13.57 38.24 -6.92
CA ILE F 190 12.74 39.40 -6.77
C ILE F 190 13.14 40.49 -7.73
N ALA F 191 14.44 40.69 -7.90
CA ALA F 191 14.96 41.72 -8.79
C ALA F 191 14.52 41.56 -10.24
N ILE F 192 14.37 40.34 -10.71
CA ILE F 192 13.88 40.11 -12.07
C ILE F 192 12.34 39.97 -12.10
N GLY F 193 11.67 40.47 -11.07
CA GLY F 193 10.21 40.51 -11.06
C GLY F 193 9.52 39.21 -10.71
N LYS F 194 10.25 38.25 -10.18
CA LYS F 194 9.65 37.00 -9.82
C LYS F 194 9.31 36.97 -8.36
N ASP F 195 8.53 35.96 -8.01
CA ASP F 195 8.05 35.74 -6.66
C ASP F 195 8.50 34.39 -6.16
N PRO F 196 9.62 34.35 -5.43
CA PRO F 196 10.21 33.09 -5.03
C PRO F 196 9.65 32.52 -3.75
N VAL F 197 9.59 31.19 -3.71
CA VAL F 197 9.19 30.48 -2.50
C VAL F 197 10.33 29.57 -2.05
N GLU F 198 10.45 29.37 -0.75
CA GLU F 198 11.51 28.54 -0.22
C GLU F 198 11.05 27.10 -0.04
N VAL F 199 11.76 26.20 -0.71
CA VAL F 199 11.41 24.81 -0.71
C VAL F 199 12.62 23.97 -0.33
N ALA F 200 12.50 23.27 0.79
CA ALA F 200 13.45 22.23 1.12
C ALA F 200 13.26 21.08 0.15
N GLU F 201 14.35 20.55 -0.38
CA GLU F 201 14.27 19.48 -1.37
C GLU F 201 13.40 18.30 -0.96
N ALA F 202 12.40 18.05 -1.78
CA ALA F 202 11.55 16.90 -1.66
C ALA F 202 10.92 16.63 -3.02
N PRO F 203 10.53 15.38 -3.27
CA PRO F 203 10.08 14.98 -4.58
C PRO F 203 8.89 15.80 -5.03
N GLY F 204 8.98 16.38 -6.22
CA GLY F 204 7.91 17.21 -6.76
C GLY F 204 7.80 18.62 -6.18
N PHE F 205 8.69 18.97 -5.25
CA PHE F 205 8.67 20.26 -4.58
C PHE F 205 7.29 20.57 -4.04
N VAL F 206 6.71 21.71 -4.43
CA VAL F 206 5.36 22.00 -4.01
C VAL F 206 4.37 21.81 -5.16
N VAL F 207 4.59 22.50 -6.25
CA VAL F 207 3.56 22.61 -7.26
C VAL F 207 3.21 21.30 -7.94
N ASN F 208 4.23 20.57 -8.39
CA ASN F 208 4.02 19.32 -9.12
C ASN F 208 3.52 18.20 -8.22
N ARG F 209 4.03 18.23 -7.00
CA ARG F 209 3.61 17.36 -5.92
C ARG F 209 2.09 17.34 -5.70
N ILE F 210 1.50 18.52 -5.77
CA ILE F 210 0.07 18.66 -5.59
C ILE F 210 -0.67 18.54 -6.88
N LEU F 211 -0.12 19.10 -7.95
CA LEU F 211 -0.87 19.28 -9.19
C LEU F 211 -0.92 18.04 -10.06
N ILE F 212 0.18 17.34 -10.15
CA ILE F 212 0.20 16.20 -11.02
C ILE F 212 -0.62 15.02 -10.48
N PRO F 213 -0.58 14.73 -9.17
CA PRO F 213 -1.52 13.70 -8.68
C PRO F 213 -2.99 14.03 -8.90
N MET F 214 -3.32 15.32 -8.93
CA MET F 214 -4.68 15.75 -9.29
C MET F 214 -5.06 15.26 -10.66
N ILE F 215 -4.16 15.43 -11.60
CA ILE F 215 -4.39 14.97 -12.95
C ILE F 215 -4.52 13.44 -13.00
N ASN F 216 -3.71 12.76 -12.21
CA ASN F 216 -3.66 11.32 -12.19
C ASN F 216 -4.96 10.74 -11.58
N GLU F 217 -5.49 11.42 -10.59
CA GLU F 217 -6.77 11.09 -9.99
C GLU F 217 -7.88 11.20 -11.03
N ALA F 218 -7.82 12.23 -11.85
CA ALA F 218 -8.81 12.42 -12.86
C ALA F 218 -8.73 11.37 -13.94
N VAL F 219 -7.55 10.84 -14.24
CA VAL F 219 -7.55 9.79 -15.25
C VAL F 219 -8.14 8.51 -14.66
N GLY F 220 -8.01 8.35 -13.34
CA GLY F 220 -8.57 7.21 -12.64
C GLY F 220 -10.09 7.24 -12.58
N ILE F 221 -10.62 8.43 -12.41
CA ILE F 221 -12.04 8.62 -12.51
C ILE F 221 -12.56 8.29 -13.90
N LEU F 222 -11.84 8.72 -14.92
CA LEU F 222 -12.26 8.51 -16.29
C LEU F 222 -12.15 7.04 -16.64
N ALA F 223 -11.08 6.40 -16.17
CA ALA F 223 -10.83 4.99 -16.42
C ALA F 223 -11.90 4.06 -15.85
N GLU F 224 -12.57 4.50 -14.79
CA GLU F 224 -13.59 3.67 -14.16
C GLU F 224 -15.01 4.01 -14.62
N GLY F 225 -15.12 4.86 -15.63
CA GLY F 225 -16.41 5.18 -16.23
C GLY F 225 -17.22 6.07 -15.33
N ILE F 226 -16.60 6.66 -14.31
CA ILE F 226 -17.34 7.47 -13.36
C ILE F 226 -17.92 8.72 -14.04
N ALA F 227 -17.12 9.36 -14.89
CA ALA F 227 -17.55 10.55 -15.60
C ALA F 227 -16.78 10.61 -16.89
N SER F 228 -17.25 11.43 -17.82
CA SER F 228 -16.55 11.58 -19.10
C SER F 228 -15.47 12.64 -18.95
N VAL F 229 -14.62 12.79 -19.96
CA VAL F 229 -13.54 13.78 -19.82
C VAL F 229 -14.11 15.18 -19.72
N GLU F 230 -15.11 15.46 -20.54
CA GLU F 230 -15.71 16.80 -20.59
C GLU F 230 -16.35 17.12 -19.27
N ASP F 231 -16.93 16.11 -18.65
CA ASP F 231 -17.63 16.33 -17.39
C ASP F 231 -16.68 16.42 -16.24
N ILE F 232 -15.60 15.65 -16.32
CA ILE F 232 -14.60 15.73 -15.29
C ILE F 232 -14.03 17.14 -15.25
N ASP F 233 -13.70 17.66 -16.41
CA ASP F 233 -13.12 19.00 -16.50
C ASP F 233 -14.13 20.08 -16.20
N LYS F 234 -15.35 19.89 -16.68
CA LYS F 234 -16.39 20.87 -16.37
C LYS F 234 -16.57 20.99 -14.87
N ALA F 235 -16.60 19.86 -14.18
CA ALA F 235 -16.84 19.88 -12.75
C ALA F 235 -15.72 20.54 -11.97
N MET F 236 -14.48 20.36 -12.39
CA MET F 236 -13.38 20.99 -11.69
C MET F 236 -13.36 22.49 -11.94
N LYS F 237 -13.74 22.93 -13.13
CA LYS F 237 -13.76 24.36 -13.43
C LYS F 237 -14.84 25.07 -12.70
N LEU F 238 -16.04 24.51 -12.79
CA LEU F 238 -17.19 25.07 -12.08
C LEU F 238 -17.16 24.78 -10.61
N GLY F 239 -16.67 23.62 -10.22
CA GLY F 239 -16.78 23.21 -8.83
C GLY F 239 -15.68 23.74 -7.95
N ALA F 240 -14.49 23.85 -8.50
CA ALA F 240 -13.35 24.33 -7.72
C ALA F 240 -12.86 25.64 -8.23
N ASN F 241 -13.53 26.15 -9.26
CA ASN F 241 -13.18 27.43 -9.80
C ASN F 241 -11.77 27.40 -10.42
N HIS F 242 -11.45 26.26 -11.02
CA HIS F 242 -10.21 26.11 -11.72
C HIS F 242 -10.38 26.64 -13.13
N PRO F 243 -9.32 27.23 -13.65
CA PRO F 243 -9.32 27.86 -14.95
C PRO F 243 -9.21 26.85 -16.08
N MET F 244 -8.69 25.67 -15.78
CA MET F 244 -8.67 24.54 -16.70
C MET F 244 -9.00 23.28 -15.93
N GLY F 245 -9.66 22.35 -16.59
CA GLY F 245 -9.87 21.07 -15.96
C GLY F 245 -8.61 20.24 -16.05
N PRO F 246 -8.51 19.21 -15.22
CA PRO F 246 -7.27 18.49 -15.07
C PRO F 246 -6.86 17.70 -16.28
N LEU F 247 -7.79 17.25 -17.10
CA LEU F 247 -7.39 16.44 -18.23
C LEU F 247 -6.91 17.30 -19.38
N GLU F 248 -7.58 18.43 -19.54
CA GLU F 248 -7.15 19.50 -20.40
C GLU F 248 -5.75 19.98 -20.04
N LEU F 249 -5.54 20.13 -18.75
CA LEU F 249 -4.30 20.57 -18.18
C LEU F 249 -3.20 19.56 -18.43
N GLY F 250 -3.51 18.30 -18.17
CA GLY F 250 -2.64 17.18 -18.56
C GLY F 250 -2.21 17.31 -20.01
N ASP F 251 -3.17 17.53 -20.90
CA ASP F 251 -2.92 17.65 -22.33
C ASP F 251 -2.02 18.85 -22.64
N PHE F 252 -2.24 19.92 -21.90
CA PHE F 252 -1.46 21.11 -22.06
C PHE F 252 0.01 20.92 -21.61
N ILE F 253 0.19 20.35 -20.44
CA ILE F 253 1.53 20.11 -19.95
C ILE F 253 2.28 19.07 -20.76
N GLY F 254 1.56 18.12 -21.32
CA GLY F 254 2.16 16.93 -21.92
C GLY F 254 1.95 15.69 -21.04
N LEU F 255 1.24 14.71 -21.56
CA LEU F 255 0.96 13.55 -20.75
C LEU F 255 2.23 12.82 -20.35
N ASP F 256 3.21 12.81 -21.25
CA ASP F 256 4.52 12.20 -20.93
C ASP F 256 5.26 12.89 -19.80
N ILE F 257 5.16 14.22 -19.72
CA ILE F 257 5.69 14.98 -18.58
C ILE F 257 4.96 14.58 -17.29
N CYS F 258 3.64 14.51 -17.39
CA CYS F 258 2.83 14.14 -16.22
C CYS F 258 3.18 12.75 -15.74
N LEU F 259 3.25 11.80 -16.65
CA LEU F 259 3.66 10.47 -16.27
C LEU F 259 5.08 10.48 -15.66
N ALA F 260 5.99 11.25 -16.24
CA ALA F 260 7.37 11.17 -15.75
C ALA F 260 7.46 11.73 -14.34
N ILE F 261 6.63 12.72 -14.01
CA ILE F 261 6.57 13.26 -12.66
C ILE F 261 5.98 12.26 -11.65
N MET F 262 4.93 11.53 -12.00
CA MET F 262 4.39 10.48 -11.10
C MET F 262 5.42 9.39 -10.87
N ASP F 263 6.04 8.92 -11.96
CA ASP F 263 7.13 7.95 -11.85
C ASP F 263 8.13 8.38 -10.81
N VAL F 264 8.52 9.64 -10.87
CA VAL F 264 9.47 10.18 -9.91
C VAL F 264 8.91 10.26 -8.53
N LEU F 265 7.70 10.76 -8.40
CA LEU F 265 7.07 10.79 -7.09
C LEU F 265 6.99 9.41 -6.46
N TYR F 266 6.66 8.42 -7.26
CA TYR F 266 6.53 7.05 -6.76
C TYR F 266 7.90 6.45 -6.44
N SER F 267 8.83 6.63 -7.36
CA SER F 267 10.21 6.18 -7.19
C SER F 267 10.90 6.67 -5.90
N GLU F 268 10.76 7.96 -5.63
CA GLU F 268 11.38 8.56 -4.45
C GLU F 268 10.73 8.21 -3.14
N THR F 269 9.40 8.30 -3.09
CA THR F 269 8.70 8.12 -1.83
C THR F 269 8.59 6.67 -1.52
N GLY F 270 8.57 5.85 -2.58
CA GLY F 270 8.24 4.44 -2.48
C GLY F 270 6.81 4.17 -2.02
N ASP F 271 5.97 5.18 -2.10
CA ASP F 271 4.62 5.06 -1.63
C ASP F 271 3.69 4.88 -2.82
N SER F 272 2.96 3.76 -2.83
CA SER F 272 2.01 3.42 -3.89
C SER F 272 0.90 4.46 -4.06
N LYS F 273 0.78 5.33 -3.08
CA LYS F 273 -0.09 6.47 -3.19
C LYS F 273 0.13 7.27 -4.49
N TYR F 274 1.36 7.30 -4.96
CA TYR F 274 1.68 8.10 -6.13
C TYR F 274 1.87 7.28 -7.37
N ARG F 275 1.42 6.04 -7.37
CA ARG F 275 1.56 5.23 -8.57
C ARG F 275 0.77 5.86 -9.70
N PRO F 276 1.37 5.94 -10.88
CA PRO F 276 0.68 6.44 -12.07
C PRO F 276 -0.38 5.50 -12.59
N HIS F 277 -1.49 6.06 -13.02
CA HIS F 277 -2.57 5.26 -13.46
C HIS F 277 -2.22 4.56 -14.75
N THR F 278 -2.67 3.34 -14.79
CA THR F 278 -2.49 2.41 -15.87
C THR F 278 -2.90 2.97 -17.24
N LEU F 279 -3.96 3.76 -17.24
CA LEU F 279 -4.47 4.34 -18.47
C LEU F 279 -3.63 5.54 -18.92
N LEU F 280 -2.93 6.20 -18.00
CA LEU F 280 -2.06 7.31 -18.38
C LEU F 280 -0.89 6.71 -19.12
N LYS F 281 -0.33 5.65 -18.56
CA LYS F 281 0.69 4.88 -19.28
C LYS F 281 0.30 4.52 -20.69
N LYS F 282 -0.94 4.12 -20.86
CA LYS F 282 -1.37 3.68 -22.16
C LYS F 282 -1.48 4.83 -23.16
N TYR F 283 -2.03 5.97 -22.75
CA TYR F 283 -2.05 7.13 -23.64
C TYR F 283 -0.64 7.51 -24.12
N VAL F 284 0.28 7.58 -23.18
CA VAL F 284 1.65 7.97 -23.47
C VAL F 284 2.27 6.98 -24.44
N ARG F 285 2.15 5.71 -24.15
CA ARG F 285 2.62 4.69 -25.07
C ARG F 285 2.05 4.81 -26.50
N ALA F 286 0.87 5.38 -26.62
CA ALA F 286 0.25 5.54 -27.93
C ALA F 286 0.86 6.68 -28.70
N GLY F 287 1.58 7.54 -27.99
CA GLY F 287 2.01 8.81 -28.54
C GLY F 287 0.94 9.87 -28.46
N TRP F 288 -0.13 9.65 -27.67
CA TRP F 288 -1.17 10.65 -27.50
C TRP F 288 -0.85 11.53 -26.31
N LEU F 289 0.00 12.50 -26.53
CA LEU F 289 0.59 13.23 -25.44
C LEU F 289 -0.12 14.50 -25.11
N GLY F 290 -1.12 14.86 -25.89
CA GLY F 290 -1.89 16.05 -25.59
C GLY F 290 -1.78 17.04 -26.74
N ARG F 291 -1.90 18.32 -26.42
CA ARG F 291 -1.85 19.41 -27.41
C ARG F 291 -0.73 19.29 -28.42
N LYS F 292 0.46 19.05 -27.92
CA LYS F 292 1.65 19.03 -28.77
C LYS F 292 1.71 17.86 -29.75
N SER F 293 0.90 16.83 -29.57
CA SER F 293 0.88 15.78 -30.59
C SER F 293 -0.45 15.73 -31.31
N GLY F 294 -1.26 16.77 -31.12
CA GLY F 294 -2.58 16.85 -31.73
C GLY F 294 -3.60 15.96 -31.03
N LYS F 295 -3.20 15.29 -29.96
CA LYS F 295 -4.12 14.36 -29.31
C LYS F 295 -3.66 13.84 -27.95
N GLY F 296 -4.56 13.96 -26.98
CA GLY F 296 -4.44 13.22 -25.72
C GLY F 296 -5.85 12.82 -25.32
N PHE F 297 -6.26 13.26 -24.14
CA PHE F 297 -7.64 13.08 -23.72
C PHE F 297 -8.61 13.84 -24.59
N TYR F 298 -8.17 14.95 -25.18
CA TYR F 298 -8.97 15.59 -26.22
C TYR F 298 -8.26 15.44 -27.53
N ASP F 299 -9.04 15.57 -28.60
CA ASP F 299 -8.49 15.57 -29.92
C ASP F 299 -8.32 17.01 -30.32
N TYR F 300 -7.11 17.38 -30.76
CA TYR F 300 -6.81 18.77 -31.17
C TYR F 300 -6.68 18.89 -32.68
N SER F 301 -7.33 19.90 -33.25
CA SER F 301 -7.46 19.97 -34.70
C SER F 301 -7.92 21.36 -35.14
#